data_7ZW9
# 
_entry.id   7ZW9 
# 
_audit_conform.dict_name       mmcif_pdbx.dic 
_audit_conform.dict_version    5.384 
_audit_conform.dict_location   http://mmcif.pdb.org/dictionaries/ascii/mmcif_pdbx.dic 
# 
loop_
_database_2.database_id 
_database_2.database_code 
_database_2.pdbx_database_accession 
_database_2.pdbx_DOI 
PDB   7ZW9         pdb_00007zw9 10.2210/pdb7zw9/pdb 
WWPDB D_1292123126 ?            ?                   
# 
loop_
_pdbx_audit_revision_history.ordinal 
_pdbx_audit_revision_history.data_content_type 
_pdbx_audit_revision_history.major_revision 
_pdbx_audit_revision_history.minor_revision 
_pdbx_audit_revision_history.revision_date 
1 'Structure model' 1 0 2022-09-07 
2 'Structure model' 1 1 2024-01-31 
# 
_pdbx_audit_revision_details.ordinal             1 
_pdbx_audit_revision_details.revision_ordinal    1 
_pdbx_audit_revision_details.data_content_type   'Structure model' 
_pdbx_audit_revision_details.provider            repository 
_pdbx_audit_revision_details.type                'Initial release' 
_pdbx_audit_revision_details.description         ? 
_pdbx_audit_revision_details.details             ? 
# 
loop_
_pdbx_audit_revision_group.ordinal 
_pdbx_audit_revision_group.revision_ordinal 
_pdbx_audit_revision_group.data_content_type 
_pdbx_audit_revision_group.group 
1 2 'Structure model' 'Data collection'        
2 2 'Structure model' 'Refinement description' 
# 
loop_
_pdbx_audit_revision_category.ordinal 
_pdbx_audit_revision_category.revision_ordinal 
_pdbx_audit_revision_category.data_content_type 
_pdbx_audit_revision_category.category 
1 2 'Structure model' chem_comp_atom                
2 2 'Structure model' chem_comp_bond                
3 2 'Structure model' pdbx_initial_refinement_model 
# 
_pdbx_database_status.status_code                     REL 
_pdbx_database_status.status_code_sf                  REL 
_pdbx_database_status.status_code_mr                  ? 
_pdbx_database_status.entry_id                        7ZW9 
_pdbx_database_status.recvd_initial_deposition_date   2022-05-19 
_pdbx_database_status.SG_entry                        N 
_pdbx_database_status.deposit_site                    PDBE 
_pdbx_database_status.process_site                    PDBE 
_pdbx_database_status.status_code_cs                  ? 
_pdbx_database_status.status_code_nmr_data            ? 
_pdbx_database_status.methods_development_category    ? 
_pdbx_database_status.pdb_format_compatible           Y 
# 
_pdbx_contact_author.id                 2 
_pdbx_contact_author.email              giuseppina.desimone@cnr.it 
_pdbx_contact_author.name_first         Giuseppina 
_pdbx_contact_author.name_last          'De Simone' 
_pdbx_contact_author.name_mi            ? 
_pdbx_contact_author.role               'principal investigator/group leader' 
_pdbx_contact_author.identifier_ORCID   0000-0001-9783-5431 
# 
loop_
_audit_author.name 
_audit_author.pdbx_ordinal 
_audit_author.identifier_ORCID 
'Di Fiore, A.'  1 ? 
'De Simone, G.' 2 ? 
# 
_citation.abstract                  ? 
_citation.abstract_id_CAS           ? 
_citation.book_id_ISBN              ? 
_citation.book_publisher            ? 
_citation.book_publisher_city       ? 
_citation.book_title                ? 
_citation.coordinate_linkage        ? 
_citation.country                   NE 
_citation.database_id_Medline       ? 
_citation.details                   ? 
_citation.id                        primary 
_citation.journal_abbrev            'Comput Struct Biotechnol J' 
_citation.journal_id_ASTM           ? 
_citation.journal_id_CSD            ? 
_citation.journal_id_ISSN           2001-0370 
_citation.journal_full              ? 
_citation.journal_issue             ? 
_citation.journal_volume            20 
_citation.language                  ? 
_citation.page_first                4185 
_citation.page_last                 4194 
_citation.title                     
;Biochemical, structural, and computational studies of a gamma-carbonic anhydrase from the pathogenic bacterium Burkholderia pseudomallei.
;
_citation.year                      2022 
_citation.database_id_CSD           ? 
_citation.pdbx_database_id_DOI      10.1016/j.csbj.2022.07.033 
_citation.pdbx_database_id_PubMed   36016712 
_citation.pdbx_database_id_patent   ? 
_citation.unpublished_flag          ? 
# 
loop_
_citation_author.citation_id 
_citation_author.name 
_citation_author.ordinal 
_citation_author.identifier_ORCID 
primary 'Di Fiore, A.'    1 ? 
primary 'De Luca, V.'     2 ? 
primary 'Langella, E.'    3 ? 
primary 'Nocentini, A.'   4 ? 
primary 'Buonanno, M.'    5 ? 
primary 'Maria Monti, S.' 6 ? 
primary 'Supuran, C.T.'   7 ? 
primary 'Capasso, C.'     8 ? 
primary 'De Simone, G.'   9 ? 
# 
loop_
_entity.id 
_entity.type 
_entity.src_method 
_entity.pdbx_description 
_entity.formula_weight 
_entity.pdbx_number_of_molecules 
_entity.pdbx_ec 
_entity.pdbx_mutation 
_entity.pdbx_fragment 
_entity.details 
1 polymer     man 'Bacterial transferase hexapeptide family protein' 22477.551 1  ? ? ? ? 
2 non-polymer syn 'ZINC ION'                                         65.409    1  ? ? ? ? 
3 non-polymer syn BETA-MERCAPTOETHANOL                               78.133    1  ? ? ? ? 
4 water       nat water                                              18.015    61 ? ? ? ? 
# 
_entity_name_com.entity_id   1 
_entity_name_com.name        'Gamma carbonic anhydrase family protein,Hexapeptide repeat-containing transferase' 
# 
_entity_poly.entity_id                      1 
_entity_poly.type                           'polypeptide(L)' 
_entity_poly.nstd_linkage                   no 
_entity_poly.nstd_monomer                   no 
_entity_poly.pdbx_seq_one_letter_code       
;MRGSHHHHHHGMASMTGGQQMGRDLYDDDDKDHPFTMTIYKLGENAPSIHESVFVADSATIVGKVVLEENASVWFGATIR
GDNEPITVGAGSNVQEGAVLHTDPGCPLTIAPNVTVGHQAMLHGCTIGEGSLIGIQAVILNRAVIGRNCLVGAGAVITEG
KAFPDNSLILGAPAKVVRTLSDEDIARMHMNTKSYAMRRAYFKEQLVRIG
;
_entity_poly.pdbx_seq_one_letter_code_can   
;MRGSHHHHHHGMASMTGGQQMGRDLYDDDDKDHPFTMTIYKLGENAPSIHESVFVADSATIVGKVVLEENASVWFGATIR
GDNEPITVGAGSNVQEGAVLHTDPGCPLTIAPNVTVGHQAMLHGCTIGEGSLIGIQAVILNRAVIGRNCLVGAGAVITEG
KAFPDNSLILGAPAKVVRTLSDEDIARMHMNTKSYAMRRAYFKEQLVRIG
;
_entity_poly.pdbx_strand_id                 A 
_entity_poly.pdbx_target_identifier         ? 
# 
loop_
_pdbx_entity_nonpoly.entity_id 
_pdbx_entity_nonpoly.name 
_pdbx_entity_nonpoly.comp_id 
2 'ZINC ION'           ZN  
3 BETA-MERCAPTOETHANOL BME 
4 water                HOH 
# 
loop_
_entity_poly_seq.entity_id 
_entity_poly_seq.num 
_entity_poly_seq.mon_id 
_entity_poly_seq.hetero 
1 1   MET n 
1 2   ARG n 
1 3   GLY n 
1 4   SER n 
1 5   HIS n 
1 6   HIS n 
1 7   HIS n 
1 8   HIS n 
1 9   HIS n 
1 10  HIS n 
1 11  GLY n 
1 12  MET n 
1 13  ALA n 
1 14  SER n 
1 15  MET n 
1 16  THR n 
1 17  GLY n 
1 18  GLY n 
1 19  GLN n 
1 20  GLN n 
1 21  MET n 
1 22  GLY n 
1 23  ARG n 
1 24  ASP n 
1 25  LEU n 
1 26  TYR n 
1 27  ASP n 
1 28  ASP n 
1 29  ASP n 
1 30  ASP n 
1 31  LYS n 
1 32  ASP n 
1 33  HIS n 
1 34  PRO n 
1 35  PHE n 
1 36  THR n 
1 37  MET n 
1 38  THR n 
1 39  ILE n 
1 40  TYR n 
1 41  LYS n 
1 42  LEU n 
1 43  GLY n 
1 44  GLU n 
1 45  ASN n 
1 46  ALA n 
1 47  PRO n 
1 48  SER n 
1 49  ILE n 
1 50  HIS n 
1 51  GLU n 
1 52  SER n 
1 53  VAL n 
1 54  PHE n 
1 55  VAL n 
1 56  ALA n 
1 57  ASP n 
1 58  SER n 
1 59  ALA n 
1 60  THR n 
1 61  ILE n 
1 62  VAL n 
1 63  GLY n 
1 64  LYS n 
1 65  VAL n 
1 66  VAL n 
1 67  LEU n 
1 68  GLU n 
1 69  GLU n 
1 70  ASN n 
1 71  ALA n 
1 72  SER n 
1 73  VAL n 
1 74  TRP n 
1 75  PHE n 
1 76  GLY n 
1 77  ALA n 
1 78  THR n 
1 79  ILE n 
1 80  ARG n 
1 81  GLY n 
1 82  ASP n 
1 83  ASN n 
1 84  GLU n 
1 85  PRO n 
1 86  ILE n 
1 87  THR n 
1 88  VAL n 
1 89  GLY n 
1 90  ALA n 
1 91  GLY n 
1 92  SER n 
1 93  ASN n 
1 94  VAL n 
1 95  GLN n 
1 96  GLU n 
1 97  GLY n 
1 98  ALA n 
1 99  VAL n 
1 100 LEU n 
1 101 HIS n 
1 102 THR n 
1 103 ASP n 
1 104 PRO n 
1 105 GLY n 
1 106 CYS n 
1 107 PRO n 
1 108 LEU n 
1 109 THR n 
1 110 ILE n 
1 111 ALA n 
1 112 PRO n 
1 113 ASN n 
1 114 VAL n 
1 115 THR n 
1 116 VAL n 
1 117 GLY n 
1 118 HIS n 
1 119 GLN n 
1 120 ALA n 
1 121 MET n 
1 122 LEU n 
1 123 HIS n 
1 124 GLY n 
1 125 CYS n 
1 126 THR n 
1 127 ILE n 
1 128 GLY n 
1 129 GLU n 
1 130 GLY n 
1 131 SER n 
1 132 LEU n 
1 133 ILE n 
1 134 GLY n 
1 135 ILE n 
1 136 GLN n 
1 137 ALA n 
1 138 VAL n 
1 139 ILE n 
1 140 LEU n 
1 141 ASN n 
1 142 ARG n 
1 143 ALA n 
1 144 VAL n 
1 145 ILE n 
1 146 GLY n 
1 147 ARG n 
1 148 ASN n 
1 149 CYS n 
1 150 LEU n 
1 151 VAL n 
1 152 GLY n 
1 153 ALA n 
1 154 GLY n 
1 155 ALA n 
1 156 VAL n 
1 157 ILE n 
1 158 THR n 
1 159 GLU n 
1 160 GLY n 
1 161 LYS n 
1 162 ALA n 
1 163 PHE n 
1 164 PRO n 
1 165 ASP n 
1 166 ASN n 
1 167 SER n 
1 168 LEU n 
1 169 ILE n 
1 170 LEU n 
1 171 GLY n 
1 172 ALA n 
1 173 PRO n 
1 174 ALA n 
1 175 LYS n 
1 176 VAL n 
1 177 VAL n 
1 178 ARG n 
1 179 THR n 
1 180 LEU n 
1 181 SER n 
1 182 ASP n 
1 183 GLU n 
1 184 ASP n 
1 185 ILE n 
1 186 ALA n 
1 187 ARG n 
1 188 MET n 
1 189 HIS n 
1 190 MET n 
1 191 ASN n 
1 192 THR n 
1 193 LYS n 
1 194 SER n 
1 195 TYR n 
1 196 ALA n 
1 197 MET n 
1 198 ARG n 
1 199 ARG n 
1 200 ALA n 
1 201 TYR n 
1 202 PHE n 
1 203 LYS n 
1 204 GLU n 
1 205 GLN n 
1 206 LEU n 
1 207 VAL n 
1 208 ARG n 
1 209 ILE n 
1 210 GLY n 
# 
_entity_src_gen.entity_id                          1 
_entity_src_gen.pdbx_src_id                        1 
_entity_src_gen.pdbx_alt_source_flag               sample 
_entity_src_gen.pdbx_seq_type                      'Biological sequence' 
_entity_src_gen.pdbx_beg_seq_num                   1 
_entity_src_gen.pdbx_end_seq_num                   210 
_entity_src_gen.gene_src_common_name               ? 
_entity_src_gen.gene_src_genus                     ? 
_entity_src_gen.pdbx_gene_src_gene                 
'yrdA, BOC38_15155, CXQ84_07800, DF122_29500, DP49_2200, ERS012318_04959, SAMEA1968934_03882, X994_171' 
_entity_src_gen.gene_src_species                   ? 
_entity_src_gen.gene_src_strain                    ? 
_entity_src_gen.gene_src_tissue                    ? 
_entity_src_gen.gene_src_tissue_fraction           ? 
_entity_src_gen.gene_src_details                   ? 
_entity_src_gen.pdbx_gene_src_fragment             ? 
_entity_src_gen.pdbx_gene_src_scientific_name      'Burkholderia pseudomallei' 
_entity_src_gen.pdbx_gene_src_ncbi_taxonomy_id     28450 
_entity_src_gen.pdbx_gene_src_variant              ? 
_entity_src_gen.pdbx_gene_src_cell_line            ? 
_entity_src_gen.pdbx_gene_src_atcc                 ? 
_entity_src_gen.pdbx_gene_src_organ                ? 
_entity_src_gen.pdbx_gene_src_organelle            ? 
_entity_src_gen.pdbx_gene_src_cell                 ? 
_entity_src_gen.pdbx_gene_src_cellular_location    ? 
_entity_src_gen.host_org_common_name               ? 
_entity_src_gen.pdbx_host_org_scientific_name      'Escherichia coli' 
_entity_src_gen.pdbx_host_org_ncbi_taxonomy_id     562 
_entity_src_gen.host_org_genus                     ? 
_entity_src_gen.pdbx_host_org_gene                 ? 
_entity_src_gen.pdbx_host_org_organ                ? 
_entity_src_gen.host_org_species                   ? 
_entity_src_gen.pdbx_host_org_tissue               ? 
_entity_src_gen.pdbx_host_org_tissue_fraction      ? 
_entity_src_gen.pdbx_host_org_strain               ? 
_entity_src_gen.pdbx_host_org_variant              ? 
_entity_src_gen.pdbx_host_org_cell_line            ? 
_entity_src_gen.pdbx_host_org_atcc                 ? 
_entity_src_gen.pdbx_host_org_culture_collection   ? 
_entity_src_gen.pdbx_host_org_cell                 ? 
_entity_src_gen.pdbx_host_org_organelle            ? 
_entity_src_gen.pdbx_host_org_cellular_location    ? 
_entity_src_gen.pdbx_host_org_vector_type          ? 
_entity_src_gen.pdbx_host_org_vector               ? 
_entity_src_gen.host_org_details                   ? 
_entity_src_gen.expression_system_id               ? 
_entity_src_gen.plasmid_name                       ? 
_entity_src_gen.plasmid_details                    ? 
_entity_src_gen.pdbx_description                   ? 
# 
loop_
_chem_comp.id 
_chem_comp.type 
_chem_comp.mon_nstd_flag 
_chem_comp.name 
_chem_comp.pdbx_synonyms 
_chem_comp.formula 
_chem_comp.formula_weight 
ALA 'L-peptide linking' y ALANINE              ? 'C3 H7 N O2'     89.093  
ARG 'L-peptide linking' y ARGININE             ? 'C6 H15 N4 O2 1' 175.209 
ASN 'L-peptide linking' y ASPARAGINE           ? 'C4 H8 N2 O3'    132.118 
ASP 'L-peptide linking' y 'ASPARTIC ACID'      ? 'C4 H7 N O4'     133.103 
BME non-polymer         . BETA-MERCAPTOETHANOL ? 'C2 H6 O S'      78.133  
CYS 'L-peptide linking' y CYSTEINE             ? 'C3 H7 N O2 S'   121.158 
GLN 'L-peptide linking' y GLUTAMINE            ? 'C5 H10 N2 O3'   146.144 
GLU 'L-peptide linking' y 'GLUTAMIC ACID'      ? 'C5 H9 N O4'     147.129 
GLY 'peptide linking'   y GLYCINE              ? 'C2 H5 N O2'     75.067  
HIS 'L-peptide linking' y HISTIDINE            ? 'C6 H10 N3 O2 1' 156.162 
HOH non-polymer         . WATER                ? 'H2 O'           18.015  
ILE 'L-peptide linking' y ISOLEUCINE           ? 'C6 H13 N O2'    131.173 
LEU 'L-peptide linking' y LEUCINE              ? 'C6 H13 N O2'    131.173 
LYS 'L-peptide linking' y LYSINE               ? 'C6 H15 N2 O2 1' 147.195 
MET 'L-peptide linking' y METHIONINE           ? 'C5 H11 N O2 S'  149.211 
PHE 'L-peptide linking' y PHENYLALANINE        ? 'C9 H11 N O2'    165.189 
PRO 'L-peptide linking' y PROLINE              ? 'C5 H9 N O2'     115.130 
SER 'L-peptide linking' y SERINE               ? 'C3 H7 N O3'     105.093 
THR 'L-peptide linking' y THREONINE            ? 'C4 H9 N O3'     119.119 
TRP 'L-peptide linking' y TRYPTOPHAN           ? 'C11 H12 N2 O2'  204.225 
TYR 'L-peptide linking' y TYROSINE             ? 'C9 H11 N O3'    181.189 
VAL 'L-peptide linking' y VALINE               ? 'C5 H11 N O2'    117.146 
ZN  non-polymer         . 'ZINC ION'           ? 'Zn 2'           65.409  
# 
loop_
_pdbx_poly_seq_scheme.asym_id 
_pdbx_poly_seq_scheme.entity_id 
_pdbx_poly_seq_scheme.seq_id 
_pdbx_poly_seq_scheme.mon_id 
_pdbx_poly_seq_scheme.ndb_seq_num 
_pdbx_poly_seq_scheme.pdb_seq_num 
_pdbx_poly_seq_scheme.auth_seq_num 
_pdbx_poly_seq_scheme.pdb_mon_id 
_pdbx_poly_seq_scheme.auth_mon_id 
_pdbx_poly_seq_scheme.pdb_strand_id 
_pdbx_poly_seq_scheme.pdb_ins_code 
_pdbx_poly_seq_scheme.hetero 
A 1 1   MET 1   -35 ?   ?   ?   A . n 
A 1 2   ARG 2   -34 ?   ?   ?   A . n 
A 1 3   GLY 3   -33 ?   ?   ?   A . n 
A 1 4   SER 4   -32 ?   ?   ?   A . n 
A 1 5   HIS 5   -31 ?   ?   ?   A . n 
A 1 6   HIS 6   -30 ?   ?   ?   A . n 
A 1 7   HIS 7   -29 ?   ?   ?   A . n 
A 1 8   HIS 8   -28 ?   ?   ?   A . n 
A 1 9   HIS 9   -27 ?   ?   ?   A . n 
A 1 10  HIS 10  -26 ?   ?   ?   A . n 
A 1 11  GLY 11  -25 ?   ?   ?   A . n 
A 1 12  MET 12  -24 ?   ?   ?   A . n 
A 1 13  ALA 13  -23 ?   ?   ?   A . n 
A 1 14  SER 14  -22 ?   ?   ?   A . n 
A 1 15  MET 15  -21 ?   ?   ?   A . n 
A 1 16  THR 16  -20 ?   ?   ?   A . n 
A 1 17  GLY 17  -19 ?   ?   ?   A . n 
A 1 18  GLY 18  -18 ?   ?   ?   A . n 
A 1 19  GLN 19  -17 ?   ?   ?   A . n 
A 1 20  GLN 20  -16 ?   ?   ?   A . n 
A 1 21  MET 21  -15 ?   ?   ?   A . n 
A 1 22  GLY 22  -14 ?   ?   ?   A . n 
A 1 23  ARG 23  -13 ?   ?   ?   A . n 
A 1 24  ASP 24  -12 ?   ?   ?   A . n 
A 1 25  LEU 25  -11 ?   ?   ?   A . n 
A 1 26  TYR 26  -10 ?   ?   ?   A . n 
A 1 27  ASP 27  -9  ?   ?   ?   A . n 
A 1 28  ASP 28  -8  ?   ?   ?   A . n 
A 1 29  ASP 29  -7  ?   ?   ?   A . n 
A 1 30  ASP 30  -6  ?   ?   ?   A . n 
A 1 31  LYS 31  -5  ?   ?   ?   A . n 
A 1 32  ASP 32  -4  ?   ?   ?   A . n 
A 1 33  HIS 33  -3  ?   ?   ?   A . n 
A 1 34  PRO 34  -2  ?   ?   ?   A . n 
A 1 35  PHE 35  -1  ?   ?   ?   A . n 
A 1 36  THR 36  0   ?   ?   ?   A . n 
A 1 37  MET 37  1   1   MET MET A . n 
A 1 38  THR 38  2   2   THR THR A . n 
A 1 39  ILE 39  3   3   ILE ILE A . n 
A 1 40  TYR 40  4   4   TYR TYR A . n 
A 1 41  LYS 41  5   5   LYS LYS A . n 
A 1 42  LEU 42  6   6   LEU LEU A . n 
A 1 43  GLY 43  7   7   GLY GLY A . n 
A 1 44  GLU 44  8   8   GLU GLU A . n 
A 1 45  ASN 45  9   9   ASN ASN A . n 
A 1 46  ALA 46  10  10  ALA ALA A . n 
A 1 47  PRO 47  11  11  PRO PRO A . n 
A 1 48  SER 48  12  12  SER SER A . n 
A 1 49  ILE 49  13  13  ILE ILE A . n 
A 1 50  HIS 50  14  14  HIS HIS A . n 
A 1 51  GLU 51  15  15  GLU GLU A . n 
A 1 52  SER 52  16  16  SER SER A . n 
A 1 53  VAL 53  17  17  VAL VAL A . n 
A 1 54  PHE 54  18  18  PHE PHE A . n 
A 1 55  VAL 55  19  19  VAL VAL A . n 
A 1 56  ALA 56  20  20  ALA ALA A . n 
A 1 57  ASP 57  21  21  ASP ASP A . n 
A 1 58  SER 58  22  22  SER SER A . n 
A 1 59  ALA 59  23  23  ALA ALA A . n 
A 1 60  THR 60  24  24  THR THR A . n 
A 1 61  ILE 61  25  25  ILE ILE A . n 
A 1 62  VAL 62  26  26  VAL VAL A . n 
A 1 63  GLY 63  27  27  GLY GLY A . n 
A 1 64  LYS 64  28  28  LYS LYS A . n 
A 1 65  VAL 65  29  29  VAL VAL A . n 
A 1 66  VAL 66  30  30  VAL VAL A . n 
A 1 67  LEU 67  31  31  LEU LEU A . n 
A 1 68  GLU 68  32  32  GLU GLU A . n 
A 1 69  GLU 69  33  33  GLU GLU A . n 
A 1 70  ASN 70  34  34  ASN ASN A . n 
A 1 71  ALA 71  35  35  ALA ALA A . n 
A 1 72  SER 72  36  36  SER SER A . n 
A 1 73  VAL 73  37  37  VAL VAL A . n 
A 1 74  TRP 74  38  38  TRP TRP A . n 
A 1 75  PHE 75  39  39  PHE PHE A . n 
A 1 76  GLY 76  40  40  GLY GLY A . n 
A 1 77  ALA 77  41  41  ALA ALA A . n 
A 1 78  THR 78  42  42  THR THR A . n 
A 1 79  ILE 79  43  43  ILE ILE A . n 
A 1 80  ARG 80  44  44  ARG ARG A . n 
A 1 81  GLY 81  45  45  GLY GLY A . n 
A 1 82  ASP 82  46  46  ASP ASP A . n 
A 1 83  ASN 83  47  47  ASN ASN A . n 
A 1 84  GLU 84  48  48  GLU GLU A . n 
A 1 85  PRO 85  49  49  PRO PRO A . n 
A 1 86  ILE 86  50  50  ILE ILE A . n 
A 1 87  THR 87  51  51  THR THR A . n 
A 1 88  VAL 88  52  52  VAL VAL A . n 
A 1 89  GLY 89  53  53  GLY GLY A . n 
A 1 90  ALA 90  54  54  ALA ALA A . n 
A 1 91  GLY 91  55  55  GLY GLY A . n 
A 1 92  SER 92  56  56  SER SER A . n 
A 1 93  ASN 93  57  57  ASN ASN A . n 
A 1 94  VAL 94  58  58  VAL VAL A . n 
A 1 95  GLN 95  59  59  GLN GLN A . n 
A 1 96  GLU 96  60  60  GLU GLU A . n 
A 1 97  GLY 97  61  61  GLY GLY A . n 
A 1 98  ALA 98  62  62  ALA ALA A . n 
A 1 99  VAL 99  63  63  VAL VAL A . n 
A 1 100 LEU 100 64  64  LEU LEU A . n 
A 1 101 HIS 101 65  65  HIS HIS A . n 
A 1 102 THR 102 66  66  THR THR A . n 
A 1 103 ASP 103 67  67  ASP ASP A . n 
A 1 104 PRO 104 68  68  PRO PRO A . n 
A 1 105 GLY 105 69  69  GLY GLY A . n 
A 1 106 CYS 106 70  70  CYS CYS A . n 
A 1 107 PRO 107 71  71  PRO PRO A . n 
A 1 108 LEU 108 72  72  LEU LEU A . n 
A 1 109 THR 109 73  73  THR THR A . n 
A 1 110 ILE 110 74  74  ILE ILE A . n 
A 1 111 ALA 111 75  75  ALA ALA A . n 
A 1 112 PRO 112 76  76  PRO PRO A . n 
A 1 113 ASN 113 77  77  ASN ASN A . n 
A 1 114 VAL 114 78  78  VAL VAL A . n 
A 1 115 THR 115 79  79  THR THR A . n 
A 1 116 VAL 116 80  80  VAL VAL A . n 
A 1 117 GLY 117 81  81  GLY GLY A . n 
A 1 118 HIS 118 82  82  HIS HIS A . n 
A 1 119 GLN 119 83  83  GLN GLN A . n 
A 1 120 ALA 120 84  84  ALA ALA A . n 
A 1 121 MET 121 85  85  MET MET A . n 
A 1 122 LEU 122 86  86  LEU LEU A . n 
A 1 123 HIS 123 87  87  HIS HIS A . n 
A 1 124 GLY 124 88  88  GLY GLY A . n 
A 1 125 CYS 125 89  89  CYS CYS A . n 
A 1 126 THR 126 90  90  THR THR A . n 
A 1 127 ILE 127 91  91  ILE ILE A . n 
A 1 128 GLY 128 92  92  GLY GLY A . n 
A 1 129 GLU 129 93  93  GLU GLU A . n 
A 1 130 GLY 130 94  94  GLY GLY A . n 
A 1 131 SER 131 95  95  SER SER A . n 
A 1 132 LEU 132 96  96  LEU LEU A . n 
A 1 133 ILE 133 97  97  ILE ILE A . n 
A 1 134 GLY 134 98  98  GLY GLY A . n 
A 1 135 ILE 135 99  99  ILE ILE A . n 
A 1 136 GLN 136 100 100 GLN GLN A . n 
A 1 137 ALA 137 101 101 ALA ALA A . n 
A 1 138 VAL 138 102 102 VAL VAL A . n 
A 1 139 ILE 139 103 103 ILE ILE A . n 
A 1 140 LEU 140 104 104 LEU LEU A . n 
A 1 141 ASN 141 105 105 ASN ASN A . n 
A 1 142 ARG 142 106 106 ARG ARG A . n 
A 1 143 ALA 143 107 107 ALA ALA A . n 
A 1 144 VAL 144 108 108 VAL VAL A . n 
A 1 145 ILE 145 109 109 ILE ILE A . n 
A 1 146 GLY 146 110 110 GLY GLY A . n 
A 1 147 ARG 147 111 111 ARG ARG A . n 
A 1 148 ASN 148 112 112 ASN ASN A . n 
A 1 149 CYS 149 113 113 CYS CYS A . n 
A 1 150 LEU 150 114 114 LEU LEU A . n 
A 1 151 VAL 151 115 115 VAL VAL A . n 
A 1 152 GLY 152 116 116 GLY GLY A . n 
A 1 153 ALA 153 117 117 ALA ALA A . n 
A 1 154 GLY 154 118 118 GLY GLY A . n 
A 1 155 ALA 155 119 119 ALA ALA A . n 
A 1 156 VAL 156 120 120 VAL VAL A . n 
A 1 157 ILE 157 121 121 ILE ILE A . n 
A 1 158 THR 158 122 122 THR THR A . n 
A 1 159 GLU 159 123 123 GLU GLU A . n 
A 1 160 GLY 160 124 124 GLY GLY A . n 
A 1 161 LYS 161 125 125 LYS LYS A . n 
A 1 162 ALA 162 126 126 ALA ALA A . n 
A 1 163 PHE 163 127 127 PHE PHE A . n 
A 1 164 PRO 164 128 128 PRO PRO A . n 
A 1 165 ASP 165 129 129 ASP ASP A . n 
A 1 166 ASN 166 130 130 ASN ASN A . n 
A 1 167 SER 167 131 131 SER SER A . n 
A 1 168 LEU 168 132 132 LEU LEU A . n 
A 1 169 ILE 169 133 133 ILE ILE A . n 
A 1 170 LEU 170 134 134 LEU LEU A . n 
A 1 171 GLY 171 135 135 GLY GLY A . n 
A 1 172 ALA 172 136 136 ALA ALA A . n 
A 1 173 PRO 173 137 137 PRO PRO A . n 
A 1 174 ALA 174 138 138 ALA ALA A . n 
A 1 175 LYS 175 139 139 LYS LYS A . n 
A 1 176 VAL 176 140 140 VAL VAL A . n 
A 1 177 VAL 177 141 141 VAL VAL A . n 
A 1 178 ARG 178 142 142 ARG ARG A . n 
A 1 179 THR 179 143 143 THR THR A . n 
A 1 180 LEU 180 144 144 LEU LEU A . n 
A 1 181 SER 181 145 145 SER SER A . n 
A 1 182 ASP 182 146 146 ASP ASP A . n 
A 1 183 GLU 183 147 147 GLU GLU A . n 
A 1 184 ASP 184 148 148 ASP ASP A . n 
A 1 185 ILE 185 149 149 ILE ILE A . n 
A 1 186 ALA 186 150 150 ALA ALA A . n 
A 1 187 ARG 187 151 151 ARG ARG A . n 
A 1 188 MET 188 152 152 MET MET A . n 
A 1 189 HIS 189 153 153 HIS HIS A . n 
A 1 190 MET 190 154 154 MET MET A . n 
A 1 191 ASN 191 155 155 ASN ASN A . n 
A 1 192 THR 192 156 156 THR THR A . n 
A 1 193 LYS 193 157 157 LYS LYS A . n 
A 1 194 SER 194 158 158 SER SER A . n 
A 1 195 TYR 195 159 159 TYR TYR A . n 
A 1 196 ALA 196 160 160 ALA ALA A . n 
A 1 197 MET 197 161 161 MET MET A . n 
A 1 198 ARG 198 162 162 ARG ARG A . n 
A 1 199 ARG 199 163 163 ARG ARG A . n 
A 1 200 ALA 200 164 164 ALA ALA A . n 
A 1 201 TYR 201 165 165 TYR TYR A . n 
A 1 202 PHE 202 166 166 PHE PHE A . n 
A 1 203 LYS 203 167 167 LYS LYS A . n 
A 1 204 GLU 204 168 168 GLU GLU A . n 
A 1 205 GLN 205 169 169 GLN GLN A . n 
A 1 206 LEU 206 170 170 LEU LEU A . n 
A 1 207 VAL 207 171 171 VAL VAL A . n 
A 1 208 ARG 208 172 172 ARG ARG A . n 
A 1 209 ILE 209 173 173 ILE ILE A . n 
A 1 210 GLY 210 174 ?   ?   ?   A . n 
# 
loop_
_pdbx_nonpoly_scheme.asym_id 
_pdbx_nonpoly_scheme.entity_id 
_pdbx_nonpoly_scheme.mon_id 
_pdbx_nonpoly_scheme.ndb_seq_num 
_pdbx_nonpoly_scheme.pdb_seq_num 
_pdbx_nonpoly_scheme.auth_seq_num 
_pdbx_nonpoly_scheme.pdb_mon_id 
_pdbx_nonpoly_scheme.auth_mon_id 
_pdbx_nonpoly_scheme.pdb_strand_id 
_pdbx_nonpoly_scheme.pdb_ins_code 
B 2 ZN  1  201 201 ZN  ZN  A . 
C 3 BME 1  202 202 BME BME A . 
D 4 HOH 1  301 303 HOH HOH A . 
D 4 HOH 2  302 361 HOH HOH A . 
D 4 HOH 3  303 301 HOH HOH A . 
D 4 HOH 4  304 360 HOH HOH A . 
D 4 HOH 5  305 353 HOH HOH A . 
D 4 HOH 6  306 307 HOH HOH A . 
D 4 HOH 7  307 321 HOH HOH A . 
D 4 HOH 8  308 345 HOH HOH A . 
D 4 HOH 9  309 319 HOH HOH A . 
D 4 HOH 10 310 328 HOH HOH A . 
D 4 HOH 11 311 302 HOH HOH A . 
D 4 HOH 12 312 306 HOH HOH A . 
D 4 HOH 13 313 331 HOH HOH A . 
D 4 HOH 14 314 314 HOH HOH A . 
D 4 HOH 15 315 348 HOH HOH A . 
D 4 HOH 16 316 318 HOH HOH A . 
D 4 HOH 17 317 323 HOH HOH A . 
D 4 HOH 18 318 327 HOH HOH A . 
D 4 HOH 19 319 357 HOH HOH A . 
D 4 HOH 20 320 347 HOH HOH A . 
D 4 HOH 21 321 311 HOH HOH A . 
D 4 HOH 22 322 340 HOH HOH A . 
D 4 HOH 23 323 317 HOH HOH A . 
D 4 HOH 24 324 337 HOH HOH A . 
D 4 HOH 25 325 325 HOH HOH A . 
D 4 HOH 26 326 355 HOH HOH A . 
D 4 HOH 27 327 313 HOH HOH A . 
D 4 HOH 28 328 351 HOH HOH A . 
D 4 HOH 29 329 309 HOH HOH A . 
D 4 HOH 30 330 310 HOH HOH A . 
D 4 HOH 31 331 359 HOH HOH A . 
D 4 HOH 32 332 304 HOH HOH A . 
D 4 HOH 33 333 312 HOH HOH A . 
D 4 HOH 34 334 315 HOH HOH A . 
D 4 HOH 35 335 305 HOH HOH A . 
D 4 HOH 36 336 336 HOH HOH A . 
D 4 HOH 37 337 354 HOH HOH A . 
D 4 HOH 38 338 333 HOH HOH A . 
D 4 HOH 39 339 344 HOH HOH A . 
D 4 HOH 40 340 322 HOH HOH A . 
D 4 HOH 41 341 324 HOH HOH A . 
D 4 HOH 42 342 316 HOH HOH A . 
D 4 HOH 43 343 350 HOH HOH A . 
D 4 HOH 44 344 349 HOH HOH A . 
D 4 HOH 45 345 329 HOH HOH A . 
D 4 HOH 46 346 339 HOH HOH A . 
D 4 HOH 47 347 335 HOH HOH A . 
D 4 HOH 48 348 332 HOH HOH A . 
D 4 HOH 49 349 308 HOH HOH A . 
D 4 HOH 50 350 338 HOH HOH A . 
D 4 HOH 51 351 356 HOH HOH A . 
D 4 HOH 52 352 326 HOH HOH A . 
D 4 HOH 53 353 330 HOH HOH A . 
D 4 HOH 54 354 320 HOH HOH A . 
D 4 HOH 55 355 358 HOH HOH A . 
D 4 HOH 56 356 341 HOH HOH A . 
D 4 HOH 57 357 334 HOH HOH A . 
D 4 HOH 58 358 346 HOH HOH A . 
D 4 HOH 59 359 342 HOH HOH A . 
D 4 HOH 60 360 352 HOH HOH A . 
D 4 HOH 61 361 343 HOH HOH A . 
# 
loop_
_software.citation_id 
_software.classification 
_software.compiler_name 
_software.compiler_version 
_software.contact_author 
_software.contact_author_email 
_software.date 
_software.description 
_software.dependencies 
_software.hardware 
_software.language 
_software.location 
_software.mods 
_software.name 
_software.os 
_software.os_version 
_software.type 
_software.version 
_software.pdbx_ordinal 
? 'data scaling'    ? ? ? ? ? ? ? ? ? ? ? SCALEPACK   ? ? ? .    1 
? refinement        ? ? ? ? ? ? ? ? ? ? ? CNS         ? ? ? .    2 
? 'data extraction' ? ? ? ? ? ? ? ? ? ? ? PDB_EXTRACT ? ? ? 3.27 3 
? 'data reduction'  ? ? ? ? ? ? ? ? ? ? ? HKL-2000    ? ? ? .    4 
? phasing           ? ? ? ? ? ? ? ? ? ? ? AMoRE       ? ? ? .    5 
# 
_cell.angle_alpha                  90.000 
_cell.angle_alpha_esd              ? 
_cell.angle_beta                   90.000 
_cell.angle_beta_esd               ? 
_cell.angle_gamma                  120.000 
_cell.angle_gamma_esd              ? 
_cell.entry_id                     7ZW9 
_cell.details                      ? 
_cell.formula_units_Z              ? 
_cell.length_a                     90.130 
_cell.length_a_esd                 ? 
_cell.length_b                     90.130 
_cell.length_b_esd                 ? 
_cell.length_c                     48.520 
_cell.length_c_esd                 ? 
_cell.volume                       ? 
_cell.volume_esd                   ? 
_cell.Z_PDB                        6 
_cell.reciprocal_angle_alpha       ? 
_cell.reciprocal_angle_beta        ? 
_cell.reciprocal_angle_gamma       ? 
_cell.reciprocal_angle_alpha_esd   ? 
_cell.reciprocal_angle_beta_esd    ? 
_cell.reciprocal_angle_gamma_esd   ? 
_cell.reciprocal_length_a          ? 
_cell.reciprocal_length_b          ? 
_cell.reciprocal_length_c          ? 
_cell.reciprocal_length_a_esd      ? 
_cell.reciprocal_length_b_esd      ? 
_cell.reciprocal_length_c_esd      ? 
_cell.pdbx_unique_axis             ? 
_cell.pdbx_esd_method              ? 
# 
_symmetry.entry_id                         7ZW9 
_symmetry.cell_setting                     ? 
_symmetry.Int_Tables_number                173 
_symmetry.space_group_name_Hall            ? 
_symmetry.space_group_name_H-M             'P 63' 
_symmetry.pdbx_full_space_group_name_H-M   ? 
# 
_exptl.absorpt_coefficient_mu     ? 
_exptl.absorpt_correction_T_max   ? 
_exptl.absorpt_correction_T_min   ? 
_exptl.absorpt_correction_type    ? 
_exptl.absorpt_process_details    ? 
_exptl.entry_id                   7ZW9 
_exptl.crystals_number            1 
_exptl.details                    ? 
_exptl.method                     'X-RAY DIFFRACTION' 
_exptl.method_details             ? 
# 
_exptl_crystal.colour                       ? 
_exptl_crystal.density_diffrn               ? 
_exptl_crystal.density_Matthews             2.53 
_exptl_crystal.density_method               ? 
_exptl_crystal.density_percent_sol          51.40 
_exptl_crystal.description                  ? 
_exptl_crystal.F_000                        ? 
_exptl_crystal.id                           1 
_exptl_crystal.preparation                  ? 
_exptl_crystal.size_max                     ? 
_exptl_crystal.size_mid                     ? 
_exptl_crystal.size_min                     ? 
_exptl_crystal.size_rad                     ? 
_exptl_crystal.colour_lustre                ? 
_exptl_crystal.colour_modifier              ? 
_exptl_crystal.colour_primary               ? 
_exptl_crystal.density_meas                 ? 
_exptl_crystal.density_meas_esd             ? 
_exptl_crystal.density_meas_gt              ? 
_exptl_crystal.density_meas_lt              ? 
_exptl_crystal.density_meas_temp            ? 
_exptl_crystal.density_meas_temp_esd        ? 
_exptl_crystal.density_meas_temp_gt         ? 
_exptl_crystal.density_meas_temp_lt         ? 
_exptl_crystal.pdbx_crystal_image_url       ? 
_exptl_crystal.pdbx_crystal_image_format    ? 
_exptl_crystal.pdbx_mosaicity               ? 
_exptl_crystal.pdbx_mosaicity_esd           ? 
_exptl_crystal.pdbx_mosaic_method           ? 
_exptl_crystal.pdbx_mosaic_block_size       ? 
_exptl_crystal.pdbx_mosaic_block_size_esd   ? 
# 
_exptl_crystal_grow.apparatus       ? 
_exptl_crystal_grow.atmosphere      ? 
_exptl_crystal_grow.crystal_id      1 
_exptl_crystal_grow.details         ? 
_exptl_crystal_grow.method          'VAPOR DIFFUSION, HANGING DROP' 
_exptl_crystal_grow.method_ref      ? 
_exptl_crystal_grow.pH              ? 
_exptl_crystal_grow.pressure        ? 
_exptl_crystal_grow.pressure_esd    ? 
_exptl_crystal_grow.seeding         ? 
_exptl_crystal_grow.seeding_ref     ? 
_exptl_crystal_grow.temp            293 
_exptl_crystal_grow.temp_details    ? 
_exptl_crystal_grow.temp_esd        ? 
_exptl_crystal_grow.time            ? 
_exptl_crystal_grow.pdbx_details    '20% (w/v) Polyethylene glycol 3350, 0.15 M DL-malic acid pH 7.0' 
_exptl_crystal_grow.pdbx_pH_range   ? 
# 
_diffrn.ambient_environment              ? 
_diffrn.ambient_temp                     100 
_diffrn.ambient_temp_details             ? 
_diffrn.ambient_temp_esd                 ? 
_diffrn.crystal_id                       1 
_diffrn.crystal_support                  ? 
_diffrn.crystal_treatment                ? 
_diffrn.details                          ? 
_diffrn.id                               1 
_diffrn.ambient_pressure                 ? 
_diffrn.ambient_pressure_esd             ? 
_diffrn.ambient_pressure_gt              ? 
_diffrn.ambient_pressure_lt              ? 
_diffrn.ambient_temp_gt                  ? 
_diffrn.ambient_temp_lt                  ? 
_diffrn.pdbx_serial_crystal_experiment   N 
# 
_diffrn_detector.details                      ? 
_diffrn_detector.detector                     CCD 
_diffrn_detector.diffrn_id                    1 
_diffrn_detector.type                         'RIGAKU SATURN 944' 
_diffrn_detector.area_resol_mean              ? 
_diffrn_detector.dtime                        ? 
_diffrn_detector.pdbx_frames_total            ? 
_diffrn_detector.pdbx_collection_time_total   ? 
_diffrn_detector.pdbx_collection_date         2020-02-03 
_diffrn_detector.pdbx_frequency               ? 
# 
_diffrn_radiation.collimation                      ? 
_diffrn_radiation.diffrn_id                        1 
_diffrn_radiation.filter_edge                      ? 
_diffrn_radiation.inhomogeneity                    ? 
_diffrn_radiation.monochromator                    ? 
_diffrn_radiation.polarisn_norm                    ? 
_diffrn_radiation.polarisn_ratio                   ? 
_diffrn_radiation.probe                            ? 
_diffrn_radiation.type                             ? 
_diffrn_radiation.xray_symbol                      ? 
_diffrn_radiation.wavelength_id                    1 
_diffrn_radiation.pdbx_monochromatic_or_laue_m_l   M 
_diffrn_radiation.pdbx_wavelength_list             ? 
_diffrn_radiation.pdbx_wavelength                  ? 
_diffrn_radiation.pdbx_diffrn_protocol             'SINGLE WAVELENGTH' 
_diffrn_radiation.pdbx_analyzer                    ? 
_diffrn_radiation.pdbx_scattering_type             x-ray 
# 
_diffrn_radiation_wavelength.id           1 
_diffrn_radiation_wavelength.wavelength   1.54178 
_diffrn_radiation_wavelength.wt           1.0 
# 
_diffrn_source.current                     ? 
_diffrn_source.details                     ? 
_diffrn_source.diffrn_id                   1 
_diffrn_source.power                       ? 
_diffrn_source.size                        ? 
_diffrn_source.source                      'ROTATING ANODE' 
_diffrn_source.target                      ? 
_diffrn_source.type                        'RIGAKU MICROMAX-007 HF' 
_diffrn_source.voltage                     ? 
_diffrn_source.take-off_angle              ? 
_diffrn_source.pdbx_wavelength_list        1.54178 
_diffrn_source.pdbx_wavelength             ? 
_diffrn_source.pdbx_synchrotron_beamline   ? 
_diffrn_source.pdbx_synchrotron_site       ? 
# 
_reflns.B_iso_Wilson_estimate                          ? 
_reflns.entry_id                                       7ZW9 
_reflns.data_reduction_details                         ? 
_reflns.data_reduction_method                          ? 
_reflns.d_resolution_high                              2.100 
_reflns.d_resolution_low                               50.000 
_reflns.details                                        ? 
_reflns.limit_h_max                                    ? 
_reflns.limit_h_min                                    ? 
_reflns.limit_k_max                                    ? 
_reflns.limit_k_min                                    ? 
_reflns.limit_l_max                                    ? 
_reflns.limit_l_min                                    ? 
_reflns.number_all                                     ? 
_reflns.number_obs                                     13267 
_reflns.observed_criterion                             ? 
_reflns.observed_criterion_F_max                       ? 
_reflns.observed_criterion_F_min                       ? 
_reflns.observed_criterion_I_max                       ? 
_reflns.observed_criterion_I_min                       ? 
_reflns.observed_criterion_sigma_F                     ? 
_reflns.observed_criterion_sigma_I                     ? 
_reflns.percent_possible_obs                           100.000 
_reflns.R_free_details                                 ? 
_reflns.Rmerge_F_all                                   ? 
_reflns.Rmerge_F_obs                                   ? 
_reflns.Friedel_coverage                               ? 
_reflns.number_gt                                      ? 
_reflns.threshold_expression                           ? 
_reflns.pdbx_redundancy                                9.600 
_reflns.pdbx_Rmerge_I_obs                              0.125 
_reflns.pdbx_Rmerge_I_all                              ? 
_reflns.pdbx_Rsym_value                                ? 
_reflns.pdbx_netI_over_av_sigmaI                       ? 
_reflns.pdbx_netI_over_sigmaI                          6.700 
_reflns.pdbx_res_netI_over_av_sigmaI_2                 ? 
_reflns.pdbx_res_netI_over_sigmaI_2                    ? 
_reflns.pdbx_chi_squared                               1.016 
_reflns.pdbx_scaling_rejects                           ? 
_reflns.pdbx_d_res_high_opt                            ? 
_reflns.pdbx_d_res_low_opt                             ? 
_reflns.pdbx_d_res_opt_method                          ? 
_reflns.phase_calculation_details                      ? 
_reflns.pdbx_Rrim_I_all                                0.133 
_reflns.pdbx_Rpim_I_all                                0.043 
_reflns.pdbx_d_opt                                     ? 
_reflns.pdbx_number_measured_all                       127556 
_reflns.pdbx_diffrn_id                                 1 
_reflns.pdbx_ordinal                                   1 
_reflns.pdbx_CC_half                                   ? 
_reflns.pdbx_CC_star                                   ? 
_reflns.pdbx_R_split                                   ? 
_reflns.pdbx_aniso_diffraction_limit_axis_1_ortho[1]   ? 
_reflns.pdbx_aniso_diffraction_limit_axis_1_ortho[2]   ? 
_reflns.pdbx_aniso_diffraction_limit_axis_1_ortho[3]   ? 
_reflns.pdbx_aniso_diffraction_limit_axis_2_ortho[1]   ? 
_reflns.pdbx_aniso_diffraction_limit_axis_2_ortho[2]   ? 
_reflns.pdbx_aniso_diffraction_limit_axis_2_ortho[3]   ? 
_reflns.pdbx_aniso_diffraction_limit_axis_3_ortho[1]   ? 
_reflns.pdbx_aniso_diffraction_limit_axis_3_ortho[2]   ? 
_reflns.pdbx_aniso_diffraction_limit_axis_3_ortho[3]   ? 
_reflns.pdbx_aniso_diffraction_limit_1                 ? 
_reflns.pdbx_aniso_diffraction_limit_2                 ? 
_reflns.pdbx_aniso_diffraction_limit_3                 ? 
_reflns.pdbx_aniso_B_tensor_eigenvector_1_ortho[1]     ? 
_reflns.pdbx_aniso_B_tensor_eigenvector_1_ortho[2]     ? 
_reflns.pdbx_aniso_B_tensor_eigenvector_1_ortho[3]     ? 
_reflns.pdbx_aniso_B_tensor_eigenvector_2_ortho[1]     ? 
_reflns.pdbx_aniso_B_tensor_eigenvector_2_ortho[2]     ? 
_reflns.pdbx_aniso_B_tensor_eigenvector_2_ortho[3]     ? 
_reflns.pdbx_aniso_B_tensor_eigenvector_3_ortho[1]     ? 
_reflns.pdbx_aniso_B_tensor_eigenvector_3_ortho[2]     ? 
_reflns.pdbx_aniso_B_tensor_eigenvector_3_ortho[3]     ? 
_reflns.pdbx_aniso_B_tensor_eigenvalue_1               ? 
_reflns.pdbx_aniso_B_tensor_eigenvalue_2               ? 
_reflns.pdbx_aniso_B_tensor_eigenvalue_3               ? 
_reflns.pdbx_orthogonalization_convention              ? 
_reflns.pdbx_percent_possible_ellipsoidal              ? 
_reflns.pdbx_percent_possible_spherical                ? 
_reflns.pdbx_percent_possible_ellipsoidal_anomalous    ? 
_reflns.pdbx_percent_possible_spherical_anomalous      ? 
_reflns.pdbx_redundancy_anomalous                      ? 
_reflns.pdbx_CC_half_anomalous                         ? 
_reflns.pdbx_absDiff_over_sigma_anomalous              ? 
_reflns.pdbx_percent_possible_anomalous                ? 
_reflns.pdbx_observed_signal_threshold                 ? 
_reflns.pdbx_signal_type                               ? 
_reflns.pdbx_signal_details                            ? 
_reflns.pdbx_signal_software_id                        ? 
_reflns.pdbx_CC_split_method                           ? 
# 
loop_
_reflns_shell.d_res_high 
_reflns_shell.d_res_low 
_reflns_shell.meanI_over_sigI_all 
_reflns_shell.meanI_over_sigI_obs 
_reflns_shell.number_measured_all 
_reflns_shell.number_measured_obs 
_reflns_shell.number_possible 
_reflns_shell.number_unique_all 
_reflns_shell.number_unique_obs 
_reflns_shell.percent_possible_all 
_reflns_shell.percent_possible_obs 
_reflns_shell.Rmerge_F_all 
_reflns_shell.Rmerge_F_obs 
_reflns_shell.Rmerge_I_all 
_reflns_shell.Rmerge_I_obs 
_reflns_shell.meanI_over_sigI_gt 
_reflns_shell.meanI_over_uI_all 
_reflns_shell.meanI_over_uI_gt 
_reflns_shell.number_measured_gt 
_reflns_shell.number_unique_gt 
_reflns_shell.percent_possible_gt 
_reflns_shell.Rmerge_F_gt 
_reflns_shell.Rmerge_I_gt 
_reflns_shell.pdbx_redundancy 
_reflns_shell.pdbx_Rsym_value 
_reflns_shell.pdbx_chi_squared 
_reflns_shell.pdbx_netI_over_sigmaI_all 
_reflns_shell.pdbx_netI_over_sigmaI_obs 
_reflns_shell.pdbx_Rrim_I_all 
_reflns_shell.pdbx_Rpim_I_all 
_reflns_shell.pdbx_rejects 
_reflns_shell.pdbx_ordinal 
_reflns_shell.pdbx_diffrn_id 
_reflns_shell.pdbx_CC_half 
_reflns_shell.pdbx_CC_star 
_reflns_shell.pdbx_R_split 
_reflns_shell.pdbx_percent_possible_ellipsoidal 
_reflns_shell.pdbx_percent_possible_spherical 
_reflns_shell.pdbx_percent_possible_ellipsoidal_anomalous 
_reflns_shell.pdbx_percent_possible_spherical_anomalous 
_reflns_shell.pdbx_redundancy_anomalous 
_reflns_shell.pdbx_CC_half_anomalous 
_reflns_shell.pdbx_absDiff_over_sigma_anomalous 
_reflns_shell.pdbx_percent_possible_anomalous 
2.100 2.140  ? ? ? ? ? ? 658 100.000 ? ? ? ? 0.630 ? ? ? ? ? ? ? ? 5.500  ? 0.948 ? ? 0.696 0.292 ? 1  1 0.854 ? ? ? ? ? ? ? ? ? ? 
2.140 2.180  ? ? ? ? ? ? 644 100.000 ? ? ? ? 0.636 ? ? ? ? ? ? ? ? 6.300  ? 1.002 ? ? 0.694 0.275 ? 2  1 0.881 ? ? ? ? ? ? ? ? ? ? 
2.180 2.220  ? ? ? ? ? ? 664 100.000 ? ? ? ? 0.474 ? ? ? ? ? ? ? ? 6.800  ? 1.010 ? ? 0.514 0.196 ? 3  1 0.951 ? ? ? ? ? ? ? ? ? ? 
2.220 2.260  ? ? ? ? ? ? 652 100.000 ? ? ? ? 0.455 ? ? ? ? ? ? ? ? 7.400  ? 0.959 ? ? 0.490 0.181 ? 4  1 0.951 ? ? ? ? ? ? ? ? ? ? 
2.260 2.310  ? ? ? ? ? ? 677 100.000 ? ? ? ? 0.426 ? ? ? ? ? ? ? ? 8.000  ? 0.991 ? ? 0.456 0.160 ? 5  1 0.959 ? ? ? ? ? ? ? ? ? ? 
2.310 2.370  ? ? ? ? ? ? 648 100.000 ? ? ? ? 0.407 ? ? ? ? ? ? ? ? 8.500  ? 1.000 ? ? 0.434 0.149 ? 6  1 0.965 ? ? ? ? ? ? ? ? ? ? 
2.370 2.420  ? ? ? ? ? ? 657 100.000 ? ? ? ? 0.368 ? ? ? ? ? ? ? ? 9.100  ? 0.997 ? ? 0.390 0.129 ? 7  1 0.986 ? ? ? ? ? ? ? ? ? ? 
2.420 2.490  ? ? ? ? ? ? 662 100.000 ? ? ? ? 0.373 ? ? ? ? ? ? ? ? 9.700  ? 0.995 ? ? 0.394 0.126 ? 8  1 0.990 ? ? ? ? ? ? ? ? ? ? 
2.490 2.560  ? ? ? ? ? ? 654 100.000 ? ? ? ? 0.315 ? ? ? ? ? ? ? ? 10.800 ? 0.996 ? ? 0.331 0.100 ? 9  1 0.989 ? ? ? ? ? ? ? ? ? ? 
2.560 2.650  ? ? ? ? ? ? 660 100.000 ? ? ? ? 0.296 ? ? ? ? ? ? ? ? 10.900 ? 1.002 ? ? 0.311 0.094 ? 10 1 0.995 ? ? ? ? ? ? ? ? ? ? 
2.650 2.740  ? ? ? ? ? ? 660 100.000 ? ? ? ? 0.263 ? ? ? ? ? ? ? ? 10.900 ? 1.032 ? ? 0.276 0.083 ? 11 1 0.992 ? ? ? ? ? ? ? ? ? ? 
2.740 2.850  ? ? ? ? ? ? 667 100.000 ? ? ? ? 0.233 ? ? ? ? ? ? ? ? 11.000 ? 1.065 ? ? 0.245 0.074 ? 12 1 0.992 ? ? ? ? ? ? ? ? ? ? 
2.850 2.980  ? ? ? ? ? ? 645 100.000 ? ? ? ? 0.174 ? ? ? ? ? ? ? ? 11.000 ? 1.048 ? ? 0.183 0.055 ? 13 1 0.996 ? ? ? ? ? ? ? ? ? ? 
2.980 3.140  ? ? ? ? ? ? 668 100.000 ? ? ? ? 0.123 ? ? ? ? ? ? ? ? 11.000 ? 1.007 ? ? 0.129 0.039 ? 14 1 0.999 ? ? ? ? ? ? ? ? ? ? 
3.140 3.330  ? ? ? ? ? ? 670 100.000 ? ? ? ? 0.107 ? ? ? ? ? ? ? ? 11.000 ? 1.021 ? ? 0.112 0.034 ? 15 1 0.999 ? ? ? ? ? ? ? ? ? ? 
3.330 3.590  ? ? ? ? ? ? 659 100.000 ? ? ? ? 0.085 ? ? ? ? ? ? ? ? 11.000 ? 1.010 ? ? 0.089 0.027 ? 16 1 0.999 ? ? ? ? ? ? ? ? ? ? 
3.590 3.950  ? ? ? ? ? ? 671 100.000 ? ? ? ? 0.071 ? ? ? ? ? ? ? ? 11.000 ? 1.089 ? ? 0.074 0.023 ? 17 1 0.999 ? ? ? ? ? ? ? ? ? ? 
3.950 4.520  ? ? ? ? ? ? 675 100.000 ? ? ? ? 0.061 ? ? ? ? ? ? ? ? 10.900 ? 1.025 ? ? 0.064 0.020 ? 18 1 0.999 ? ? ? ? ? ? ? ? ? ? 
4.520 5.700  ? ? ? ? ? ? 677 100.000 ? ? ? ? 0.049 ? ? ? ? ? ? ? ? 10.900 ? 1.012 ? ? 0.052 0.016 ? 19 1 1.000 ? ? ? ? ? ? ? ? ? ? 
5.700 50.000 ? ? ? ? ? ? 699 99.300  ? ? ? ? 0.046 ? ? ? ? ? ? ? ? 10.300 ? 1.017 ? ? 0.048 0.016 ? 20 1 1.000 ? ? ? ? ? ? ? ? ? ? 
# 
_refine.aniso_B[1][1]                            -2.2180 
_refine.aniso_B[1][2]                            -0.0000 
_refine.aniso_B[1][3]                            -0.0000 
_refine.aniso_B[2][2]                            -2.2180 
_refine.aniso_B[2][3]                            -0.0000 
_refine.aniso_B[3][3]                            4.4350 
_refine.B_iso_max                                55.000 
_refine.B_iso_mean                               22.6268 
_refine.B_iso_min                                7.680 
_refine.correlation_coeff_Fo_to_Fc               ? 
_refine.correlation_coeff_Fo_to_Fc_free          ? 
_refine.details                                  ? 
_refine.diff_density_max                         ? 
_refine.diff_density_max_esd                     ? 
_refine.diff_density_min                         ? 
_refine.diff_density_min_esd                     ? 
_refine.diff_density_rms                         ? 
_refine.diff_density_rms_esd                     ? 
_refine.entry_id                                 7ZW9 
_refine.pdbx_refine_id                           'X-RAY DIFFRACTION' 
_refine.ls_abs_structure_details                 ? 
_refine.ls_abs_structure_Flack                   ? 
_refine.ls_abs_structure_Flack_esd               ? 
_refine.ls_abs_structure_Rogers                  ? 
_refine.ls_abs_structure_Rogers_esd              ? 
_refine.ls_d_res_high                            2.1000 
_refine.ls_d_res_low                             30.4000 
_refine.ls_extinction_coef                       ? 
_refine.ls_extinction_coef_esd                   ? 
_refine.ls_extinction_expression                 ? 
_refine.ls_extinction_method                     ? 
_refine.ls_goodness_of_fit_all                   ? 
_refine.ls_goodness_of_fit_all_esd               ? 
_refine.ls_goodness_of_fit_obs                   ? 
_refine.ls_goodness_of_fit_obs_esd               ? 
_refine.ls_hydrogen_treatment                    ? 
_refine.ls_matrix_type                           ? 
_refine.ls_number_constraints                    ? 
_refine.ls_number_parameters                     ? 
_refine.ls_number_reflns_all                     ? 
_refine.ls_number_reflns_obs                     12561 
_refine.ls_number_reflns_R_free                  1005 
_refine.ls_number_reflns_R_work                  11556 
_refine.ls_number_restraints                     ? 
_refine.ls_percent_reflns_obs                    94.6000 
_refine.ls_percent_reflns_R_free                 7.6000 
_refine.ls_R_factor_all                          ? 
_refine.ls_R_factor_obs                          ? 
_refine.ls_R_factor_R_free                       0.2314 
_refine.ls_R_factor_R_free_error                 ? 
_refine.ls_R_factor_R_free_error_details         ? 
_refine.ls_R_factor_R_work                       0.1967 
_refine.ls_R_Fsqd_factor_obs                     ? 
_refine.ls_R_I_factor_obs                        ? 
_refine.ls_redundancy_reflns_all                 ? 
_refine.ls_redundancy_reflns_obs                 ? 
_refine.ls_restrained_S_all                      ? 
_refine.ls_restrained_S_obs                      ? 
_refine.ls_shift_over_esd_max                    ? 
_refine.ls_shift_over_esd_mean                   ? 
_refine.ls_structure_factor_coef                 ? 
_refine.ls_weighting_details                     ? 
_refine.ls_weighting_scheme                      ? 
_refine.ls_wR_factor_all                         ? 
_refine.ls_wR_factor_obs                         ? 
_refine.ls_wR_factor_R_free                      ? 
_refine.ls_wR_factor_R_work                      ? 
_refine.occupancy_max                            ? 
_refine.occupancy_min                            ? 
_refine.solvent_model_details                    ? 
_refine.solvent_model_param_bsol                 59.3305 
_refine.solvent_model_param_ksol                 ? 
_refine.pdbx_R_complete                          ? 
_refine.ls_R_factor_gt                           ? 
_refine.ls_goodness_of_fit_gt                    ? 
_refine.ls_goodness_of_fit_ref                   ? 
_refine.ls_shift_over_su_max                     ? 
_refine.ls_shift_over_su_max_lt                  ? 
_refine.ls_shift_over_su_mean                    ? 
_refine.ls_shift_over_su_mean_lt                 ? 
_refine.pdbx_ls_sigma_I                          ? 
_refine.pdbx_ls_sigma_F                          0.000 
_refine.pdbx_ls_sigma_Fsqd                       ? 
_refine.pdbx_data_cutoff_high_absF               ? 
_refine.pdbx_data_cutoff_high_rms_absF           ? 
_refine.pdbx_data_cutoff_low_absF                ? 
_refine.pdbx_isotropic_thermal_model             ? 
_refine.pdbx_ls_cross_valid_method               THROUGHOUT 
_refine.pdbx_method_to_determine_struct          'MOLECULAR REPLACEMENT' 
_refine.pdbx_starting_model                      4N27 
_refine.pdbx_stereochemistry_target_values       ? 
_refine.pdbx_R_Free_selection_details            ? 
_refine.pdbx_stereochem_target_val_spec_case     ? 
_refine.pdbx_overall_ESU_R                       ? 
_refine.pdbx_overall_ESU_R_Free                  ? 
_refine.pdbx_solvent_vdw_probe_radii             ? 
_refine.pdbx_solvent_ion_probe_radii             ? 
_refine.pdbx_solvent_shrinkage_radii             ? 
_refine.pdbx_real_space_R                        ? 
_refine.pdbx_density_correlation                 ? 
_refine.pdbx_pd_number_of_powder_patterns        ? 
_refine.pdbx_pd_number_of_points                 ? 
_refine.pdbx_pd_meas_number_of_points            ? 
_refine.pdbx_pd_proc_ls_prof_R_factor            ? 
_refine.pdbx_pd_proc_ls_prof_wR_factor           ? 
_refine.pdbx_pd_Marquardt_correlation_coeff      ? 
_refine.pdbx_pd_Fsqrd_R_factor                   ? 
_refine.pdbx_pd_ls_matrix_band_width             ? 
_refine.pdbx_overall_phase_error                 ? 
_refine.pdbx_overall_SU_R_free_Cruickshank_DPI   ? 
_refine.pdbx_overall_SU_R_free_Blow_DPI          ? 
_refine.pdbx_overall_SU_R_Blow_DPI               ? 
_refine.pdbx_TLS_residual_ADP_flag               ? 
_refine.pdbx_diffrn_id                           1 
_refine.overall_SU_B                             ? 
_refine.overall_SU_ML                            ? 
_refine.overall_SU_R_Cruickshank_DPI             ? 
_refine.overall_SU_R_free                        ? 
_refine.overall_FOM_free_R_set                   ? 
_refine.overall_FOM_work_R_set                   ? 
_refine.pdbx_average_fsc_overall                 ? 
_refine.pdbx_average_fsc_work                    ? 
_refine.pdbx_average_fsc_free                    ? 
# 
_refine_hist.pdbx_refine_id                   'X-RAY DIFFRACTION' 
_refine_hist.cycle_id                         final 
_refine_hist.details                          ? 
_refine_hist.d_res_high                       2.1000 
_refine_hist.d_res_low                        30.4000 
_refine_hist.number_atoms_solvent             61 
_refine_hist.number_atoms_total               1345 
_refine_hist.number_reflns_all                ? 
_refine_hist.number_reflns_obs                ? 
_refine_hist.number_reflns_R_free             ? 
_refine_hist.number_reflns_R_work             ? 
_refine_hist.R_factor_all                     ? 
_refine_hist.R_factor_obs                     ? 
_refine_hist.R_factor_R_free                  ? 
_refine_hist.R_factor_R_work                  ? 
_refine_hist.pdbx_number_residues_total       173 
_refine_hist.pdbx_B_iso_mean_ligand           29.55 
_refine_hist.pdbx_B_iso_mean_solvent          29.71 
_refine_hist.pdbx_number_atoms_protein        1279 
_refine_hist.pdbx_number_atoms_nucleic_acid   0 
_refine_hist.pdbx_number_atoms_ligand         5 
_refine_hist.pdbx_number_atoms_lipid          ? 
_refine_hist.pdbx_number_atoms_carb           ? 
_refine_hist.pdbx_pseudo_atom_details         ? 
# 
loop_
_refine_ls_restr.pdbx_refine_id 
_refine_ls_restr.criterion 
_refine_ls_restr.dev_ideal 
_refine_ls_restr.dev_ideal_target 
_refine_ls_restr.number 
_refine_ls_restr.rejects 
_refine_ls_restr.type 
_refine_ls_restr.weight 
_refine_ls_restr.pdbx_restraint_function 
'X-RAY DIFFRACTION' ? 0.010 ?     ? ? c_bond_d     ? ? 
'X-RAY DIFFRACTION' ? 1.534 ?     ? ? c_angle_d    ? ? 
'X-RAY DIFFRACTION' ? 1.234 1.500 ? ? c_mcbond_it  ? ? 
'X-RAY DIFFRACTION' ? 2.377 2.000 ? ? c_scbond_it  ? ? 
'X-RAY DIFFRACTION' ? 1.817 2.000 ? ? c_mcangle_it ? ? 
'X-RAY DIFFRACTION' ? 3.317 2.500 ? ? c_scangle_it ? ? 
# 
loop_
_refine_ls_shell.pdbx_refine_id 
_refine_ls_shell.d_res_high 
_refine_ls_shell.d_res_low 
_refine_ls_shell.number_reflns_all 
_refine_ls_shell.number_reflns_obs 
_refine_ls_shell.number_reflns_R_free 
_refine_ls_shell.number_reflns_R_work 
_refine_ls_shell.percent_reflns_obs 
_refine_ls_shell.percent_reflns_R_free 
_refine_ls_shell.R_factor_all 
_refine_ls_shell.R_factor_obs 
_refine_ls_shell.R_factor_R_free 
_refine_ls_shell.R_factor_R_free_error 
_refine_ls_shell.R_factor_R_work 
_refine_ls_shell.redundancy_reflns_all 
_refine_ls_shell.redundancy_reflns_obs 
_refine_ls_shell.wR_factor_all 
_refine_ls_shell.wR_factor_obs 
_refine_ls_shell.wR_factor_R_free 
_refine_ls_shell.wR_factor_R_work 
_refine_ls_shell.pdbx_R_complete 
_refine_ls_shell.pdbx_total_number_of_bins_used 
_refine_ls_shell.pdbx_phase_error 
_refine_ls_shell.pdbx_fsc_work 
_refine_ls_shell.pdbx_fsc_free 
'X-RAY DIFFRACTION' 2.1000 2.1800  1111 . 88  1023 85.1000 . . . 0.2903 0.0000 0.2639 . . . . . . . 10 . . . 
'X-RAY DIFFRACTION' 2.1800 2.2600  1174 . 96  1078 90.0000 . . . 0.2853 0.0000 0.2127 . . . . . . . 10 . . . 
'X-RAY DIFFRACTION' 2.2600 2.3700  1255 . 102 1153 93.7000 . . . 0.2384 0.0000 0.2082 . . . . . . . 10 . . . 
'X-RAY DIFFRACTION' 2.3700 2.4900  1218 . 90  1128 93.0000 . . . 0.2352 0.0000 0.2009 . . . . . . . 10 . . . 
'X-RAY DIFFRACTION' 2.4900 2.6500  1252 . 94  1158 94.9000 . . . 0.2398 0.0000 0.1998 . . . . . . . 10 . . . 
'X-RAY DIFFRACTION' 2.6500 2.8500  1272 . 109 1163 95.2000 . . . 0.2906 0.0000 0.2124 . . . . . . . 10 . . . 
'X-RAY DIFFRACTION' 2.8500 3.1400  1275 . 95  1180 97.6000 . . . 0.2097 0.0000 0.1976 . . . . . . . 10 . . . 
'X-RAY DIFFRACTION' 3.1400 3.5900  1315 . 99  1216 98.6000 . . . 0.2216 0.0000 0.1972 . . . . . . . 10 . . . 
'X-RAY DIFFRACTION' 3.5900 4.5200  1326 . 94  1232 98.6000 . . . 0.2068 0.0000 0.1704 . . . . . . . 10 . . . 
'X-RAY DIFFRACTION' 4.5200 30.4000 1363 . 138 1225 99.1000 . . . 0.2097 0.0000 0.1878 . . . . . . . 10 . . . 
# 
loop_
_pdbx_xplor_file.serial_no 
_pdbx_xplor_file.pdbx_refine_id 
_pdbx_xplor_file.param_file 
_pdbx_xplor_file.topol_file 
1 'X-RAY DIFFRACTION' CNS_TOPPAR:protein_rep.param  ? 
2 'X-RAY DIFFRACTION' CNS_TOPPAR:dna-rna_rep.param  ? 
3 'X-RAY DIFFRACTION' CNS_TOPPAR:water_rep.param    ? 
4 'X-RAY DIFFRACTION' CNS_TOPPAR:ion.param          ? 
5 'X-RAY DIFFRACTION' CNS_TOPPAR:carbohydrate.param ? 
6 'X-RAY DIFFRACTION' bme_mod.param                 ? 
# 
_struct.entry_id                     7ZW9 
_struct.title                        
'Crystal structure of a gamma-carbonic anhydrase from the pathogenic bacterium Burkholderia pseudomallei' 
_struct.pdbx_model_details           ? 
_struct.pdbx_formula_weight          ? 
_struct.pdbx_formula_weight_method   ? 
_struct.pdbx_model_type_details      ? 
_struct.pdbx_CASP_flag               N 
# 
_struct_keywords.entry_id        7ZW9 
_struct_keywords.text            'Bacterial target, LYASE' 
_struct_keywords.pdbx_keywords   LYASE 
# 
loop_
_struct_asym.id 
_struct_asym.pdbx_blank_PDB_chainid_flag 
_struct_asym.pdbx_modified 
_struct_asym.entity_id 
_struct_asym.details 
A N N 1 ? 
B N N 2 ? 
C N N 3 ? 
D N N 4 ? 
# 
_struct_ref.id                         1 
_struct_ref.db_name                    UNP 
_struct_ref.db_code                    A0A069B6L3_BURPE 
_struct_ref.pdbx_db_accession          A0A069B6L3 
_struct_ref.pdbx_db_isoform            ? 
_struct_ref.entity_id                  1 
_struct_ref.pdbx_seq_one_letter_code   
;MTIYKLGENAPSIHESVFVADSATIVGKVVLEENASVWFGATIRGDNEPITVGAGSNVQEGAVLHTDPGCPLTIAPNVTV
GHQAMLHGCTIGEGSLIGIQAVILNRAVIGRNCLVGAGAVITEGKAFPDNSLILGAPAKVVRTLSDEDIARMHMNTKSYA
MRRAYFKEQLVRIG
;
_struct_ref.pdbx_align_begin           1 
# 
_struct_ref_seq.align_id                      1 
_struct_ref_seq.ref_id                        1 
_struct_ref_seq.pdbx_PDB_id_code              7ZW9 
_struct_ref_seq.pdbx_strand_id                A 
_struct_ref_seq.seq_align_beg                 37 
_struct_ref_seq.pdbx_seq_align_beg_ins_code   ? 
_struct_ref_seq.seq_align_end                 210 
_struct_ref_seq.pdbx_seq_align_end_ins_code   ? 
_struct_ref_seq.pdbx_db_accession             A0A069B6L3 
_struct_ref_seq.db_align_beg                  1 
_struct_ref_seq.pdbx_db_align_beg_ins_code    ? 
_struct_ref_seq.db_align_end                  174 
_struct_ref_seq.pdbx_db_align_end_ins_code    ? 
_struct_ref_seq.pdbx_auth_seq_align_beg       1 
_struct_ref_seq.pdbx_auth_seq_align_end       174 
# 
loop_
_struct_ref_seq_dif.align_id 
_struct_ref_seq_dif.pdbx_pdb_id_code 
_struct_ref_seq_dif.mon_id 
_struct_ref_seq_dif.pdbx_pdb_strand_id 
_struct_ref_seq_dif.seq_num 
_struct_ref_seq_dif.pdbx_pdb_ins_code 
_struct_ref_seq_dif.pdbx_seq_db_name 
_struct_ref_seq_dif.pdbx_seq_db_accession_code 
_struct_ref_seq_dif.db_mon_id 
_struct_ref_seq_dif.pdbx_seq_db_seq_num 
_struct_ref_seq_dif.details 
_struct_ref_seq_dif.pdbx_auth_seq_num 
_struct_ref_seq_dif.pdbx_ordinal 
1 7ZW9 MET A 1  ? UNP A0A069B6L3 ? ? 'initiating methionine' -35 1  
1 7ZW9 ARG A 2  ? UNP A0A069B6L3 ? ? 'expression tag'        -34 2  
1 7ZW9 GLY A 3  ? UNP A0A069B6L3 ? ? 'expression tag'        -33 3  
1 7ZW9 SER A 4  ? UNP A0A069B6L3 ? ? 'expression tag'        -32 4  
1 7ZW9 HIS A 5  ? UNP A0A069B6L3 ? ? 'expression tag'        -31 5  
1 7ZW9 HIS A 6  ? UNP A0A069B6L3 ? ? 'expression tag'        -30 6  
1 7ZW9 HIS A 7  ? UNP A0A069B6L3 ? ? 'expression tag'        -29 7  
1 7ZW9 HIS A 8  ? UNP A0A069B6L3 ? ? 'expression tag'        -28 8  
1 7ZW9 HIS A 9  ? UNP A0A069B6L3 ? ? 'expression tag'        -27 9  
1 7ZW9 HIS A 10 ? UNP A0A069B6L3 ? ? 'expression tag'        -26 10 
1 7ZW9 GLY A 11 ? UNP A0A069B6L3 ? ? 'expression tag'        -25 11 
1 7ZW9 MET A 12 ? UNP A0A069B6L3 ? ? 'expression tag'        -24 12 
1 7ZW9 ALA A 13 ? UNP A0A069B6L3 ? ? 'expression tag'        -23 13 
1 7ZW9 SER A 14 ? UNP A0A069B6L3 ? ? 'expression tag'        -22 14 
1 7ZW9 MET A 15 ? UNP A0A069B6L3 ? ? 'expression tag'        -21 15 
1 7ZW9 THR A 16 ? UNP A0A069B6L3 ? ? 'expression tag'        -20 16 
1 7ZW9 GLY A 17 ? UNP A0A069B6L3 ? ? 'expression tag'        -19 17 
1 7ZW9 GLY A 18 ? UNP A0A069B6L3 ? ? 'expression tag'        -18 18 
1 7ZW9 GLN A 19 ? UNP A0A069B6L3 ? ? 'expression tag'        -17 19 
1 7ZW9 GLN A 20 ? UNP A0A069B6L3 ? ? 'expression tag'        -16 20 
1 7ZW9 MET A 21 ? UNP A0A069B6L3 ? ? 'expression tag'        -15 21 
1 7ZW9 GLY A 22 ? UNP A0A069B6L3 ? ? 'expression tag'        -14 22 
1 7ZW9 ARG A 23 ? UNP A0A069B6L3 ? ? 'expression tag'        -13 23 
1 7ZW9 ASP A 24 ? UNP A0A069B6L3 ? ? 'expression tag'        -12 24 
1 7ZW9 LEU A 25 ? UNP A0A069B6L3 ? ? 'expression tag'        -11 25 
1 7ZW9 TYR A 26 ? UNP A0A069B6L3 ? ? 'expression tag'        -10 26 
1 7ZW9 ASP A 27 ? UNP A0A069B6L3 ? ? 'expression tag'        -9  27 
1 7ZW9 ASP A 28 ? UNP A0A069B6L3 ? ? 'expression tag'        -8  28 
1 7ZW9 ASP A 29 ? UNP A0A069B6L3 ? ? 'expression tag'        -7  29 
1 7ZW9 ASP A 30 ? UNP A0A069B6L3 ? ? 'expression tag'        -6  30 
1 7ZW9 LYS A 31 ? UNP A0A069B6L3 ? ? 'expression tag'        -5  31 
1 7ZW9 ASP A 32 ? UNP A0A069B6L3 ? ? 'expression tag'        -4  32 
1 7ZW9 HIS A 33 ? UNP A0A069B6L3 ? ? 'expression tag'        -3  33 
1 7ZW9 PRO A 34 ? UNP A0A069B6L3 ? ? 'expression tag'        -2  34 
1 7ZW9 PHE A 35 ? UNP A0A069B6L3 ? ? 'expression tag'        -1  35 
1 7ZW9 THR A 36 ? UNP A0A069B6L3 ? ? 'expression tag'        0   36 
# 
_pdbx_struct_assembly.id                   1 
_pdbx_struct_assembly.details              author_and_software_defined_assembly 
_pdbx_struct_assembly.method_details       PISA 
_pdbx_struct_assembly.oligomeric_details   trimeric 
_pdbx_struct_assembly.oligomeric_count     3 
# 
loop_
_pdbx_struct_assembly_prop.biol_id 
_pdbx_struct_assembly_prop.type 
_pdbx_struct_assembly_prop.value 
_pdbx_struct_assembly_prop.details 
1 'ABSA (A^2)' 6980  ? 
1 MORE         -142  ? 
1 'SSA (A^2)'  18260 ? 
# 
_pdbx_struct_assembly_gen.assembly_id       1 
_pdbx_struct_assembly_gen.oper_expression   1,2,3 
_pdbx_struct_assembly_gen.asym_id_list      A,B,C,D 
# 
_pdbx_struct_assembly_auth_evidence.id                     1 
_pdbx_struct_assembly_auth_evidence.assembly_id            1 
_pdbx_struct_assembly_auth_evidence.experimental_support   'gel filtration' 
_pdbx_struct_assembly_auth_evidence.details                ? 
# 
loop_
_pdbx_struct_oper_list.id 
_pdbx_struct_oper_list.type 
_pdbx_struct_oper_list.name 
_pdbx_struct_oper_list.symmetry_operation 
_pdbx_struct_oper_list.matrix[1][1] 
_pdbx_struct_oper_list.matrix[1][2] 
_pdbx_struct_oper_list.matrix[1][3] 
_pdbx_struct_oper_list.vector[1] 
_pdbx_struct_oper_list.matrix[2][1] 
_pdbx_struct_oper_list.matrix[2][2] 
_pdbx_struct_oper_list.matrix[2][3] 
_pdbx_struct_oper_list.vector[2] 
_pdbx_struct_oper_list.matrix[3][1] 
_pdbx_struct_oper_list.matrix[3][2] 
_pdbx_struct_oper_list.matrix[3][3] 
_pdbx_struct_oper_list.vector[3] 
1 'identity operation'         1_555 x,y,z         1.0000000000  0.0000000000  0.0000000000  0.0000000000   0.0000000000  1.0000000000  0.0000000000 0.0000000000  0.0000000000  0.0000000000 1.0000000000 0.0000000000  
2 'crystal symmetry operation' 2_655 -y+1,x-y,z    -0.4956510747 -0.8101995198 0.3129005437  -19.5183661841 0.7383666937  -0.2033775841 0.6430024759 13.7916517611 -0.4573233406 0.5497402081 0.6990286588 -8.0351660624 
3 'crystal symmetry operation' 3_665 -x+y+1,-x+1,z -0.4956510747 0.7383666937  -0.4573233406 -23.5322644723 -0.8101995198 -0.2033775841 0.5497402081 -8.5916042305 0.3129005437  0.6430024759 0.6990286588 2.8560525167 
# 
_struct_conf.conf_type_id            HELX_P 
_struct_conf.id                      HELX_P1 
_struct_conf.pdbx_PDB_helix_id       AA1 
_struct_conf.beg_label_comp_id       SER 
_struct_conf.beg_label_asym_id       A 
_struct_conf.beg_label_seq_id        181 
_struct_conf.pdbx_beg_PDB_ins_code   ? 
_struct_conf.end_label_comp_id       LEU 
_struct_conf.end_label_asym_id       A 
_struct_conf.end_label_seq_id        206 
_struct_conf.pdbx_end_PDB_ins_code   ? 
_struct_conf.beg_auth_comp_id        SER 
_struct_conf.beg_auth_asym_id        A 
_struct_conf.beg_auth_seq_id         145 
_struct_conf.end_auth_comp_id        LEU 
_struct_conf.end_auth_asym_id        A 
_struct_conf.end_auth_seq_id         170 
_struct_conf.pdbx_PDB_helix_class    1 
_struct_conf.details                 ? 
_struct_conf.pdbx_PDB_helix_length   26 
# 
_struct_conf_type.id          HELX_P 
_struct_conf_type.criteria    ? 
_struct_conf_type.reference   ? 
# 
loop_
_struct_conn.id 
_struct_conn.conn_type_id 
_struct_conn.pdbx_leaving_atom_flag 
_struct_conn.pdbx_PDB_id 
_struct_conn.ptnr1_label_asym_id 
_struct_conn.ptnr1_label_comp_id 
_struct_conn.ptnr1_label_seq_id 
_struct_conn.ptnr1_label_atom_id 
_struct_conn.pdbx_ptnr1_label_alt_id 
_struct_conn.pdbx_ptnr1_PDB_ins_code 
_struct_conn.pdbx_ptnr1_standard_comp_id 
_struct_conn.ptnr1_symmetry 
_struct_conn.ptnr2_label_asym_id 
_struct_conn.ptnr2_label_comp_id 
_struct_conn.ptnr2_label_seq_id 
_struct_conn.ptnr2_label_atom_id 
_struct_conn.pdbx_ptnr2_label_alt_id 
_struct_conn.pdbx_ptnr2_PDB_ins_code 
_struct_conn.ptnr1_auth_asym_id 
_struct_conn.ptnr1_auth_comp_id 
_struct_conn.ptnr1_auth_seq_id 
_struct_conn.ptnr2_auth_asym_id 
_struct_conn.ptnr2_auth_comp_id 
_struct_conn.ptnr2_auth_seq_id 
_struct_conn.ptnr2_symmetry 
_struct_conn.pdbx_ptnr3_label_atom_id 
_struct_conn.pdbx_ptnr3_label_seq_id 
_struct_conn.pdbx_ptnr3_label_comp_id 
_struct_conn.pdbx_ptnr3_label_asym_id 
_struct_conn.pdbx_ptnr3_label_alt_id 
_struct_conn.pdbx_ptnr3_PDB_ins_code 
_struct_conn.details 
_struct_conn.pdbx_dist_value 
_struct_conn.pdbx_value_order 
_struct_conn.pdbx_role 
metalc1 metalc ? ? A HIS 101 ND1 ? ? ? 1_555 B ZN  . ZN ? ? A HIS 65  A ZN  201 1_555 ? ? ? ? ? ? ? 2.010 ? ? 
metalc2 metalc ? ? A HIS 118 NE2 ? ? ? 1_555 B ZN  . ZN ? ? A HIS 82  A ZN  201 2_655 ? ? ? ? ? ? ? 2.178 ? ? 
metalc3 metalc ? ? A HIS 123 NE2 ? ? ? 1_555 B ZN  . ZN ? ? A HIS 87  A ZN  201 1_555 ? ? ? ? ? ? ? 2.064 ? ? 
metalc4 metalc ? ? B ZN  .   ZN  ? ? ? 1_555 D HOH . O  ? ? A ZN  201 A HOH 303 1_555 ? ? ? ? ? ? ? 2.078 ? ? 
# 
_struct_conn_type.id          metalc 
_struct_conn_type.criteria    ? 
_struct_conn_type.reference   ? 
# 
loop_
_pdbx_struct_conn_angle.id 
_pdbx_struct_conn_angle.ptnr1_label_atom_id 
_pdbx_struct_conn_angle.ptnr1_label_alt_id 
_pdbx_struct_conn_angle.ptnr1_label_asym_id 
_pdbx_struct_conn_angle.ptnr1_label_comp_id 
_pdbx_struct_conn_angle.ptnr1_label_seq_id 
_pdbx_struct_conn_angle.ptnr1_auth_atom_id 
_pdbx_struct_conn_angle.ptnr1_auth_asym_id 
_pdbx_struct_conn_angle.ptnr1_auth_comp_id 
_pdbx_struct_conn_angle.ptnr1_auth_seq_id 
_pdbx_struct_conn_angle.ptnr1_PDB_ins_code 
_pdbx_struct_conn_angle.ptnr1_symmetry 
_pdbx_struct_conn_angle.ptnr2_label_atom_id 
_pdbx_struct_conn_angle.ptnr2_label_alt_id 
_pdbx_struct_conn_angle.ptnr2_label_asym_id 
_pdbx_struct_conn_angle.ptnr2_label_comp_id 
_pdbx_struct_conn_angle.ptnr2_label_seq_id 
_pdbx_struct_conn_angle.ptnr2_auth_atom_id 
_pdbx_struct_conn_angle.ptnr2_auth_asym_id 
_pdbx_struct_conn_angle.ptnr2_auth_comp_id 
_pdbx_struct_conn_angle.ptnr2_auth_seq_id 
_pdbx_struct_conn_angle.ptnr2_PDB_ins_code 
_pdbx_struct_conn_angle.ptnr2_symmetry 
_pdbx_struct_conn_angle.ptnr3_label_atom_id 
_pdbx_struct_conn_angle.ptnr3_label_alt_id 
_pdbx_struct_conn_angle.ptnr3_label_asym_id 
_pdbx_struct_conn_angle.ptnr3_label_comp_id 
_pdbx_struct_conn_angle.ptnr3_label_seq_id 
_pdbx_struct_conn_angle.ptnr3_auth_atom_id 
_pdbx_struct_conn_angle.ptnr3_auth_asym_id 
_pdbx_struct_conn_angle.ptnr3_auth_comp_id 
_pdbx_struct_conn_angle.ptnr3_auth_seq_id 
_pdbx_struct_conn_angle.ptnr3_PDB_ins_code 
_pdbx_struct_conn_angle.ptnr3_symmetry 
_pdbx_struct_conn_angle.value 
_pdbx_struct_conn_angle.value_esd 
1 ND1 ? A HIS 101 ? A HIS 65 ? 1_555 ZN ? B ZN . ? A ZN 201 ? 1_555 NE2 ? A HIS 118 ? A HIS 82  ? 1_555 90.1  ? 
2 ND1 ? A HIS 101 ? A HIS 65 ? 1_555 ZN ? B ZN . ? A ZN 201 ? 1_555 NE2 ? A HIS 123 ? A HIS 87  ? 1_555 106.8 ? 
3 NE2 ? A HIS 118 ? A HIS 82 ? 1_555 ZN ? B ZN . ? A ZN 201 ? 1_555 NE2 ? A HIS 123 ? A HIS 87  ? 1_555 81.3  ? 
4 ND1 ? A HIS 101 ? A HIS 65 ? 1_555 ZN ? B ZN . ? A ZN 201 ? 1_555 O   ? D HOH .   ? A HOH 303 ? 1_555 110.0 ? 
5 NE2 ? A HIS 118 ? A HIS 82 ? 1_555 ZN ? B ZN . ? A ZN 201 ? 1_555 O   ? D HOH .   ? A HOH 303 ? 1_555 144.1 ? 
6 NE2 ? A HIS 123 ? A HIS 87 ? 1_555 ZN ? B ZN . ? A ZN 201 ? 1_555 O   ? D HOH .   ? A HOH 303 ? 1_555 118.2 ? 
# 
_struct_mon_prot_cis.pdbx_id                1 
_struct_mon_prot_cis.label_comp_id          ALA 
_struct_mon_prot_cis.label_seq_id           172 
_struct_mon_prot_cis.label_asym_id          A 
_struct_mon_prot_cis.label_alt_id           . 
_struct_mon_prot_cis.pdbx_PDB_ins_code      ? 
_struct_mon_prot_cis.auth_comp_id           ALA 
_struct_mon_prot_cis.auth_seq_id            136 
_struct_mon_prot_cis.auth_asym_id           A 
_struct_mon_prot_cis.pdbx_label_comp_id_2   PRO 
_struct_mon_prot_cis.pdbx_label_seq_id_2    173 
_struct_mon_prot_cis.pdbx_label_asym_id_2   A 
_struct_mon_prot_cis.pdbx_PDB_ins_code_2    ? 
_struct_mon_prot_cis.pdbx_auth_comp_id_2    PRO 
_struct_mon_prot_cis.pdbx_auth_seq_id_2     137 
_struct_mon_prot_cis.pdbx_auth_asym_id_2    A 
_struct_mon_prot_cis.pdbx_PDB_model_num     1 
_struct_mon_prot_cis.pdbx_omega_angle       0.20 
# 
loop_
_struct_sheet.id 
_struct_sheet.type 
_struct_sheet.number_strands 
_struct_sheet.details 
AA1 ? 7 ? 
AA2 ? 7 ? 
AA3 ? 8 ? 
# 
loop_
_struct_sheet_order.sheet_id 
_struct_sheet_order.range_id_1 
_struct_sheet_order.range_id_2 
_struct_sheet_order.offset 
_struct_sheet_order.sense 
AA1 1 2 ? parallel      
AA1 2 3 ? parallel      
AA1 3 4 ? parallel      
AA1 4 5 ? parallel      
AA1 5 6 ? parallel      
AA1 6 7 ? parallel      
AA2 1 2 ? parallel      
AA2 2 3 ? parallel      
AA2 3 4 ? parallel      
AA2 4 5 ? parallel      
AA2 5 6 ? parallel      
AA2 6 7 ? parallel      
AA3 1 2 ? parallel      
AA3 2 3 ? parallel      
AA3 3 4 ? parallel      
AA3 4 5 ? parallel      
AA3 5 6 ? parallel      
AA3 6 7 ? parallel      
AA3 7 8 ? anti-parallel 
# 
loop_
_struct_sheet_range.sheet_id 
_struct_sheet_range.id 
_struct_sheet_range.beg_label_comp_id 
_struct_sheet_range.beg_label_asym_id 
_struct_sheet_range.beg_label_seq_id 
_struct_sheet_range.pdbx_beg_PDB_ins_code 
_struct_sheet_range.end_label_comp_id 
_struct_sheet_range.end_label_asym_id 
_struct_sheet_range.end_label_seq_id 
_struct_sheet_range.pdbx_end_PDB_ins_code 
_struct_sheet_range.beg_auth_comp_id 
_struct_sheet_range.beg_auth_asym_id 
_struct_sheet_range.beg_auth_seq_id 
_struct_sheet_range.end_auth_comp_id 
_struct_sheet_range.end_auth_asym_id 
_struct_sheet_range.end_auth_seq_id 
AA1 1 ILE A 39  ? TYR A 40  ? ILE A 3   TYR A 4   
AA1 2 THR A 60  ? LEU A 67  ? THR A 24  LEU A 31  
AA1 3 THR A 78  ? VAL A 88  ? THR A 42  VAL A 52  
AA1 4 VAL A 99  ? HIS A 101 ? VAL A 63  HIS A 65  
AA1 5 MET A 121 ? HIS A 123 ? MET A 85  HIS A 87  
AA1 6 VAL A 138 ? ILE A 139 ? VAL A 102 ILE A 103 
AA1 7 VAL A 156 ? ILE A 157 ? VAL A 120 ILE A 121 
AA2 1 SER A 48  ? ILE A 49  ? SER A 12  ILE A 13  
AA2 2 THR A 60  ? LEU A 67  ? THR A 24  LEU A 31  
AA2 3 THR A 78  ? VAL A 88  ? THR A 42  VAL A 52  
AA2 4 LEU A 108 ? ILE A 110 ? LEU A 72  ILE A 74  
AA2 5 THR A 126 ? ILE A 127 ? THR A 90  ILE A 91  
AA2 6 VAL A 144 ? ILE A 145 ? VAL A 108 ILE A 109 
AA2 7 ALA A 162 ? PHE A 163 ? ALA A 126 PHE A 127 
AA3 1 PHE A 54  ? VAL A 55  ? PHE A 18  VAL A 19  
AA3 2 SER A 72  ? VAL A 73  ? SER A 36  VAL A 37  
AA3 3 ASN A 93  ? VAL A 94  ? ASN A 57  VAL A 58  
AA3 4 THR A 115 ? VAL A 116 ? THR A 79  VAL A 80  
AA3 5 LEU A 132 ? ILE A 133 ? LEU A 96  ILE A 97  
AA3 6 LEU A 150 ? VAL A 151 ? LEU A 114 VAL A 115 
AA3 7 SER A 167 ? LEU A 170 ? SER A 131 LEU A 134 
AA3 8 LYS A 175 ? THR A 179 ? LYS A 139 THR A 143 
# 
loop_
_pdbx_struct_sheet_hbond.sheet_id 
_pdbx_struct_sheet_hbond.range_id_1 
_pdbx_struct_sheet_hbond.range_id_2 
_pdbx_struct_sheet_hbond.range_1_label_atom_id 
_pdbx_struct_sheet_hbond.range_1_label_comp_id 
_pdbx_struct_sheet_hbond.range_1_label_asym_id 
_pdbx_struct_sheet_hbond.range_1_label_seq_id 
_pdbx_struct_sheet_hbond.range_1_PDB_ins_code 
_pdbx_struct_sheet_hbond.range_1_auth_atom_id 
_pdbx_struct_sheet_hbond.range_1_auth_comp_id 
_pdbx_struct_sheet_hbond.range_1_auth_asym_id 
_pdbx_struct_sheet_hbond.range_1_auth_seq_id 
_pdbx_struct_sheet_hbond.range_2_label_atom_id 
_pdbx_struct_sheet_hbond.range_2_label_comp_id 
_pdbx_struct_sheet_hbond.range_2_label_asym_id 
_pdbx_struct_sheet_hbond.range_2_label_seq_id 
_pdbx_struct_sheet_hbond.range_2_PDB_ins_code 
_pdbx_struct_sheet_hbond.range_2_auth_atom_id 
_pdbx_struct_sheet_hbond.range_2_auth_comp_id 
_pdbx_struct_sheet_hbond.range_2_auth_asym_id 
_pdbx_struct_sheet_hbond.range_2_auth_seq_id 
AA1 1 2 N TYR A 40  ? N TYR A 4   O ILE A 61  ? O ILE A 25  
AA1 2 3 N THR A 60  ? N THR A 24  O ILE A 79  ? O ILE A 43  
AA1 3 4 N THR A 78  ? N THR A 42  O LEU A 100 ? O LEU A 64  
AA1 4 5 N HIS A 101 ? N HIS A 65  O LEU A 122 ? O LEU A 86  
AA1 5 6 N HIS A 123 ? N HIS A 87  O ILE A 139 ? O ILE A 103 
AA1 6 7 N VAL A 138 ? N VAL A 102 O ILE A 157 ? O ILE A 121 
AA2 1 2 N SER A 48  ? N SER A 12  O LEU A 67  ? O LEU A 31  
AA2 2 3 N THR A 60  ? N THR A 24  O ILE A 79  ? O ILE A 43  
AA2 3 4 N THR A 87  ? N THR A 51  O ILE A 110 ? O ILE A 74  
AA2 4 5 N THR A 109 ? N THR A 73  O ILE A 127 ? O ILE A 91  
AA2 5 6 N THR A 126 ? N THR A 90  O ILE A 145 ? O ILE A 109 
AA2 6 7 N VAL A 144 ? N VAL A 108 O PHE A 163 ? O PHE A 127 
AA3 1 2 N PHE A 54  ? N PHE A 18  O VAL A 73  ? O VAL A 37  
AA3 2 3 N SER A 72  ? N SER A 36  O VAL A 94  ? O VAL A 58  
AA3 3 4 N ASN A 93  ? N ASN A 57  O VAL A 116 ? O VAL A 80  
AA3 4 5 N THR A 115 ? N THR A 79  O ILE A 133 ? O ILE A 97  
AA3 5 6 N LEU A 132 ? N LEU A 96  O VAL A 151 ? O VAL A 115 
AA3 6 7 N LEU A 150 ? N LEU A 114 O ILE A 169 ? O ILE A 133 
AA3 7 8 N LEU A 168 ? N LEU A 132 O VAL A 177 ? O VAL A 141 
# 
loop_
_pdbx_validate_torsion.id 
_pdbx_validate_torsion.PDB_model_num 
_pdbx_validate_torsion.auth_comp_id 
_pdbx_validate_torsion.auth_asym_id 
_pdbx_validate_torsion.auth_seq_id 
_pdbx_validate_torsion.PDB_ins_code 
_pdbx_validate_torsion.label_alt_id 
_pdbx_validate_torsion.phi 
_pdbx_validate_torsion.psi 
1 1 ASN A 47  ? ? -108.61 -98.34 
2 1 GLU A 60  ? ? -39.72  129.86 
3 1 ARG A 106 ? ? 72.74   -2.91  
4 1 ARG A 142 ? ? 179.76  168.84 
# 
loop_
_pdbx_struct_special_symmetry.id 
_pdbx_struct_special_symmetry.PDB_model_num 
_pdbx_struct_special_symmetry.auth_asym_id 
_pdbx_struct_special_symmetry.auth_comp_id 
_pdbx_struct_special_symmetry.auth_seq_id 
_pdbx_struct_special_symmetry.PDB_ins_code 
_pdbx_struct_special_symmetry.label_asym_id 
_pdbx_struct_special_symmetry.label_comp_id 
_pdbx_struct_special_symmetry.label_seq_id 
1 1 A HOH 304 ? D HOH . 
2 1 A HOH 359 ? D HOH . 
3 1 A HOH 361 ? D HOH . 
# 
_pdbx_entry_details.entry_id                 7ZW9 
_pdbx_entry_details.has_ligand_of_interest   Y 
_pdbx_entry_details.compound_details         ? 
_pdbx_entry_details.source_details           ? 
_pdbx_entry_details.nonpolymer_details       ? 
_pdbx_entry_details.sequence_details         ? 
# 
loop_
_pdbx_unobs_or_zero_occ_residues.id 
_pdbx_unobs_or_zero_occ_residues.PDB_model_num 
_pdbx_unobs_or_zero_occ_residues.polymer_flag 
_pdbx_unobs_or_zero_occ_residues.occupancy_flag 
_pdbx_unobs_or_zero_occ_residues.auth_asym_id 
_pdbx_unobs_or_zero_occ_residues.auth_comp_id 
_pdbx_unobs_or_zero_occ_residues.auth_seq_id 
_pdbx_unobs_or_zero_occ_residues.PDB_ins_code 
_pdbx_unobs_or_zero_occ_residues.label_asym_id 
_pdbx_unobs_or_zero_occ_residues.label_comp_id 
_pdbx_unobs_or_zero_occ_residues.label_seq_id 
1  1 Y 1 A MET -35 ? A MET 1   
2  1 Y 1 A ARG -34 ? A ARG 2   
3  1 Y 1 A GLY -33 ? A GLY 3   
4  1 Y 1 A SER -32 ? A SER 4   
5  1 Y 1 A HIS -31 ? A HIS 5   
6  1 Y 1 A HIS -30 ? A HIS 6   
7  1 Y 1 A HIS -29 ? A HIS 7   
8  1 Y 1 A HIS -28 ? A HIS 8   
9  1 Y 1 A HIS -27 ? A HIS 9   
10 1 Y 1 A HIS -26 ? A HIS 10  
11 1 Y 1 A GLY -25 ? A GLY 11  
12 1 Y 1 A MET -24 ? A MET 12  
13 1 Y 1 A ALA -23 ? A ALA 13  
14 1 Y 1 A SER -22 ? A SER 14  
15 1 Y 1 A MET -21 ? A MET 15  
16 1 Y 1 A THR -20 ? A THR 16  
17 1 Y 1 A GLY -19 ? A GLY 17  
18 1 Y 1 A GLY -18 ? A GLY 18  
19 1 Y 1 A GLN -17 ? A GLN 19  
20 1 Y 1 A GLN -16 ? A GLN 20  
21 1 Y 1 A MET -15 ? A MET 21  
22 1 Y 1 A GLY -14 ? A GLY 22  
23 1 Y 1 A ARG -13 ? A ARG 23  
24 1 Y 1 A ASP -12 ? A ASP 24  
25 1 Y 1 A LEU -11 ? A LEU 25  
26 1 Y 1 A TYR -10 ? A TYR 26  
27 1 Y 1 A ASP -9  ? A ASP 27  
28 1 Y 1 A ASP -8  ? A ASP 28  
29 1 Y 1 A ASP -7  ? A ASP 29  
30 1 Y 1 A ASP -6  ? A ASP 30  
31 1 Y 1 A LYS -5  ? A LYS 31  
32 1 Y 1 A ASP -4  ? A ASP 32  
33 1 Y 1 A HIS -3  ? A HIS 33  
34 1 Y 1 A PRO -2  ? A PRO 34  
35 1 Y 1 A PHE -1  ? A PHE 35  
36 1 Y 1 A THR 0   ? A THR 36  
37 1 Y 1 A GLY 174 ? A GLY 210 
# 
loop_
_chem_comp_atom.comp_id 
_chem_comp_atom.atom_id 
_chem_comp_atom.type_symbol 
_chem_comp_atom.pdbx_aromatic_flag 
_chem_comp_atom.pdbx_stereo_config 
_chem_comp_atom.pdbx_ordinal 
ALA N    N  N N 1   
ALA CA   C  N S 2   
ALA C    C  N N 3   
ALA O    O  N N 4   
ALA CB   C  N N 5   
ALA OXT  O  N N 6   
ALA H    H  N N 7   
ALA H2   H  N N 8   
ALA HA   H  N N 9   
ALA HB1  H  N N 10  
ALA HB2  H  N N 11  
ALA HB3  H  N N 12  
ALA HXT  H  N N 13  
ARG N    N  N N 14  
ARG CA   C  N S 15  
ARG C    C  N N 16  
ARG O    O  N N 17  
ARG CB   C  N N 18  
ARG CG   C  N N 19  
ARG CD   C  N N 20  
ARG NE   N  N N 21  
ARG CZ   C  N N 22  
ARG NH1  N  N N 23  
ARG NH2  N  N N 24  
ARG OXT  O  N N 25  
ARG H    H  N N 26  
ARG H2   H  N N 27  
ARG HA   H  N N 28  
ARG HB2  H  N N 29  
ARG HB3  H  N N 30  
ARG HG2  H  N N 31  
ARG HG3  H  N N 32  
ARG HD2  H  N N 33  
ARG HD3  H  N N 34  
ARG HE   H  N N 35  
ARG HH11 H  N N 36  
ARG HH12 H  N N 37  
ARG HH21 H  N N 38  
ARG HH22 H  N N 39  
ARG HXT  H  N N 40  
ASN N    N  N N 41  
ASN CA   C  N S 42  
ASN C    C  N N 43  
ASN O    O  N N 44  
ASN CB   C  N N 45  
ASN CG   C  N N 46  
ASN OD1  O  N N 47  
ASN ND2  N  N N 48  
ASN OXT  O  N N 49  
ASN H    H  N N 50  
ASN H2   H  N N 51  
ASN HA   H  N N 52  
ASN HB2  H  N N 53  
ASN HB3  H  N N 54  
ASN HD21 H  N N 55  
ASN HD22 H  N N 56  
ASN HXT  H  N N 57  
ASP N    N  N N 58  
ASP CA   C  N S 59  
ASP C    C  N N 60  
ASP O    O  N N 61  
ASP CB   C  N N 62  
ASP CG   C  N N 63  
ASP OD1  O  N N 64  
ASP OD2  O  N N 65  
ASP OXT  O  N N 66  
ASP H    H  N N 67  
ASP H2   H  N N 68  
ASP HA   H  N N 69  
ASP HB2  H  N N 70  
ASP HB3  H  N N 71  
ASP HD2  H  N N 72  
ASP HXT  H  N N 73  
BME C1   C  N N 74  
BME C2   C  N N 75  
BME O1   O  N N 76  
BME S2   S  N N 77  
BME H11  H  N N 78  
BME H12  H  N N 79  
BME H21  H  N N 80  
BME H22  H  N N 81  
BME HO1  H  N N 82  
BME HS2  H  N N 83  
CYS N    N  N N 84  
CYS CA   C  N R 85  
CYS C    C  N N 86  
CYS O    O  N N 87  
CYS CB   C  N N 88  
CYS SG   S  N N 89  
CYS OXT  O  N N 90  
CYS H    H  N N 91  
CYS H2   H  N N 92  
CYS HA   H  N N 93  
CYS HB2  H  N N 94  
CYS HB3  H  N N 95  
CYS HG   H  N N 96  
CYS HXT  H  N N 97  
GLN N    N  N N 98  
GLN CA   C  N S 99  
GLN C    C  N N 100 
GLN O    O  N N 101 
GLN CB   C  N N 102 
GLN CG   C  N N 103 
GLN CD   C  N N 104 
GLN OE1  O  N N 105 
GLN NE2  N  N N 106 
GLN OXT  O  N N 107 
GLN H    H  N N 108 
GLN H2   H  N N 109 
GLN HA   H  N N 110 
GLN HB2  H  N N 111 
GLN HB3  H  N N 112 
GLN HG2  H  N N 113 
GLN HG3  H  N N 114 
GLN HE21 H  N N 115 
GLN HE22 H  N N 116 
GLN HXT  H  N N 117 
GLU N    N  N N 118 
GLU CA   C  N S 119 
GLU C    C  N N 120 
GLU O    O  N N 121 
GLU CB   C  N N 122 
GLU CG   C  N N 123 
GLU CD   C  N N 124 
GLU OE1  O  N N 125 
GLU OE2  O  N N 126 
GLU OXT  O  N N 127 
GLU H    H  N N 128 
GLU H2   H  N N 129 
GLU HA   H  N N 130 
GLU HB2  H  N N 131 
GLU HB3  H  N N 132 
GLU HG2  H  N N 133 
GLU HG3  H  N N 134 
GLU HE2  H  N N 135 
GLU HXT  H  N N 136 
GLY N    N  N N 137 
GLY CA   C  N N 138 
GLY C    C  N N 139 
GLY O    O  N N 140 
GLY OXT  O  N N 141 
GLY H    H  N N 142 
GLY H2   H  N N 143 
GLY HA2  H  N N 144 
GLY HA3  H  N N 145 
GLY HXT  H  N N 146 
HIS N    N  N N 147 
HIS CA   C  N S 148 
HIS C    C  N N 149 
HIS O    O  N N 150 
HIS CB   C  N N 151 
HIS CG   C  Y N 152 
HIS ND1  N  Y N 153 
HIS CD2  C  Y N 154 
HIS CE1  C  Y N 155 
HIS NE2  N  Y N 156 
HIS OXT  O  N N 157 
HIS H    H  N N 158 
HIS H2   H  N N 159 
HIS HA   H  N N 160 
HIS HB2  H  N N 161 
HIS HB3  H  N N 162 
HIS HD1  H  N N 163 
HIS HD2  H  N N 164 
HIS HE1  H  N N 165 
HIS HE2  H  N N 166 
HIS HXT  H  N N 167 
HOH O    O  N N 168 
HOH H1   H  N N 169 
HOH H2   H  N N 170 
ILE N    N  N N 171 
ILE CA   C  N S 172 
ILE C    C  N N 173 
ILE O    O  N N 174 
ILE CB   C  N S 175 
ILE CG1  C  N N 176 
ILE CG2  C  N N 177 
ILE CD1  C  N N 178 
ILE OXT  O  N N 179 
ILE H    H  N N 180 
ILE H2   H  N N 181 
ILE HA   H  N N 182 
ILE HB   H  N N 183 
ILE HG12 H  N N 184 
ILE HG13 H  N N 185 
ILE HG21 H  N N 186 
ILE HG22 H  N N 187 
ILE HG23 H  N N 188 
ILE HD11 H  N N 189 
ILE HD12 H  N N 190 
ILE HD13 H  N N 191 
ILE HXT  H  N N 192 
LEU N    N  N N 193 
LEU CA   C  N S 194 
LEU C    C  N N 195 
LEU O    O  N N 196 
LEU CB   C  N N 197 
LEU CG   C  N N 198 
LEU CD1  C  N N 199 
LEU CD2  C  N N 200 
LEU OXT  O  N N 201 
LEU H    H  N N 202 
LEU H2   H  N N 203 
LEU HA   H  N N 204 
LEU HB2  H  N N 205 
LEU HB3  H  N N 206 
LEU HG   H  N N 207 
LEU HD11 H  N N 208 
LEU HD12 H  N N 209 
LEU HD13 H  N N 210 
LEU HD21 H  N N 211 
LEU HD22 H  N N 212 
LEU HD23 H  N N 213 
LEU HXT  H  N N 214 
LYS N    N  N N 215 
LYS CA   C  N S 216 
LYS C    C  N N 217 
LYS O    O  N N 218 
LYS CB   C  N N 219 
LYS CG   C  N N 220 
LYS CD   C  N N 221 
LYS CE   C  N N 222 
LYS NZ   N  N N 223 
LYS OXT  O  N N 224 
LYS H    H  N N 225 
LYS H2   H  N N 226 
LYS HA   H  N N 227 
LYS HB2  H  N N 228 
LYS HB3  H  N N 229 
LYS HG2  H  N N 230 
LYS HG3  H  N N 231 
LYS HD2  H  N N 232 
LYS HD3  H  N N 233 
LYS HE2  H  N N 234 
LYS HE3  H  N N 235 
LYS HZ1  H  N N 236 
LYS HZ2  H  N N 237 
LYS HZ3  H  N N 238 
LYS HXT  H  N N 239 
MET N    N  N N 240 
MET CA   C  N S 241 
MET C    C  N N 242 
MET O    O  N N 243 
MET CB   C  N N 244 
MET CG   C  N N 245 
MET SD   S  N N 246 
MET CE   C  N N 247 
MET OXT  O  N N 248 
MET H    H  N N 249 
MET H2   H  N N 250 
MET HA   H  N N 251 
MET HB2  H  N N 252 
MET HB3  H  N N 253 
MET HG2  H  N N 254 
MET HG3  H  N N 255 
MET HE1  H  N N 256 
MET HE2  H  N N 257 
MET HE3  H  N N 258 
MET HXT  H  N N 259 
PHE N    N  N N 260 
PHE CA   C  N S 261 
PHE C    C  N N 262 
PHE O    O  N N 263 
PHE CB   C  N N 264 
PHE CG   C  Y N 265 
PHE CD1  C  Y N 266 
PHE CD2  C  Y N 267 
PHE CE1  C  Y N 268 
PHE CE2  C  Y N 269 
PHE CZ   C  Y N 270 
PHE OXT  O  N N 271 
PHE H    H  N N 272 
PHE H2   H  N N 273 
PHE HA   H  N N 274 
PHE HB2  H  N N 275 
PHE HB3  H  N N 276 
PHE HD1  H  N N 277 
PHE HD2  H  N N 278 
PHE HE1  H  N N 279 
PHE HE2  H  N N 280 
PHE HZ   H  N N 281 
PHE HXT  H  N N 282 
PRO N    N  N N 283 
PRO CA   C  N S 284 
PRO C    C  N N 285 
PRO O    O  N N 286 
PRO CB   C  N N 287 
PRO CG   C  N N 288 
PRO CD   C  N N 289 
PRO OXT  O  N N 290 
PRO H    H  N N 291 
PRO HA   H  N N 292 
PRO HB2  H  N N 293 
PRO HB3  H  N N 294 
PRO HG2  H  N N 295 
PRO HG3  H  N N 296 
PRO HD2  H  N N 297 
PRO HD3  H  N N 298 
PRO HXT  H  N N 299 
SER N    N  N N 300 
SER CA   C  N S 301 
SER C    C  N N 302 
SER O    O  N N 303 
SER CB   C  N N 304 
SER OG   O  N N 305 
SER OXT  O  N N 306 
SER H    H  N N 307 
SER H2   H  N N 308 
SER HA   H  N N 309 
SER HB2  H  N N 310 
SER HB3  H  N N 311 
SER HG   H  N N 312 
SER HXT  H  N N 313 
THR N    N  N N 314 
THR CA   C  N S 315 
THR C    C  N N 316 
THR O    O  N N 317 
THR CB   C  N R 318 
THR OG1  O  N N 319 
THR CG2  C  N N 320 
THR OXT  O  N N 321 
THR H    H  N N 322 
THR H2   H  N N 323 
THR HA   H  N N 324 
THR HB   H  N N 325 
THR HG1  H  N N 326 
THR HG21 H  N N 327 
THR HG22 H  N N 328 
THR HG23 H  N N 329 
THR HXT  H  N N 330 
TRP N    N  N N 331 
TRP CA   C  N S 332 
TRP C    C  N N 333 
TRP O    O  N N 334 
TRP CB   C  N N 335 
TRP CG   C  Y N 336 
TRP CD1  C  Y N 337 
TRP CD2  C  Y N 338 
TRP NE1  N  Y N 339 
TRP CE2  C  Y N 340 
TRP CE3  C  Y N 341 
TRP CZ2  C  Y N 342 
TRP CZ3  C  Y N 343 
TRP CH2  C  Y N 344 
TRP OXT  O  N N 345 
TRP H    H  N N 346 
TRP H2   H  N N 347 
TRP HA   H  N N 348 
TRP HB2  H  N N 349 
TRP HB3  H  N N 350 
TRP HD1  H  N N 351 
TRP HE1  H  N N 352 
TRP HE3  H  N N 353 
TRP HZ2  H  N N 354 
TRP HZ3  H  N N 355 
TRP HH2  H  N N 356 
TRP HXT  H  N N 357 
TYR N    N  N N 358 
TYR CA   C  N S 359 
TYR C    C  N N 360 
TYR O    O  N N 361 
TYR CB   C  N N 362 
TYR CG   C  Y N 363 
TYR CD1  C  Y N 364 
TYR CD2  C  Y N 365 
TYR CE1  C  Y N 366 
TYR CE2  C  Y N 367 
TYR CZ   C  Y N 368 
TYR OH   O  N N 369 
TYR OXT  O  N N 370 
TYR H    H  N N 371 
TYR H2   H  N N 372 
TYR HA   H  N N 373 
TYR HB2  H  N N 374 
TYR HB3  H  N N 375 
TYR HD1  H  N N 376 
TYR HD2  H  N N 377 
TYR HE1  H  N N 378 
TYR HE2  H  N N 379 
TYR HH   H  N N 380 
TYR HXT  H  N N 381 
VAL N    N  N N 382 
VAL CA   C  N S 383 
VAL C    C  N N 384 
VAL O    O  N N 385 
VAL CB   C  N N 386 
VAL CG1  C  N N 387 
VAL CG2  C  N N 388 
VAL OXT  O  N N 389 
VAL H    H  N N 390 
VAL H2   H  N N 391 
VAL HA   H  N N 392 
VAL HB   H  N N 393 
VAL HG11 H  N N 394 
VAL HG12 H  N N 395 
VAL HG13 H  N N 396 
VAL HG21 H  N N 397 
VAL HG22 H  N N 398 
VAL HG23 H  N N 399 
VAL HXT  H  N N 400 
ZN  ZN   ZN N N 401 
# 
loop_
_chem_comp_bond.comp_id 
_chem_comp_bond.atom_id_1 
_chem_comp_bond.atom_id_2 
_chem_comp_bond.value_order 
_chem_comp_bond.pdbx_aromatic_flag 
_chem_comp_bond.pdbx_stereo_config 
_chem_comp_bond.pdbx_ordinal 
ALA N   CA   sing N N 1   
ALA N   H    sing N N 2   
ALA N   H2   sing N N 3   
ALA CA  C    sing N N 4   
ALA CA  CB   sing N N 5   
ALA CA  HA   sing N N 6   
ALA C   O    doub N N 7   
ALA C   OXT  sing N N 8   
ALA CB  HB1  sing N N 9   
ALA CB  HB2  sing N N 10  
ALA CB  HB3  sing N N 11  
ALA OXT HXT  sing N N 12  
ARG N   CA   sing N N 13  
ARG N   H    sing N N 14  
ARG N   H2   sing N N 15  
ARG CA  C    sing N N 16  
ARG CA  CB   sing N N 17  
ARG CA  HA   sing N N 18  
ARG C   O    doub N N 19  
ARG C   OXT  sing N N 20  
ARG CB  CG   sing N N 21  
ARG CB  HB2  sing N N 22  
ARG CB  HB3  sing N N 23  
ARG CG  CD   sing N N 24  
ARG CG  HG2  sing N N 25  
ARG CG  HG3  sing N N 26  
ARG CD  NE   sing N N 27  
ARG CD  HD2  sing N N 28  
ARG CD  HD3  sing N N 29  
ARG NE  CZ   sing N N 30  
ARG NE  HE   sing N N 31  
ARG CZ  NH1  sing N N 32  
ARG CZ  NH2  doub N N 33  
ARG NH1 HH11 sing N N 34  
ARG NH1 HH12 sing N N 35  
ARG NH2 HH21 sing N N 36  
ARG NH2 HH22 sing N N 37  
ARG OXT HXT  sing N N 38  
ASN N   CA   sing N N 39  
ASN N   H    sing N N 40  
ASN N   H2   sing N N 41  
ASN CA  C    sing N N 42  
ASN CA  CB   sing N N 43  
ASN CA  HA   sing N N 44  
ASN C   O    doub N N 45  
ASN C   OXT  sing N N 46  
ASN CB  CG   sing N N 47  
ASN CB  HB2  sing N N 48  
ASN CB  HB3  sing N N 49  
ASN CG  OD1  doub N N 50  
ASN CG  ND2  sing N N 51  
ASN ND2 HD21 sing N N 52  
ASN ND2 HD22 sing N N 53  
ASN OXT HXT  sing N N 54  
ASP N   CA   sing N N 55  
ASP N   H    sing N N 56  
ASP N   H2   sing N N 57  
ASP CA  C    sing N N 58  
ASP CA  CB   sing N N 59  
ASP CA  HA   sing N N 60  
ASP C   O    doub N N 61  
ASP C   OXT  sing N N 62  
ASP CB  CG   sing N N 63  
ASP CB  HB2  sing N N 64  
ASP CB  HB3  sing N N 65  
ASP CG  OD1  doub N N 66  
ASP CG  OD2  sing N N 67  
ASP OD2 HD2  sing N N 68  
ASP OXT HXT  sing N N 69  
BME C1  C2   sing N N 70  
BME C1  O1   sing N N 71  
BME C1  H11  sing N N 72  
BME C1  H12  sing N N 73  
BME C2  S2   sing N N 74  
BME C2  H21  sing N N 75  
BME C2  H22  sing N N 76  
BME O1  HO1  sing N N 77  
BME S2  HS2  sing N N 78  
CYS N   CA   sing N N 79  
CYS N   H    sing N N 80  
CYS N   H2   sing N N 81  
CYS CA  C    sing N N 82  
CYS CA  CB   sing N N 83  
CYS CA  HA   sing N N 84  
CYS C   O    doub N N 85  
CYS C   OXT  sing N N 86  
CYS CB  SG   sing N N 87  
CYS CB  HB2  sing N N 88  
CYS CB  HB3  sing N N 89  
CYS SG  HG   sing N N 90  
CYS OXT HXT  sing N N 91  
GLN N   CA   sing N N 92  
GLN N   H    sing N N 93  
GLN N   H2   sing N N 94  
GLN CA  C    sing N N 95  
GLN CA  CB   sing N N 96  
GLN CA  HA   sing N N 97  
GLN C   O    doub N N 98  
GLN C   OXT  sing N N 99  
GLN CB  CG   sing N N 100 
GLN CB  HB2  sing N N 101 
GLN CB  HB3  sing N N 102 
GLN CG  CD   sing N N 103 
GLN CG  HG2  sing N N 104 
GLN CG  HG3  sing N N 105 
GLN CD  OE1  doub N N 106 
GLN CD  NE2  sing N N 107 
GLN NE2 HE21 sing N N 108 
GLN NE2 HE22 sing N N 109 
GLN OXT HXT  sing N N 110 
GLU N   CA   sing N N 111 
GLU N   H    sing N N 112 
GLU N   H2   sing N N 113 
GLU CA  C    sing N N 114 
GLU CA  CB   sing N N 115 
GLU CA  HA   sing N N 116 
GLU C   O    doub N N 117 
GLU C   OXT  sing N N 118 
GLU CB  CG   sing N N 119 
GLU CB  HB2  sing N N 120 
GLU CB  HB3  sing N N 121 
GLU CG  CD   sing N N 122 
GLU CG  HG2  sing N N 123 
GLU CG  HG3  sing N N 124 
GLU CD  OE1  doub N N 125 
GLU CD  OE2  sing N N 126 
GLU OE2 HE2  sing N N 127 
GLU OXT HXT  sing N N 128 
GLY N   CA   sing N N 129 
GLY N   H    sing N N 130 
GLY N   H2   sing N N 131 
GLY CA  C    sing N N 132 
GLY CA  HA2  sing N N 133 
GLY CA  HA3  sing N N 134 
GLY C   O    doub N N 135 
GLY C   OXT  sing N N 136 
GLY OXT HXT  sing N N 137 
HIS N   CA   sing N N 138 
HIS N   H    sing N N 139 
HIS N   H2   sing N N 140 
HIS CA  C    sing N N 141 
HIS CA  CB   sing N N 142 
HIS CA  HA   sing N N 143 
HIS C   O    doub N N 144 
HIS C   OXT  sing N N 145 
HIS CB  CG   sing N N 146 
HIS CB  HB2  sing N N 147 
HIS CB  HB3  sing N N 148 
HIS CG  ND1  sing Y N 149 
HIS CG  CD2  doub Y N 150 
HIS ND1 CE1  doub Y N 151 
HIS ND1 HD1  sing N N 152 
HIS CD2 NE2  sing Y N 153 
HIS CD2 HD2  sing N N 154 
HIS CE1 NE2  sing Y N 155 
HIS CE1 HE1  sing N N 156 
HIS NE2 HE2  sing N N 157 
HIS OXT HXT  sing N N 158 
HOH O   H1   sing N N 159 
HOH O   H2   sing N N 160 
ILE N   CA   sing N N 161 
ILE N   H    sing N N 162 
ILE N   H2   sing N N 163 
ILE CA  C    sing N N 164 
ILE CA  CB   sing N N 165 
ILE CA  HA   sing N N 166 
ILE C   O    doub N N 167 
ILE C   OXT  sing N N 168 
ILE CB  CG1  sing N N 169 
ILE CB  CG2  sing N N 170 
ILE CB  HB   sing N N 171 
ILE CG1 CD1  sing N N 172 
ILE CG1 HG12 sing N N 173 
ILE CG1 HG13 sing N N 174 
ILE CG2 HG21 sing N N 175 
ILE CG2 HG22 sing N N 176 
ILE CG2 HG23 sing N N 177 
ILE CD1 HD11 sing N N 178 
ILE CD1 HD12 sing N N 179 
ILE CD1 HD13 sing N N 180 
ILE OXT HXT  sing N N 181 
LEU N   CA   sing N N 182 
LEU N   H    sing N N 183 
LEU N   H2   sing N N 184 
LEU CA  C    sing N N 185 
LEU CA  CB   sing N N 186 
LEU CA  HA   sing N N 187 
LEU C   O    doub N N 188 
LEU C   OXT  sing N N 189 
LEU CB  CG   sing N N 190 
LEU CB  HB2  sing N N 191 
LEU CB  HB3  sing N N 192 
LEU CG  CD1  sing N N 193 
LEU CG  CD2  sing N N 194 
LEU CG  HG   sing N N 195 
LEU CD1 HD11 sing N N 196 
LEU CD1 HD12 sing N N 197 
LEU CD1 HD13 sing N N 198 
LEU CD2 HD21 sing N N 199 
LEU CD2 HD22 sing N N 200 
LEU CD2 HD23 sing N N 201 
LEU OXT HXT  sing N N 202 
LYS N   CA   sing N N 203 
LYS N   H    sing N N 204 
LYS N   H2   sing N N 205 
LYS CA  C    sing N N 206 
LYS CA  CB   sing N N 207 
LYS CA  HA   sing N N 208 
LYS C   O    doub N N 209 
LYS C   OXT  sing N N 210 
LYS CB  CG   sing N N 211 
LYS CB  HB2  sing N N 212 
LYS CB  HB3  sing N N 213 
LYS CG  CD   sing N N 214 
LYS CG  HG2  sing N N 215 
LYS CG  HG3  sing N N 216 
LYS CD  CE   sing N N 217 
LYS CD  HD2  sing N N 218 
LYS CD  HD3  sing N N 219 
LYS CE  NZ   sing N N 220 
LYS CE  HE2  sing N N 221 
LYS CE  HE3  sing N N 222 
LYS NZ  HZ1  sing N N 223 
LYS NZ  HZ2  sing N N 224 
LYS NZ  HZ3  sing N N 225 
LYS OXT HXT  sing N N 226 
MET N   CA   sing N N 227 
MET N   H    sing N N 228 
MET N   H2   sing N N 229 
MET CA  C    sing N N 230 
MET CA  CB   sing N N 231 
MET CA  HA   sing N N 232 
MET C   O    doub N N 233 
MET C   OXT  sing N N 234 
MET CB  CG   sing N N 235 
MET CB  HB2  sing N N 236 
MET CB  HB3  sing N N 237 
MET CG  SD   sing N N 238 
MET CG  HG2  sing N N 239 
MET CG  HG3  sing N N 240 
MET SD  CE   sing N N 241 
MET CE  HE1  sing N N 242 
MET CE  HE2  sing N N 243 
MET CE  HE3  sing N N 244 
MET OXT HXT  sing N N 245 
PHE N   CA   sing N N 246 
PHE N   H    sing N N 247 
PHE N   H2   sing N N 248 
PHE CA  C    sing N N 249 
PHE CA  CB   sing N N 250 
PHE CA  HA   sing N N 251 
PHE C   O    doub N N 252 
PHE C   OXT  sing N N 253 
PHE CB  CG   sing N N 254 
PHE CB  HB2  sing N N 255 
PHE CB  HB3  sing N N 256 
PHE CG  CD1  doub Y N 257 
PHE CG  CD2  sing Y N 258 
PHE CD1 CE1  sing Y N 259 
PHE CD1 HD1  sing N N 260 
PHE CD2 CE2  doub Y N 261 
PHE CD2 HD2  sing N N 262 
PHE CE1 CZ   doub Y N 263 
PHE CE1 HE1  sing N N 264 
PHE CE2 CZ   sing Y N 265 
PHE CE2 HE2  sing N N 266 
PHE CZ  HZ   sing N N 267 
PHE OXT HXT  sing N N 268 
PRO N   CA   sing N N 269 
PRO N   CD   sing N N 270 
PRO N   H    sing N N 271 
PRO CA  C    sing N N 272 
PRO CA  CB   sing N N 273 
PRO CA  HA   sing N N 274 
PRO C   O    doub N N 275 
PRO C   OXT  sing N N 276 
PRO CB  CG   sing N N 277 
PRO CB  HB2  sing N N 278 
PRO CB  HB3  sing N N 279 
PRO CG  CD   sing N N 280 
PRO CG  HG2  sing N N 281 
PRO CG  HG3  sing N N 282 
PRO CD  HD2  sing N N 283 
PRO CD  HD3  sing N N 284 
PRO OXT HXT  sing N N 285 
SER N   CA   sing N N 286 
SER N   H    sing N N 287 
SER N   H2   sing N N 288 
SER CA  C    sing N N 289 
SER CA  CB   sing N N 290 
SER CA  HA   sing N N 291 
SER C   O    doub N N 292 
SER C   OXT  sing N N 293 
SER CB  OG   sing N N 294 
SER CB  HB2  sing N N 295 
SER CB  HB3  sing N N 296 
SER OG  HG   sing N N 297 
SER OXT HXT  sing N N 298 
THR N   CA   sing N N 299 
THR N   H    sing N N 300 
THR N   H2   sing N N 301 
THR CA  C    sing N N 302 
THR CA  CB   sing N N 303 
THR CA  HA   sing N N 304 
THR C   O    doub N N 305 
THR C   OXT  sing N N 306 
THR CB  OG1  sing N N 307 
THR CB  CG2  sing N N 308 
THR CB  HB   sing N N 309 
THR OG1 HG1  sing N N 310 
THR CG2 HG21 sing N N 311 
THR CG2 HG22 sing N N 312 
THR CG2 HG23 sing N N 313 
THR OXT HXT  sing N N 314 
TRP N   CA   sing N N 315 
TRP N   H    sing N N 316 
TRP N   H2   sing N N 317 
TRP CA  C    sing N N 318 
TRP CA  CB   sing N N 319 
TRP CA  HA   sing N N 320 
TRP C   O    doub N N 321 
TRP C   OXT  sing N N 322 
TRP CB  CG   sing N N 323 
TRP CB  HB2  sing N N 324 
TRP CB  HB3  sing N N 325 
TRP CG  CD1  doub Y N 326 
TRP CG  CD2  sing Y N 327 
TRP CD1 NE1  sing Y N 328 
TRP CD1 HD1  sing N N 329 
TRP CD2 CE2  doub Y N 330 
TRP CD2 CE3  sing Y N 331 
TRP NE1 CE2  sing Y N 332 
TRP NE1 HE1  sing N N 333 
TRP CE2 CZ2  sing Y N 334 
TRP CE3 CZ3  doub Y N 335 
TRP CE3 HE3  sing N N 336 
TRP CZ2 CH2  doub Y N 337 
TRP CZ2 HZ2  sing N N 338 
TRP CZ3 CH2  sing Y N 339 
TRP CZ3 HZ3  sing N N 340 
TRP CH2 HH2  sing N N 341 
TRP OXT HXT  sing N N 342 
TYR N   CA   sing N N 343 
TYR N   H    sing N N 344 
TYR N   H2   sing N N 345 
TYR CA  C    sing N N 346 
TYR CA  CB   sing N N 347 
TYR CA  HA   sing N N 348 
TYR C   O    doub N N 349 
TYR C   OXT  sing N N 350 
TYR CB  CG   sing N N 351 
TYR CB  HB2  sing N N 352 
TYR CB  HB3  sing N N 353 
TYR CG  CD1  doub Y N 354 
TYR CG  CD2  sing Y N 355 
TYR CD1 CE1  sing Y N 356 
TYR CD1 HD1  sing N N 357 
TYR CD2 CE2  doub Y N 358 
TYR CD2 HD2  sing N N 359 
TYR CE1 CZ   doub Y N 360 
TYR CE1 HE1  sing N N 361 
TYR CE2 CZ   sing Y N 362 
TYR CE2 HE2  sing N N 363 
TYR CZ  OH   sing N N 364 
TYR OH  HH   sing N N 365 
TYR OXT HXT  sing N N 366 
VAL N   CA   sing N N 367 
VAL N   H    sing N N 368 
VAL N   H2   sing N N 369 
VAL CA  C    sing N N 370 
VAL CA  CB   sing N N 371 
VAL CA  HA   sing N N 372 
VAL C   O    doub N N 373 
VAL C   OXT  sing N N 374 
VAL CB  CG1  sing N N 375 
VAL CB  CG2  sing N N 376 
VAL CB  HB   sing N N 377 
VAL CG1 HG11 sing N N 378 
VAL CG1 HG12 sing N N 379 
VAL CG1 HG13 sing N N 380 
VAL CG2 HG21 sing N N 381 
VAL CG2 HG22 sing N N 382 
VAL CG2 HG23 sing N N 383 
VAL OXT HXT  sing N N 384 
# 
_pdbx_audit_support.funding_organization   'Not funded' 
_pdbx_audit_support.country                ? 
_pdbx_audit_support.grant_number           ? 
_pdbx_audit_support.ordinal                1 
# 
loop_
_pdbx_entity_instance_feature.ordinal 
_pdbx_entity_instance_feature.comp_id 
_pdbx_entity_instance_feature.asym_id 
_pdbx_entity_instance_feature.seq_num 
_pdbx_entity_instance_feature.auth_comp_id 
_pdbx_entity_instance_feature.auth_asym_id 
_pdbx_entity_instance_feature.auth_seq_num 
_pdbx_entity_instance_feature.feature_type 
_pdbx_entity_instance_feature.details 
1 BME ? ? BME ? ? 'SUBJECT OF INVESTIGATION' ? 
2 ZN  ? ? ZN  ? ? 'SUBJECT OF INVESTIGATION' ? 
# 
_pdbx_initial_refinement_model.id               1 
_pdbx_initial_refinement_model.entity_id_list   ? 
_pdbx_initial_refinement_model.type             'experimental model' 
_pdbx_initial_refinement_model.source_name      PDB 
_pdbx_initial_refinement_model.accession_code   4N27 
_pdbx_initial_refinement_model.details          ? 
# 
_atom_sites.entry_id                    7ZW9 
_atom_sites.Cartn_transf_matrix[1][1]   ? 
_atom_sites.Cartn_transf_matrix[1][2]   ? 
_atom_sites.Cartn_transf_matrix[1][3]   ? 
_atom_sites.Cartn_transf_matrix[2][1]   ? 
_atom_sites.Cartn_transf_matrix[2][2]   ? 
_atom_sites.Cartn_transf_matrix[2][3]   ? 
_atom_sites.Cartn_transf_matrix[3][1]   ? 
_atom_sites.Cartn_transf_matrix[3][2]   ? 
_atom_sites.Cartn_transf_matrix[3][3]   ? 
_atom_sites.Cartn_transf_vector[1]      ? 
_atom_sites.Cartn_transf_vector[2]      ? 
_atom_sites.Cartn_transf_vector[3]      ? 
_atom_sites.fract_transf_matrix[1][1]   -0.01183431 
_atom_sites.fract_transf_matrix[1][2]   0.00407263 
_atom_sites.fract_transf_matrix[1][3]   -0.00273836 
_atom_sites.fract_transf_matrix[2][1]   -0.01012561 
_atom_sites.fract_transf_matrix[2][2]   -0.00725456 
_atom_sites.fract_transf_matrix[2][3]   0.00299845 
_atom_sites.fract_transf_matrix[3][1]   -0.00110975 
_atom_sites.fract_transf_matrix[3][2]   0.00916504 
_atom_sites.fract_transf_matrix[3][3]   0.01842668 
_atom_sites.fract_transf_vector[1]      0.485058 
_atom_sites.fract_transf_vector[2]      0.205793 
_atom_sites.fract_transf_vector[3]      1.005546 
_atom_sites.solution_primary            ? 
_atom_sites.solution_secondary          ? 
_atom_sites.solution_hydrogens          ? 
_atom_sites.special_details             ? 
# 
loop_
_atom_type.symbol 
C  
N  
O  
S  
ZN 
# 
loop_
_atom_site.group_PDB 
_atom_site.id 
_atom_site.type_symbol 
_atom_site.label_atom_id 
_atom_site.label_alt_id 
_atom_site.label_comp_id 
_atom_site.label_asym_id 
_atom_site.label_entity_id 
_atom_site.label_seq_id 
_atom_site.pdbx_PDB_ins_code 
_atom_site.Cartn_x 
_atom_site.Cartn_y 
_atom_site.Cartn_z 
_atom_site.occupancy 
_atom_site.B_iso_or_equiv 
_atom_site.pdbx_formal_charge 
_atom_site.auth_seq_id 
_atom_site.auth_comp_id 
_atom_site.auth_asym_id 
_atom_site.auth_atom_id 
_atom_site.pdbx_PDB_model_num 
ATOM   1    N  N   . MET A 1 37  ? -8.808  9.111   17.467  1.00 37.68 ? 1   MET A N   1 
ATOM   2    C  CA  . MET A 1 37  ? -8.300  8.371   16.270  1.00 38.75 ? 1   MET A CA  1 
ATOM   3    C  C   . MET A 1 37  ? -8.770  6.919   16.201  1.00 37.82 ? 1   MET A C   1 
ATOM   4    O  O   . MET A 1 37  ? -9.365  6.403   17.145  1.00 38.00 ? 1   MET A O   1 
ATOM   5    C  CB  . MET A 1 37  ? -6.770  8.405   16.231  1.00 40.55 ? 1   MET A CB  1 
ATOM   6    C  CG  . MET A 1 37  ? -6.193  9.742   15.780  1.00 42.07 ? 1   MET A CG  1 
ATOM   7    S  SD  . MET A 1 37  ? -4.401  9.706   15.730  1.00 47.42 ? 1   MET A SD  1 
ATOM   8    C  CE  . MET A 1 37  ? -4.104  8.973   14.111  1.00 43.96 ? 1   MET A CE  1 
ATOM   9    N  N   . THR A 1 38  ? -8.491  6.265   15.072  1.00 35.24 ? 2   THR A N   1 
ATOM   10   C  CA  . THR A 1 38  ? -8.897  4.884   14.881  1.00 32.20 ? 2   THR A CA  1 
ATOM   11   C  C   . THR A 1 38  ? -7.733  3.884   14.863  1.00 29.51 ? 2   THR A C   1 
ATOM   12   O  O   . THR A 1 38  ? -7.626  3.045   13.962  1.00 27.06 ? 2   THR A O   1 
ATOM   13   C  CB  . THR A 1 38  ? -9.738  4.721   13.589  1.00 33.94 ? 2   THR A CB  1 
ATOM   14   O  OG1 . THR A 1 38  ? -9.130  5.458   12.516  1.00 36.95 ? 2   THR A OG1 1 
ATOM   15   C  CG2 . THR A 1 38  ? -11.152 5.219   13.809  1.00 33.37 ? 2   THR A CG2 1 
ATOM   16   N  N   . ILE A 1 39  ? -6.866  3.990   15.863  1.00 26.25 ? 3   ILE A N   1 
ATOM   17   C  CA  . ILE A 1 39  ? -5.726  3.103   16.010  1.00 25.20 ? 3   ILE A CA  1 
ATOM   18   C  C   . ILE A 1 39  ? -6.138  2.148   17.108  1.00 24.90 ? 3   ILE A C   1 
ATOM   19   O  O   . ILE A 1 39  ? -6.409  2.564   18.246  1.00 26.37 ? 3   ILE A O   1 
ATOM   20   C  CB  . ILE A 1 39  ? -4.476  3.856   16.417  1.00 24.51 ? 3   ILE A CB  1 
ATOM   21   C  CG1 . ILE A 1 39  ? -4.043  4.777   15.271  1.00 26.07 ? 3   ILE A CG1 1 
ATOM   22   C  CG2 . ILE A 1 39  ? -3.365  2.873   16.745  1.00 24.20 ? 3   ILE A CG2 1 
ATOM   23   C  CD1 . ILE A 1 39  ? -2.889  5.684   15.618  1.00 26.56 ? 3   ILE A CD1 1 
ATOM   24   N  N   . TYR A 1 40  ? -6.161  0.867   16.776  1.00 21.44 ? 4   TYR A N   1 
ATOM   25   C  CA  . TYR A 1 40  ? -6.637  -0.136  17.698  1.00 19.96 ? 4   TYR A CA  1 
ATOM   26   C  C   . TYR A 1 40  ? -5.677  -1.237  18.015  1.00 20.38 ? 4   TYR A C   1 
ATOM   27   O  O   . TYR A 1 40  ? -4.920  -1.705  17.171  1.00 20.44 ? 4   TYR A O   1 
ATOM   28   C  CB  . TYR A 1 40  ? -7.911  -0.786  17.155  1.00 18.69 ? 4   TYR A CB  1 
ATOM   29   C  CG  . TYR A 1 40  ? -9.126  0.095   17.029  1.00 19.97 ? 4   TYR A CG  1 
ATOM   30   C  CD1 . TYR A 1 40  ? -10.029 0.204   18.087  1.00 20.18 ? 4   TYR A CD1 1 
ATOM   31   C  CD2 . TYR A 1 40  ? -9.451  0.715   15.821  1.00 20.61 ? 4   TYR A CD2 1 
ATOM   32   C  CE1 . TYR A 1 40  ? -11.233 0.880   17.951  1.00 22.88 ? 4   TYR A CE1 1 
ATOM   33   C  CE2 . TYR A 1 40  ? -10.673 1.422   15.668  1.00 23.41 ? 4   TYR A CE2 1 
ATOM   34   C  CZ  . TYR A 1 40  ? -11.562 1.487   16.746  1.00 25.17 ? 4   TYR A CZ  1 
ATOM   35   O  OH  . TYR A 1 40  ? -12.787 2.108   16.626  1.00 27.01 ? 4   TYR A OH  1 
ATOM   36   N  N   . LYS A 1 41  ? -5.737  -1.677  19.260  1.00 21.31 ? 5   LYS A N   1 
ATOM   37   C  CA  . LYS A 1 41  ? -4.950  -2.784  19.733  1.00 22.37 ? 5   LYS A CA  1 
ATOM   38   C  C   . LYS A 1 41  ? -5.936  -3.958  19.722  1.00 22.00 ? 5   LYS A C   1 
ATOM   39   O  O   . LYS A 1 41  ? -7.065  -3.808  20.165  1.00 21.88 ? 5   LYS A O   1 
ATOM   40   C  CB  . LYS A 1 41  ? -4.475  -2.488  21.143  1.00 25.64 ? 5   LYS A CB  1 
ATOM   41   C  CG  . LYS A 1 41  ? -3.832  -3.630  21.821  1.00 30.54 ? 5   LYS A CG  1 
ATOM   42   C  CD  . LYS A 1 41  ? -3.658  -3.290  23.280  1.00 33.88 ? 5   LYS A CD  1 
ATOM   43   C  CE  . LYS A 1 41  ? -3.180  -4.483  24.046  1.00 34.55 ? 5   LYS A CE  1 
ATOM   44   N  NZ  . LYS A 1 41  ? -1.735  -4.722  23.816  1.00 38.52 ? 5   LYS A NZ  1 
ATOM   45   N  N   . LEU A 1 42  ? -5.530  -5.103  19.171  1.00 20.23 ? 6   LEU A N   1 
ATOM   46   C  CA  . LEU A 1 42  ? -6.391  -6.278  19.120  1.00 19.62 ? 6   LEU A CA  1 
ATOM   47   C  C   . LEU A 1 42  ? -5.718  -7.381  19.929  1.00 21.15 ? 6   LEU A C   1 
ATOM   48   O  O   . LEU A 1 42  ? -4.661  -7.886  19.555  1.00 17.81 ? 6   LEU A O   1 
ATOM   49   C  CB  . LEU A 1 42  ? -6.597  -6.763  17.669  1.00 19.02 ? 6   LEU A CB  1 
ATOM   50   C  CG  . LEU A 1 42  ? -7.472  -8.009  17.494  1.00 18.89 ? 6   LEU A CG  1 
ATOM   51   C  CD1 . LEU A 1 42  ? -8.895  -7.720  17.942  1.00 16.85 ? 6   LEU A CD1 1 
ATOM   52   C  CD2 . LEU A 1 42  ? -7.471  -8.438  16.028  1.00 18.52 ? 6   LEU A CD2 1 
ATOM   53   N  N   . GLY A 1 43  ? -6.349  -7.753  21.040  1.00 22.45 ? 7   GLY A N   1 
ATOM   54   C  CA  . GLY A 1 43  ? -5.768  -8.765  21.888  1.00 23.83 ? 7   GLY A CA  1 
ATOM   55   C  C   . GLY A 1 43  ? -4.524  -8.141  22.474  1.00 24.74 ? 7   GLY A C   1 
ATOM   56   O  O   . GLY A 1 43  ? -4.599  -7.125  23.153  1.00 26.85 ? 7   GLY A O   1 
ATOM   57   N  N   . GLU A 1 44  ? -3.370  -8.720  22.188  1.00 25.14 ? 8   GLU A N   1 
ATOM   58   C  CA  . GLU A 1 44  ? -2.139  -8.175  22.718  1.00 26.94 ? 8   GLU A CA  1 
ATOM   59   C  C   . GLU A 1 44  ? -1.340  -7.478  21.639  1.00 26.16 ? 8   GLU A C   1 
ATOM   60   O  O   . GLU A 1 44  ? -0.288  -6.901  21.915  1.00 26.55 ? 8   GLU A O   1 
ATOM   61   C  CB  . GLU A 1 44  ? -1.316  -9.296  23.338  1.00 28.10 ? 8   GLU A CB  1 
ATOM   62   C  CG  . GLU A 1 44  ? -2.162  -10.136 24.258  1.00 33.25 ? 8   GLU A CG  1 
ATOM   63   C  CD  . GLU A 1 44  ? -1.351  -11.046 25.130  1.00 33.43 ? 8   GLU A CD  1 
ATOM   64   O  OE1 . GLU A 1 44  ? -0.523  -11.797 24.579  1.00 39.07 ? 8   GLU A OE1 1 
ATOM   65   O  OE2 . GLU A 1 44  ? -1.542  -11.014 26.356  1.00 32.52 ? 8   GLU A OE2 1 
ATOM   66   N  N   . ASN A 1 45  ? -1.847  -7.540  20.413  1.00 24.59 ? 9   ASN A N   1 
ATOM   67   C  CA  . ASN A 1 45  ? -1.165  -6.933  19.286  1.00 24.62 ? 9   ASN A CA  1 
ATOM   68   C  C   . ASN A 1 45  ? -1.543  -5.492  19.034  1.00 23.83 ? 9   ASN A C   1 
ATOM   69   O  O   . ASN A 1 45  ? -2.688  -5.178  18.699  1.00 22.62 ? 9   ASN A O   1 
ATOM   70   C  CB  . ASN A 1 45  ? -1.419  -7.737  18.031  1.00 24.53 ? 9   ASN A CB  1 
ATOM   71   C  CG  . ASN A 1 45  ? -0.904  -9.136  18.142  1.00 26.23 ? 9   ASN A CG  1 
ATOM   72   O  OD1 . ASN A 1 45  ? 0.228   -9.355  18.579  1.00 26.60 ? 9   ASN A OD1 1 
ATOM   73   N  ND2 . ASN A 1 45  ? -1.722  -10.107 17.730  1.00 26.61 ? 9   ASN A ND2 1 
ATOM   74   N  N   . ALA A 1 46  ? -0.557  -4.618  19.185  1.00 23.42 ? 10  ALA A N   1 
ATOM   75   C  CA  . ALA A 1 46  ? -0.770  -3.202  18.957  1.00 22.92 ? 10  ALA A CA  1 
ATOM   76   C  C   . ALA A 1 46  ? 0.103   -2.745  17.798  1.00 21.75 ? 10  ALA A C   1 
ATOM   77   O  O   . ALA A 1 46  ? 1.234   -3.187  17.653  1.00 21.59 ? 10  ALA A O   1 
ATOM   78   C  CB  . ALA A 1 46  ? -0.424  -2.419  20.205  1.00 24.09 ? 10  ALA A CB  1 
ATOM   79   N  N   . PRO A 1 47  ? -0.431  -1.848  16.950  1.00 21.23 ? 11  PRO A N   1 
ATOM   80   C  CA  . PRO A 1 47  ? 0.288   -1.318  15.793  1.00 19.86 ? 11  PRO A CA  1 
ATOM   81   C  C   . PRO A 1 47  ? 1.638   -0.689  16.160  1.00 19.61 ? 11  PRO A C   1 
ATOM   82   O  O   . PRO A 1 47  ? 1.795   -0.115  17.223  1.00 20.31 ? 11  PRO A O   1 
ATOM   83   C  CB  . PRO A 1 47  ? -0.688  -0.280  15.234  1.00 20.05 ? 11  PRO A CB  1 
ATOM   84   C  CG  . PRO A 1 47  ? -2.026  -0.868  15.577  1.00 19.91 ? 11  PRO A CG  1 
ATOM   85   C  CD  . PRO A 1 47  ? -1.817  -1.343  16.984  1.00 18.30 ? 11  PRO A CD  1 
ATOM   86   N  N   . SER A 1 48  ? 2.607   -0.806  15.269  1.00 19.09 ? 12  SER A N   1 
ATOM   87   C  CA  . SER A 1 48  ? 3.919   -0.191  15.479  1.00 18.62 ? 12  SER A CA  1 
ATOM   88   C  C   . SER A 1 48  ? 4.009   0.892   14.405  1.00 19.50 ? 12  SER A C   1 
ATOM   89   O  O   . SER A 1 48  ? 4.191   0.586   13.216  1.00 17.03 ? 12  SER A O   1 
ATOM   90   C  CB  . SER A 1 48  ? 5.030   -1.221  15.294  1.00 20.19 ? 12  SER A CB  1 
ATOM   91   O  OG  . SER A 1 48  ? 6.285   -0.581  15.188  1.00 23.09 ? 12  SER A OG  1 
ATOM   92   N  N   . ILE A 1 49  ? 3.847   2.144   14.835  1.00 18.37 ? 13  ILE A N   1 
ATOM   93   C  CA  . ILE A 1 49  ? 3.837   3.302   13.956  1.00 20.00 ? 13  ILE A CA  1 
ATOM   94   C  C   . ILE A 1 49  ? 4.990   4.289   14.213  1.00 21.71 ? 13  ILE A C   1 
ATOM   95   O  O   . ILE A 1 49  ? 5.109   4.837   15.304  1.00 22.32 ? 13  ILE A O   1 
ATOM   96   C  CB  . ILE A 1 49  ? 2.495   4.080   14.107  1.00 18.54 ? 13  ILE A CB  1 
ATOM   97   C  CG1 . ILE A 1 49  ? 1.309   3.126   13.866  1.00 18.73 ? 13  ILE A CG1 1 
ATOM   98   C  CG2 . ILE A 1 49  ? 2.436   5.242   13.127  1.00 17.04 ? 13  ILE A CG2 1 
ATOM   99   C  CD1 . ILE A 1 49  ? -0.056  3.709   14.278  1.00 16.72 ? 13  ILE A CD1 1 
ATOM   100  N  N   . HIS A 1 50  ? 5.817   4.519   13.204  1.00 20.65 ? 14  HIS A N   1 
ATOM   101  C  CA  . HIS A 1 50  ? 6.931   5.456   13.350  1.00 23.49 ? 14  HIS A CA  1 
ATOM   102  C  C   . HIS A 1 50  ? 6.372   6.871   13.511  1.00 24.06 ? 14  HIS A C   1 
ATOM   103  O  O   . HIS A 1 50  ? 5.424   7.244   12.822  1.00 23.87 ? 14  HIS A O   1 
ATOM   104  C  CB  . HIS A 1 50  ? 7.832   5.399   12.126  1.00 23.23 ? 14  HIS A CB  1 
ATOM   105  C  CG  . HIS A 1 50  ? 9.119   6.140   12.290  1.00 25.69 ? 14  HIS A CG  1 
ATOM   106  N  ND1 . HIS A 1 50  ? 9.238   7.492   12.049  1.00 24.47 ? 14  HIS A ND1 1 
ATOM   107  C  CD2 . HIS A 1 50  ? 10.348  5.714   12.692  1.00 23.89 ? 14  HIS A CD2 1 
ATOM   108  C  CE1 . HIS A 1 50  ? 10.486  7.866   12.295  1.00 25.25 ? 14  HIS A CE1 1 
ATOM   109  N  NE2 . HIS A 1 50  ? 11.174  6.809   12.687  1.00 22.25 ? 14  HIS A NE2 1 
ATOM   110  N  N   . GLU A 1 51  ? 6.959   7.643   14.425  1.00 23.84 ? 15  GLU A N   1 
ATOM   111  C  CA  . GLU A 1 51  ? 6.497   8.998   14.695  1.00 24.93 ? 15  GLU A CA  1 
ATOM   112  C  C   . GLU A 1 51  ? 6.291   9.875   13.454  1.00 22.74 ? 15  GLU A C   1 
ATOM   113  O  O   . GLU A 1 51  ? 5.430   10.745  13.452  1.00 22.80 ? 15  GLU A O   1 
ATOM   114  C  CB  . GLU A 1 51  ? 7.474   9.707   15.638  1.00 29.60 ? 15  GLU A CB  1 
ATOM   115  C  CG  . GLU A 1 51  ? 8.860   9.851   15.059  1.00 37.55 ? 15  GLU A CG  1 
ATOM   116  C  CD  . GLU A 1 51  ? 9.736   10.813  15.845  1.00 44.01 ? 15  GLU A CD  1 
ATOM   117  O  OE1 . GLU A 1 51  ? 9.237   11.914  16.185  1.00 47.75 ? 15  GLU A OE1 1 
ATOM   118  O  OE2 . GLU A 1 51  ? 10.915  10.472  16.115  1.00 45.69 ? 15  GLU A OE2 1 
ATOM   119  N  N   . SER A 1 52  ? 7.095   9.666   12.416  1.00 20.37 ? 16  SER A N   1 
ATOM   120  C  CA  . SER A 1 52  ? 7.002   10.469  11.201  1.00 20.12 ? 16  SER A CA  1 
ATOM   121  C  C   . SER A 1 52  ? 5.804   10.112  10.329  1.00 19.13 ? 16  SER A C   1 
ATOM   122  O  O   . SER A 1 52  ? 5.534   10.773  9.327   1.00 18.46 ? 16  SER A O   1 
ATOM   123  C  CB  . SER A 1 52  ? 8.253   10.272  10.362  1.00 20.57 ? 16  SER A CB  1 
ATOM   124  O  OG  . SER A 1 52  ? 8.293   8.927   9.915   1.00 21.26 ? 16  SER A OG  1 
ATOM   125  N  N   . VAL A 1 53  ? 5.106   9.057   10.696  1.00 18.55 ? 17  VAL A N   1 
ATOM   126  C  CA  . VAL A 1 53  ? 3.983   8.606   9.901   1.00 18.02 ? 17  VAL A CA  1 
ATOM   127  C  C   . VAL A 1 53  ? 2.783   9.537   9.988   1.00 18.19 ? 17  VAL A C   1 
ATOM   128  O  O   . VAL A 1 53  ? 2.530   10.167  11.007  1.00 19.15 ? 17  VAL A O   1 
ATOM   129  C  CB  . VAL A 1 53  ? 3.581   7.166   10.327  1.00 17.23 ? 17  VAL A CB  1 
ATOM   130  C  CG1 . VAL A 1 53  ? 2.317   6.703   9.588   1.00 13.38 ? 17  VAL A CG1 1 
ATOM   131  C  CG2 . VAL A 1 53  ? 4.731   6.211   10.042  1.00 15.40 ? 17  VAL A CG2 1 
ATOM   132  N  N   . PHE A 1 54  ? 2.073   9.691   8.889   1.00 17.69 ? 18  PHE A N   1 
ATOM   133  C  CA  . PHE A 1 54  ? 0.857   10.480  8.943   1.00 15.10 ? 18  PHE A CA  1 
ATOM   134  C  C   . PHE A 1 54  ? -0.264  9.460   8.889   1.00 16.49 ? 18  PHE A C   1 
ATOM   135  O  O   . PHE A 1 54  ? -0.349  8.671   7.939   1.00 15.93 ? 18  PHE A O   1 
ATOM   136  C  CB  . PHE A 1 54  ? 0.713   11.411  7.761   1.00 14.60 ? 18  PHE A CB  1 
ATOM   137  C  CG  . PHE A 1 54  ? -0.689  11.926  7.568   1.00 16.61 ? 18  PHE A CG  1 
ATOM   138  C  CD1 . PHE A 1 54  ? -1.351  12.613  8.589   1.00 17.52 ? 18  PHE A CD1 1 
ATOM   139  C  CD2 . PHE A 1 54  ? -1.357  11.704  6.379   1.00 15.52 ? 18  PHE A CD2 1 
ATOM   140  C  CE1 . PHE A 1 54  ? -2.654  13.067  8.425   1.00 18.03 ? 18  PHE A CE1 1 
ATOM   141  C  CE2 . PHE A 1 54  ? -2.657  12.141  6.193   1.00 17.56 ? 18  PHE A CE2 1 
ATOM   142  C  CZ  . PHE A 1 54  ? -3.318  12.826  7.217   1.00 19.04 ? 18  PHE A CZ  1 
ATOM   143  N  N   . VAL A 1 55  ? -1.105  9.443   9.917   1.00 15.28 ? 19  VAL A N   1 
ATOM   144  C  CA  . VAL A 1 55  ? -2.253  8.556   9.954   1.00 16.83 ? 19  VAL A CA  1 
ATOM   145  C  C   . VAL A 1 55  ? -3.487  9.449   10.088  1.00 18.73 ? 19  VAL A C   1 
ATOM   146  O  O   . VAL A 1 55  ? -3.688  10.070  11.138  1.00 18.54 ? 19  VAL A O   1 
ATOM   147  C  CB  . VAL A 1 55  ? -2.225  7.572   11.173  1.00 18.82 ? 19  VAL A CB  1 
ATOM   148  C  CG1 . VAL A 1 55  ? -3.449  6.644   11.139  1.00 16.43 ? 19  VAL A CG1 1 
ATOM   149  C  CG2 . VAL A 1 55  ? -0.921  6.720   11.172  1.00 16.74 ? 19  VAL A CG2 1 
ATOM   150  N  N   . ALA A 1 56  ? -4.288  9.536   9.020   1.00 18.09 ? 20  ALA A N   1 
ATOM   151  C  CA  . ALA A 1 56  ? -5.511  10.334  9.037   1.00 20.11 ? 20  ALA A CA  1 
ATOM   152  C  C   . ALA A 1 56  ? -6.399  9.844   10.174  1.00 21.78 ? 20  ALA A C   1 
ATOM   153  O  O   . ALA A 1 56  ? -6.399  8.655   10.473  1.00 21.33 ? 20  ALA A O   1 
ATOM   154  C  CB  . ALA A 1 56  ? -6.250  10.182  7.711   1.00 21.87 ? 20  ALA A CB  1 
ATOM   155  N  N   . ASP A 1 57  ? -7.138  10.763  10.813  1.00 24.17 ? 21  ASP A N   1 
ATOM   156  C  CA  . ASP A 1 57  ? -8.030  10.408  11.922  1.00 25.15 ? 21  ASP A CA  1 
ATOM   157  C  C   . ASP A 1 57  ? -9.007  9.281   11.586  1.00 24.96 ? 21  ASP A C   1 
ATOM   158  O  O   . ASP A 1 57  ? -9.343  8.481   12.456  1.00 26.23 ? 21  ASP A O   1 
ATOM   159  C  CB  . ASP A 1 57  ? -8.843  11.614  12.389  1.00 30.63 ? 21  ASP A CB  1 
ATOM   160  C  CG  . ASP A 1 57  ? -7.985  12.695  13.020  1.00 34.52 ? 21  ASP A CG  1 
ATOM   161  O  OD1 . ASP A 1 57  ? -7.015  12.347  13.723  1.00 34.61 ? 21  ASP A OD1 1 
ATOM   162  O  OD2 . ASP A 1 57  ? -8.290  13.893  12.824  1.00 38.05 ? 21  ASP A OD2 1 
ATOM   163  N  N   . SER A 1 58  ? -9.457  9.220   10.333  1.00 22.70 ? 22  SER A N   1 
ATOM   164  C  CA  . SER A 1 58  ? -10.393 8.174   9.935   1.00 21.90 ? 22  SER A CA  1 
ATOM   165  C  C   . SER A 1 58  ? -9.705  6.932   9.341   1.00 21.49 ? 22  SER A C   1 
ATOM   166  O  O   . SER A 1 58  ? -10.363 6.053   8.799   1.00 21.13 ? 22  SER A O   1 
ATOM   167  C  CB  . SER A 1 58  ? -11.426 8.735   8.945   1.00 21.07 ? 22  SER A CB  1 
ATOM   168  O  OG  . SER A 1 58  ? -10.814 9.211   7.758   1.00 24.46 ? 22  SER A OG  1 
ATOM   169  N  N   . ALA A 1 59  ? -8.385  6.861   9.439   1.00 20.62 ? 23  ALA A N   1 
ATOM   170  C  CA  . ALA A 1 59  ? -7.655  5.702   8.928   1.00 20.91 ? 23  ALA A CA  1 
ATOM   171  C  C   . ALA A 1 59  ? -7.615  4.667   10.046  1.00 21.21 ? 23  ALA A C   1 
ATOM   172  O  O   . ALA A 1 59  ? -7.092  4.939   11.121  1.00 22.71 ? 23  ALA A O   1 
ATOM   173  C  CB  . ALA A 1 59  ? -6.238  6.098   8.524   1.00 18.30 ? 23  ALA A CB  1 
ATOM   174  N  N   . THR A 1 60  ? -8.161  3.482   9.795   1.00 17.89 ? 24  THR A N   1 
ATOM   175  C  CA  . THR A 1 60  ? -8.202  2.442   10.816  1.00 16.09 ? 24  THR A CA  1 
ATOM   176  C  C   . THR A 1 60  ? -6.969  1.535   10.797  1.00 16.13 ? 24  THR A C   1 
ATOM   177  O  O   . THR A 1 60  ? -6.661  0.931   9.766   1.00 16.35 ? 24  THR A O   1 
ATOM   178  C  CB  . THR A 1 60  ? -9.462  1.559   10.623  1.00 17.40 ? 24  THR A CB  1 
ATOM   179  O  OG1 . THR A 1 60  ? -10.625 2.392   10.694  1.00 16.84 ? 24  THR A OG1 1 
ATOM   180  C  CG2 . THR A 1 60  ? -9.533  0.467   11.698  1.00 16.76 ? 24  THR A CG2 1 
ATOM   181  N  N   . ILE A 1 61  ? -6.255  1.464   11.918  1.00 12.64 ? 25  ILE A N   1 
ATOM   182  C  CA  . ILE A 1 61  ? -5.072  0.601   12.002  1.00 14.01 ? 25  ILE A CA  1 
ATOM   183  C  C   . ILE A 1 61  ? -5.325  -0.374  13.165  1.00 14.66 ? 25  ILE A C   1 
ATOM   184  O  O   . ILE A 1 61  ? -5.452  0.043   14.319  1.00 14.29 ? 25  ILE A O   1 
ATOM   185  C  CB  . ILE A 1 61  ? -3.770  1.391   12.313  1.00 13.61 ? 25  ILE A CB  1 
ATOM   186  C  CG1 . ILE A 1 61  ? -3.689  2.679   11.484  1.00 13.76 ? 25  ILE A CG1 1 
ATOM   187  C  CG2 . ILE A 1 61  ? -2.570  0.525   11.996  1.00 12.55 ? 25  ILE A CG2 1 
ATOM   188  C  CD1 . ILE A 1 61  ? -3.462  2.432   9.979   1.00 14.13 ? 25  ILE A CD1 1 
ATOM   189  N  N   . VAL A 1 62  ? -5.407  -1.659  12.861  1.00 13.73 ? 26  VAL A N   1 
ATOM   190  C  CA  . VAL A 1 62  ? -5.695  -2.640  13.901  1.00 16.01 ? 26  VAL A CA  1 
ATOM   191  C  C   . VAL A 1 62  ? -4.688  -3.781  14.027  1.00 16.56 ? 26  VAL A C   1 
ATOM   192  O  O   . VAL A 1 62  ? -4.298  -4.372  13.034  1.00 13.92 ? 26  VAL A O   1 
ATOM   193  C  CB  . VAL A 1 62  ? -7.053  -3.323  13.650  1.00 16.94 ? 26  VAL A CB  1 
ATOM   194  C  CG1 . VAL A 1 62  ? -7.308  -4.372  14.723  1.00 17.19 ? 26  VAL A CG1 1 
ATOM   195  C  CG2 . VAL A 1 62  ? -8.177  -2.295  13.606  1.00 17.81 ? 26  VAL A CG2 1 
ATOM   196  N  N   . GLY A 1 63  ? -4.289  -4.084  15.261  1.00 17.49 ? 27  GLY A N   1 
ATOM   197  C  CA  . GLY A 1 63  ? -3.416  -5.230  15.479  1.00 17.36 ? 27  GLY A CA  1 
ATOM   198  C  C   . GLY A 1 63  ? -1.981  -5.281  14.987  1.00 18.89 ? 27  GLY A C   1 
ATOM   199  O  O   . GLY A 1 63  ? -1.197  -4.355  15.175  1.00 17.78 ? 27  GLY A O   1 
ATOM   200  N  N   . LYS A 1 64  ? -1.635  -6.396  14.356  1.00 20.51 ? 28  LYS A N   1 
ATOM   201  C  CA  . LYS A 1 64  ? -0.280  -6.598  13.883  1.00 20.69 ? 28  LYS A CA  1 
ATOM   202  C  C   . LYS A 1 64  ? 0.008   -5.799  12.648  1.00 19.85 ? 28  LYS A C   1 
ATOM   203  O  O   . LYS A 1 64  ? 0.028   -6.333  11.532  1.00 19.54 ? 28  LYS A O   1 
ATOM   204  C  CB  . LYS A 1 64  ? -0.026  -8.084  13.623  1.00 23.44 ? 28  LYS A CB  1 
ATOM   205  C  CG  . LYS A 1 64  ? -0.200  -8.927  14.854  1.00 27.54 ? 28  LYS A CG  1 
ATOM   206  C  CD  . LYS A 1 64  ? 0.309   -10.337 14.641  1.00 31.91 ? 28  LYS A CD  1 
ATOM   207  C  CE  . LYS A 1 64  ? -0.554  -11.118 13.671  1.00 33.68 ? 28  LYS A CE  1 
ATOM   208  N  NZ  . LYS A 1 64  ? -0.078  -12.548 13.667  1.00 37.04 ? 28  LYS A NZ  1 
ATOM   209  N  N   . VAL A 1 65  ? 0.232   -4.511  12.840  1.00 18.34 ? 29  VAL A N   1 
ATOM   210  C  CA  . VAL A 1 65  ? 0.539   -3.650  11.724  1.00 16.15 ? 29  VAL A CA  1 
ATOM   211  C  C   . VAL A 1 65  ? 1.814   -2.882  11.999  1.00 16.79 ? 29  VAL A C   1 
ATOM   212  O  O   . VAL A 1 65  ? 1.991   -2.361  13.091  1.00 18.98 ? 29  VAL A O   1 
ATOM   213  C  CB  . VAL A 1 65  ? -0.595  -2.660  11.469  1.00 14.79 ? 29  VAL A CB  1 
ATOM   214  C  CG1 . VAL A 1 65  ? -0.194  -1.700  10.365  1.00 13.22 ? 29  VAL A CG1 1 
ATOM   215  C  CG2 . VAL A 1 65  ? -1.901  -3.421  11.067  1.00 13.04 ? 29  VAL A CG2 1 
ATOM   216  N  N   . VAL A 1 66  ? 2.699   -2.799  11.011  1.00 16.31 ? 30  VAL A N   1 
ATOM   217  C  CA  . VAL A 1 66  ? 3.932   -2.032  11.137  1.00 16.49 ? 30  VAL A CA  1 
ATOM   218  C  C   . VAL A 1 66  ? 3.934   -0.928  10.069  1.00 17.30 ? 30  VAL A C   1 
ATOM   219  O  O   . VAL A 1 66  ? 3.882   -1.231  8.870   1.00 16.51 ? 30  VAL A O   1 
ATOM   220  C  CB  . VAL A 1 66  ? 5.193   -2.878  10.868  1.00 17.46 ? 30  VAL A CB  1 
ATOM   221  C  CG1 . VAL A 1 66  ? 6.443   -1.951  10.826  1.00 15.60 ? 30  VAL A CG1 1 
ATOM   222  C  CG2 . VAL A 1 66  ? 5.360   -3.938  11.938  1.00 18.11 ? 30  VAL A CG2 1 
ATOM   223  N  N   . LEU A 1 67  ? 4.014   0.333   10.492  1.00 16.18 ? 31  LEU A N   1 
ATOM   224  C  CA  . LEU A 1 67  ? 4.065   1.440   9.544   1.00 17.13 ? 31  LEU A CA  1 
ATOM   225  C  C   . LEU A 1 67  ? 5.433   2.095   9.718   1.00 18.55 ? 31  LEU A C   1 
ATOM   226  O  O   . LEU A 1 67  ? 5.707   2.724   10.747  1.00 16.66 ? 31  LEU A O   1 
ATOM   227  C  CB  . LEU A 1 67  ? 2.936   2.468   9.825   1.00 14.31 ? 31  LEU A CB  1 
ATOM   228  C  CG  . LEU A 1 67  ? 1.524   1.868   9.891   1.00 14.26 ? 31  LEU A CG  1 
ATOM   229  C  CD1 . LEU A 1 67  ? 0.493   2.966   10.032  1.00 12.40 ? 31  LEU A CD1 1 
ATOM   230  C  CD2 . LEU A 1 67  ? 1.256   1.038   8.633   1.00 14.07 ? 31  LEU A CD2 1 
ATOM   231  N  N   . GLU A 1 68  ? 6.276   1.947   8.705   1.00 20.29 ? 32  GLU A N   1 
ATOM   232  C  CA  . GLU A 1 68  ? 7.639   2.484   8.745   1.00 22.10 ? 32  GLU A CA  1 
ATOM   233  C  C   . GLU A 1 68  ? 7.743   3.979   8.507   1.00 22.36 ? 32  GLU A C   1 
ATOM   234  O  O   . GLU A 1 68  ? 6.794   4.614   8.033   1.00 22.58 ? 32  GLU A O   1 
ATOM   235  C  CB  . GLU A 1 68  ? 8.527   1.725   7.746   1.00 21.92 ? 32  GLU A CB  1 
ATOM   236  C  CG  . GLU A 1 68  ? 8.982   0.360   8.301   1.00 25.43 ? 32  GLU A CG  1 
ATOM   237  C  CD  . GLU A 1 68  ? 9.539   -0.603  7.250   1.00 28.87 ? 32  GLU A CD  1 
ATOM   238  O  OE1 . GLU A 1 68  ? 10.178  -0.166  6.246   1.00 29.82 ? 32  GLU A OE1 1 
ATOM   239  O  OE2 . GLU A 1 68  ? 9.337   -1.817  7.436   1.00 30.89 ? 32  GLU A OE2 1 
ATOM   240  N  N   . GLU A 1 69  ? 8.913   4.524   8.833   1.00 20.79 ? 33  GLU A N   1 
ATOM   241  C  CA  . GLU A 1 69  ? 9.217   5.928   8.668   1.00 20.59 ? 33  GLU A CA  1 
ATOM   242  C  C   . GLU A 1 69  ? 8.746   6.537   7.348   1.00 18.68 ? 33  GLU A C   1 
ATOM   243  O  O   . GLU A 1 69  ? 8.942   5.969   6.282   1.00 18.77 ? 33  GLU A O   1 
ATOM   244  C  CB  . GLU A 1 69  ? 10.734  6.128   8.800   1.00 22.38 ? 33  GLU A CB  1 
ATOM   245  C  CG  . GLU A 1 69  ? 11.175  7.517   8.452   1.00 26.61 ? 33  GLU A CG  1 
ATOM   246  C  CD  . GLU A 1 69  ? 12.567  7.839   8.966   1.00 29.67 ? 33  GLU A CD  1 
ATOM   247  O  OE1 . GLU A 1 69  ? 13.470  6.983   8.812   1.00 30.13 ? 33  GLU A OE1 1 
ATOM   248  O  OE2 . GLU A 1 69  ? 12.745  8.957   9.515   1.00 32.04 ? 33  GLU A OE2 1 
ATOM   249  N  N   . ASN A 1 70  ? 8.141   7.707   7.435   1.00 18.30 ? 34  ASN A N   1 
ATOM   250  C  CA  . ASN A 1 70  ? 7.631   8.423   6.272   1.00 19.31 ? 34  ASN A CA  1 
ATOM   251  C  C   . ASN A 1 70  ? 6.458   7.789   5.513   1.00 18.44 ? 34  ASN A C   1 
ATOM   252  O  O   . ASN A 1 70  ? 6.085   8.255   4.440   1.00 19.50 ? 34  ASN A O   1 
ATOM   253  C  CB  . ASN A 1 70  ? 8.776   8.735   5.309   1.00 21.93 ? 34  ASN A CB  1 
ATOM   254  C  CG  . ASN A 1 70  ? 9.721   9.787   5.871   1.00 24.03 ? 34  ASN A CG  1 
ATOM   255  O  OD1 . ASN A 1 70  ? 9.375   10.488  6.826   1.00 24.52 ? 34  ASN A OD1 1 
ATOM   256  N  ND2 . ASN A 1 70  ? 10.902  9.907   5.279   1.00 23.52 ? 34  ASN A ND2 1 
ATOM   257  N  N   . ALA A 1 71  ? 5.878   6.729   6.064   1.00 16.28 ? 35  ALA A N   1 
ATOM   258  C  CA  . ALA A 1 71  ? 4.722   6.111   5.422   1.00 15.72 ? 35  ALA A CA  1 
ATOM   259  C  C   . ALA A 1 71  ? 3.523   7.017   5.727   1.00 16.19 ? 35  ALA A C   1 
ATOM   260  O  O   . ALA A 1 71  ? 3.609   7.904   6.601   1.00 15.47 ? 35  ALA A O   1 
ATOM   261  C  CB  . ALA A 1 71  ? 4.477   4.722   5.989   1.00 14.85 ? 35  ALA A CB  1 
ATOM   262  N  N   . SER A 1 72  ? 2.413   6.811   5.016   1.00 15.33 ? 36  SER A N   1 
ATOM   263  C  CA  . SER A 1 72  ? 1.214   7.606   5.258   1.00 13.31 ? 36  SER A CA  1 
ATOM   264  C  C   . SER A 1 72  ? -0.043  6.809   4.873   1.00 14.07 ? 36  SER A C   1 
ATOM   265  O  O   . SER A 1 72  ? -0.059  6.105   3.844   1.00 13.50 ? 36  SER A O   1 
ATOM   266  C  CB  . SER A 1 72  ? 1.296   8.956   4.498   1.00 11.97 ? 36  SER A CB  1 
ATOM   267  O  OG  . SER A 1 72  ? 1.342   8.768   3.105   1.00 15.06 ? 36  SER A OG  1 
ATOM   268  N  N   . VAL A 1 73  ? -1.069  6.882   5.718   1.00 11.63 ? 37  VAL A N   1 
ATOM   269  C  CA  . VAL A 1 73  ? -2.325  6.164   5.512   1.00 13.39 ? 37  VAL A CA  1 
ATOM   270  C  C   . VAL A 1 73  ? -3.427  7.213   5.517   1.00 14.48 ? 37  VAL A C   1 
ATOM   271  O  O   . VAL A 1 73  ? -3.619  7.939   6.493   1.00 18.11 ? 37  VAL A O   1 
ATOM   272  C  CB  . VAL A 1 73  ? -2.554  5.108   6.637   1.00 12.60 ? 37  VAL A CB  1 
ATOM   273  C  CG1 . VAL A 1 73  ? -3.751  4.249   6.306   1.00 12.23 ? 37  VAL A CG1 1 
ATOM   274  C  CG2 . VAL A 1 73  ? -1.310  4.223   6.787   1.00 9.04  ? 37  VAL A CG2 1 
ATOM   275  N  N   . TRP A 1 74  ? -4.167  7.301   4.429   1.00 14.22 ? 38  TRP A N   1 
ATOM   276  C  CA  . TRP A 1 74  ? -5.163  8.343   4.321   1.00 12.47 ? 38  TRP A CA  1 
ATOM   277  C  C   . TRP A 1 74  ? -6.588  8.053   4.786   1.00 12.84 ? 38  TRP A C   1 
ATOM   278  O  O   . TRP A 1 74  ? -6.881  6.967   5.274   1.00 13.39 ? 38  TRP A O   1 
ATOM   279  C  CB  . TRP A 1 74  ? -5.078  8.894   2.895   1.00 14.85 ? 38  TRP A CB  1 
ATOM   280  C  CG  . TRP A 1 74  ? -3.628  9.347   2.614   1.00 15.39 ? 38  TRP A CG  1 
ATOM   281  C  CD1 . TRP A 1 74  ? -2.529  8.543   2.443   1.00 16.04 ? 38  TRP A CD1 1 
ATOM   282  C  CD2 . TRP A 1 74  ? -3.134  10.696  2.599   1.00 16.20 ? 38  TRP A CD2 1 
ATOM   283  N  NE1 . TRP A 1 74  ? -1.391  9.304   2.316   1.00 16.37 ? 38  TRP A NE1 1 
ATOM   284  C  CE2 . TRP A 1 74  ? -1.731  10.626  2.403   1.00 16.82 ? 38  TRP A CE2 1 
ATOM   285  C  CE3 . TRP A 1 74  ? -3.737  11.955  2.720   1.00 17.39 ? 38  TRP A CE3 1 
ATOM   286  C  CZ2 . TRP A 1 74  ? -0.921  11.770  2.349   1.00 17.57 ? 38  TRP A CZ2 1 
ATOM   287  C  CZ3 . TRP A 1 74  ? -2.925  13.098  2.662   1.00 16.06 ? 38  TRP A CZ3 1 
ATOM   288  C  CH2 . TRP A 1 74  ? -1.538  12.993  2.472   1.00 15.90 ? 38  TRP A CH2 1 
ATOM   289  N  N   . PHE A 1 75  ? -7.445  9.061   4.665   1.00 12.78 ? 39  PHE A N   1 
ATOM   290  C  CA  . PHE A 1 75  ? -8.821  8.999   5.125   1.00 13.67 ? 39  PHE A CA  1 
ATOM   291  C  C   . PHE A 1 75  ? -9.555  7.778   4.636   1.00 14.12 ? 39  PHE A C   1 
ATOM   292  O  O   . PHE A 1 75  ? -9.448  7.405   3.482   1.00 15.26 ? 39  PHE A O   1 
ATOM   293  C  CB  . PHE A 1 75  ? -9.569  10.255  4.663   1.00 13.40 ? 39  PHE A CB  1 
ATOM   294  C  CG  . PHE A 1 75  ? -8.828  11.526  4.940   1.00 13.93 ? 39  PHE A CG  1 
ATOM   295  C  CD1 . PHE A 1 75  ? -8.842  12.090  6.207   1.00 15.36 ? 39  PHE A CD1 1 
ATOM   296  C  CD2 . PHE A 1 75  ? -8.046  12.102  3.954   1.00 12.64 ? 39  PHE A CD2 1 
ATOM   297  C  CE1 . PHE A 1 75  ? -8.077  13.219  6.490   1.00 16.86 ? 39  PHE A CE1 1 
ATOM   298  C  CE2 . PHE A 1 75  ? -7.281  13.219  4.214   1.00 15.39 ? 39  PHE A CE2 1 
ATOM   299  C  CZ  . PHE A 1 75  ? -7.289  13.786  5.489   1.00 14.89 ? 39  PHE A CZ  1 
ATOM   300  N  N   . GLY A 1 76  ? -10.305 7.168   5.534   1.00 14.61 ? 40  GLY A N   1 
ATOM   301  C  CA  . GLY A 1 76  ? -11.070 5.997   5.143   1.00 13.95 ? 40  GLY A CA  1 
ATOM   302  C  C   . GLY A 1 76  ? -10.279 4.731   4.848   1.00 15.42 ? 40  GLY A C   1 
ATOM   303  O  O   . GLY A 1 76  ? -10.892 3.704   4.562   1.00 14.30 ? 40  GLY A O   1 
ATOM   304  N  N   . ALA A 1 77  ? -8.943  4.763   4.909   1.00 14.50 ? 41  ALA A N   1 
ATOM   305  C  CA  . ALA A 1 77  ? -8.201  3.518   4.629   1.00 13.77 ? 41  ALA A CA  1 
ATOM   306  C  C   . ALA A 1 77  ? -8.249  2.617   5.861   1.00 14.88 ? 41  ALA A C   1 
ATOM   307  O  O   . ALA A 1 77  ? -8.345  3.104   6.980   1.00 16.27 ? 41  ALA A O   1 
ATOM   308  C  CB  . ALA A 1 77  ? -6.766  3.818   4.267   1.00 12.63 ? 41  ALA A CB  1 
ATOM   309  N  N   . THR A 1 78  ? -8.197  1.311   5.655   1.00 14.10 ? 42  THR A N   1 
ATOM   310  C  CA  . THR A 1 78  ? -8.216  0.388   6.793   1.00 13.92 ? 42  THR A CA  1 
ATOM   311  C  C   . THR A 1 78  ? -7.151  -0.683  6.655   1.00 13.67 ? 42  THR A C   1 
ATOM   312  O  O   . THR A 1 78  ? -7.025  -1.334  5.611   1.00 13.45 ? 42  THR A O   1 
ATOM   313  C  CB  . THR A 1 78  ? -9.584  -0.283  6.932   1.00 13.91 ? 42  THR A CB  1 
ATOM   314  O  OG1 . THR A 1 78  ? -10.557 0.700   7.285   1.00 14.55 ? 42  THR A OG1 1 
ATOM   315  C  CG2 . THR A 1 78  ? -9.544  -1.364  8.019   1.00 16.08 ? 42  THR A CG2 1 
ATOM   316  N  N   . ILE A 1 79  ? -6.364  -0.866  7.702   1.00 11.32 ? 43  ILE A N   1 
ATOM   317  C  CA  . ILE A 1 79  ? -5.314  -1.854  7.704   1.00 11.84 ? 43  ILE A CA  1 
ATOM   318  C  C   . ILE A 1 79  ? -5.633  -2.774  8.876   1.00 14.38 ? 43  ILE A C   1 
ATOM   319  O  O   . ILE A 1 79  ? -5.438  -2.421  10.039  1.00 14.27 ? 43  ILE A O   1 
ATOM   320  C  CB  . ILE A 1 79  ? -3.954  -1.180  7.859   1.00 11.07 ? 43  ILE A CB  1 
ATOM   321  C  CG1 . ILE A 1 79  ? -3.811  -0.121  6.747   1.00 13.06 ? 43  ILE A CG1 1 
ATOM   322  C  CG2 . ILE A 1 79  ? -2.843  -2.218  7.803   1.00 13.73 ? 43  ILE A CG2 1 
ATOM   323  C  CD1 . ILE A 1 79  ? -2.445  0.543   6.636   1.00 11.56 ? 43  ILE A CD1 1 
ATOM   324  N  N   . ARG A 1 80  ? -6.164  -3.942  8.561   1.00 14.24 ? 44  ARG A N   1 
ATOM   325  C  CA  . ARG A 1 80  ? -6.588  -4.874  9.581   1.00 16.59 ? 44  ARG A CA  1 
ATOM   326  C  C   . ARG A 1 80  ? -5.605  -6.037  9.775   1.00 17.07 ? 44  ARG A C   1 
ATOM   327  O  O   . ARG A 1 80  ? -5.623  -7.011  9.018   1.00 15.79 ? 44  ARG A O   1 
ATOM   328  C  CB  . ARG A 1 80  ? -7.965  -5.389  9.230   1.00 15.62 ? 44  ARG A CB  1 
ATOM   329  C  CG  . ARG A 1 80  ? -8.657  -6.158  10.352  1.00 19.52 ? 44  ARG A CG  1 
ATOM   330  C  CD  . ARG A 1 80  ? -10.158 -6.269  10.045  1.00 21.01 ? 44  ARG A CD  1 
ATOM   331  N  NE  . ARG A 1 80  ? -10.500 -7.666  10.024  1.00 27.25 ? 44  ARG A NE  1 
ATOM   332  C  CZ  . ARG A 1 80  ? -11.293 -8.266  9.152   1.00 24.95 ? 44  ARG A CZ  1 
ATOM   333  N  NH1 . ARG A 1 80  ? -11.884 -7.592  8.172   1.00 23.66 ? 44  ARG A NH1 1 
ATOM   334  N  NH2 . ARG A 1 80  ? -11.458 -9.565  9.262   1.00 24.45 ? 44  ARG A NH2 1 
ATOM   335  N  N   . GLY A 1 81  ? -4.758  -5.895  10.800  1.00 16.26 ? 45  GLY A N   1 
ATOM   336  C  CA  . GLY A 1 81  ? -3.772  -6.922  11.090  1.00 17.11 ? 45  GLY A CA  1 
ATOM   337  C  C   . GLY A 1 81  ? -4.258  -7.940  12.114  1.00 19.27 ? 45  GLY A C   1 
ATOM   338  O  O   . GLY A 1 81  ? -3.645  -8.095  13.170  1.00 17.82 ? 45  GLY A O   1 
ATOM   339  N  N   . ASP A 1 82  ? -5.366  -8.622  11.821  1.00 19.42 ? 46  ASP A N   1 
ATOM   340  C  CA  . ASP A 1 82  ? -5.902  -9.616  12.751  1.00 21.24 ? 46  ASP A CA  1 
ATOM   341  C  C   . ASP A 1 82  ? -5.490  -11.059 12.433  1.00 23.30 ? 46  ASP A C   1 
ATOM   342  O  O   . ASP A 1 82  ? -5.636  -11.930 13.269  1.00 24.22 ? 46  ASP A O   1 
ATOM   343  C  CB  . ASP A 1 82  ? -7.428  -9.502  12.862  1.00 20.39 ? 46  ASP A CB  1 
ATOM   344  C  CG  . ASP A 1 82  ? -8.133  -9.734  11.541  1.00 20.59 ? 46  ASP A CG  1 
ATOM   345  O  OD1 . ASP A 1 82  ? -7.450  -9.903  10.516  1.00 20.61 ? 46  ASP A OD1 1 
ATOM   346  O  OD2 . ASP A 1 82  ? -9.383  -9.740  11.530  1.00 19.45 ? 46  ASP A OD2 1 
ATOM   347  N  N   . ASN A 1 83  ? -4.984  -11.314 11.228  1.00 23.75 ? 47  ASN A N   1 
ATOM   348  C  CA  . ASN A 1 83  ? -4.529  -12.668 10.888  1.00 24.44 ? 47  ASN A CA  1 
ATOM   349  C  C   . ASN A 1 83  ? -3.000  -12.571 10.839  1.00 25.01 ? 47  ASN A C   1 
ATOM   350  O  O   . ASN A 1 83  ? -2.332  -12.580 11.867  1.00 26.98 ? 47  ASN A O   1 
ATOM   351  C  CB  . ASN A 1 83  ? -5.080  -13.127 9.517   1.00 20.94 ? 47  ASN A CB  1 
ATOM   352  C  CG  . ASN A 1 83  ? -6.609  -13.317 9.520   1.00 24.87 ? 47  ASN A CG  1 
ATOM   353  O  OD1 . ASN A 1 83  ? -7.188  -13.932 10.429  1.00 23.22 ? 47  ASN A OD1 1 
ATOM   354  N  ND2 . ASN A 1 83  ? -7.269  -12.784 8.493   1.00 24.66 ? 47  ASN A ND2 1 
ATOM   355  N  N   . GLU A 1 84  ? -2.447  -12.433 9.644   1.00 24.02 ? 48  GLU A N   1 
ATOM   356  C  CA  . GLU A 1 84  ? -0.998  -12.317 9.509   1.00 22.15 ? 48  GLU A CA  1 
ATOM   357  C  C   . GLU A 1 84  ? -0.577  -10.854 9.648   1.00 21.20 ? 48  GLU A C   1 
ATOM   358  O  O   . GLU A 1 84  ? -1.391  -9.935  9.532   1.00 19.88 ? 48  GLU A O   1 
ATOM   359  C  CB  . GLU A 1 84  ? -0.549  -12.844 8.139   1.00 22.79 ? 48  GLU A CB  1 
ATOM   360  C  CG  . GLU A 1 84  ? -0.871  -14.318 7.884   1.00 24.36 ? 48  GLU A CG  1 
ATOM   361  C  CD  . GLU A 1 84  ? -0.074  -15.251 8.781   1.00 27.03 ? 48  GLU A CD  1 
ATOM   362  O  OE1 . GLU A 1 84  ? 0.990   -14.835 9.273   1.00 29.60 ? 48  GLU A OE1 1 
ATOM   363  O  OE2 . GLU A 1 84  ? -0.496  -16.404 8.980   1.00 29.16 ? 48  GLU A OE2 1 
ATOM   364  N  N   . PRO A 1 85  ? 0.712   -10.622 9.918   1.00 20.10 ? 49  PRO A N   1 
ATOM   365  C  CA  . PRO A 1 85  ? 1.222   -9.256  10.063  1.00 20.04 ? 49  PRO A CA  1 
ATOM   366  C  C   . PRO A 1 85  ? 1.105   -8.489  8.736   1.00 19.73 ? 49  PRO A C   1 
ATOM   367  O  O   . PRO A 1 85  ? 1.117   -9.086  7.659   1.00 18.46 ? 49  PRO A O   1 
ATOM   368  C  CB  . PRO A 1 85  ? 2.689   -9.462  10.439  1.00 21.33 ? 49  PRO A CB  1 
ATOM   369  C  CG  . PRO A 1 85  ? 2.698   -10.829 11.080  1.00 22.37 ? 49  PRO A CG  1 
ATOM   370  C  CD  . PRO A 1 85  ? 1.752   -11.622 10.240  1.00 19.80 ? 49  PRO A CD  1 
ATOM   371  N  N   . ILE A 1 86  ? 0.992   -7.168  8.831   1.00 18.40 ? 50  ILE A N   1 
ATOM   372  C  CA  . ILE A 1 86  ? 0.918   -6.291  7.664   1.00 16.88 ? 50  ILE A CA  1 
ATOM   373  C  C   . ILE A 1 86  ? 1.957   -5.218  7.863   1.00 17.22 ? 50  ILE A C   1 
ATOM   374  O  O   . ILE A 1 86  ? 1.940   -4.501  8.877   1.00 17.56 ? 50  ILE A O   1 
ATOM   375  C  CB  . ILE A 1 86  ? -0.436  -5.611  7.531   1.00 17.08 ? 50  ILE A CB  1 
ATOM   376  C  CG1 . ILE A 1 86  ? -1.508  -6.648  7.205   1.00 14.05 ? 50  ILE A CG1 1 
ATOM   377  C  CG2 . ILE A 1 86  ? -0.355  -4.532  6.439   1.00 14.38 ? 50  ILE A CG2 1 
ATOM   378  C  CD1 . ILE A 1 86  ? -2.924  -6.135  7.396   1.00 17.64 ? 50  ILE A CD1 1 
ATOM   379  N  N   . THR A 1 87  ? 2.857   -5.103  6.894   1.00 16.74 ? 51  THR A N   1 
ATOM   380  C  CA  . THR A 1 87  ? 3.939   -4.134  6.933   1.00 17.95 ? 51  THR A CA  1 
ATOM   381  C  C   . THR A 1 87  ? 3.859   -3.127  5.794   1.00 16.60 ? 51  THR A C   1 
ATOM   382  O  O   . THR A 1 87  ? 3.718   -3.503  4.624   1.00 17.23 ? 51  THR A O   1 
ATOM   383  C  CB  . THR A 1 87  ? 5.318   -4.850  6.842   1.00 18.94 ? 51  THR A CB  1 
ATOM   384  O  OG1 . THR A 1 87  ? 5.440   -5.794  7.913   1.00 24.62 ? 51  THR A OG1 1 
ATOM   385  C  CG2 . THR A 1 87  ? 6.460   -3.845  6.934   1.00 21.05 ? 51  THR A CG2 1 
ATOM   386  N  N   . VAL A 1 88  ? 3.947   -1.849  6.136   1.00 17.55 ? 52  VAL A N   1 
ATOM   387  C  CA  . VAL A 1 88  ? 3.940   -0.778  5.147   1.00 17.32 ? 52  VAL A CA  1 
ATOM   388  C  C   . VAL A 1 88  ? 5.330   -0.145  5.225   1.00 19.14 ? 52  VAL A C   1 
ATOM   389  O  O   . VAL A 1 88  ? 5.669   0.554   6.195   1.00 19.17 ? 52  VAL A O   1 
ATOM   390  C  CB  . VAL A 1 88  ? 2.860   0.293   5.421   1.00 17.60 ? 52  VAL A CB  1 
ATOM   391  C  CG1 . VAL A 1 88  ? 2.971   1.418   4.412   1.00 15.06 ? 52  VAL A CG1 1 
ATOM   392  C  CG2 . VAL A 1 88  ? 1.459   -0.327  5.317   1.00 15.74 ? 52  VAL A CG2 1 
ATOM   393  N  N   . GLY A 1 89  ? 6.117   -0.418  4.193   1.00 18.26 ? 53  GLY A N   1 
ATOM   394  C  CA  . GLY A 1 89  ? 7.482   0.069   4.114   1.00 18.49 ? 53  GLY A CA  1 
ATOM   395  C  C   . GLY A 1 89  ? 7.660   1.565   4.094   1.00 18.03 ? 53  GLY A C   1 
ATOM   396  O  O   . GLY A 1 89  ? 6.783   2.311   3.683   1.00 16.71 ? 53  GLY A O   1 
ATOM   397  N  N   . ALA A 1 90  ? 8.842   1.997   4.531   1.00 18.23 ? 54  ALA A N   1 
ATOM   398  C  CA  . ALA A 1 90  ? 9.176   3.408   4.602   1.00 16.43 ? 54  ALA A CA  1 
ATOM   399  C  C   . ALA A 1 90  ? 8.892   4.159   3.315   1.00 15.81 ? 54  ALA A C   1 
ATOM   400  O  O   . ALA A 1 90  ? 9.181   3.673   2.219   1.00 18.38 ? 54  ALA A O   1 
ATOM   401  C  CB  . ALA A 1 90  ? 10.667  3.571   4.998   1.00 19.44 ? 54  ALA A CB  1 
ATOM   402  N  N   . GLY A 1 91  ? 8.338   5.351   3.460   1.00 14.24 ? 55  GLY A N   1 
ATOM   403  C  CA  . GLY A 1 91  ? 8.036   6.181   2.314   1.00 15.11 ? 55  GLY A CA  1 
ATOM   404  C  C   . GLY A 1 91  ? 6.877   5.711   1.453   1.00 15.90 ? 55  GLY A C   1 
ATOM   405  O  O   . GLY A 1 91  ? 6.684   6.234   0.359   1.00 15.23 ? 55  GLY A O   1 
ATOM   406  N  N   . SER A 1 92  ? 6.105   4.737   1.945   1.00 15.33 ? 56  SER A N   1 
ATOM   407  C  CA  . SER A 1 92  ? 4.967   4.214   1.195   1.00 16.00 ? 56  SER A CA  1 
ATOM   408  C  C   . SER A 1 92  ? 3.632   4.798   1.672   1.00 17.26 ? 56  SER A C   1 
ATOM   409  O  O   . SER A 1 92  ? 3.441   5.049   2.859   1.00 17.56 ? 56  SER A O   1 
ATOM   410  C  CB  . SER A 1 92  ? 4.946   2.694   1.298   1.00 15.53 ? 56  SER A CB  1 
ATOM   411  O  OG  . SER A 1 92  ? 6.074   2.123   0.650   1.00 15.98 ? 56  SER A OG  1 
ATOM   412  N  N   . ASN A 1 93  ? 2.704   5.000   0.741   1.00 17.65 ? 57  ASN A N   1 
ATOM   413  C  CA  . ASN A 1 93  ? 1.411   5.566   1.095   1.00 16.04 ? 57  ASN A CA  1 
ATOM   414  C  C   . ASN A 1 93  ? 0.237   4.654   0.747   1.00 15.05 ? 57  ASN A C   1 
ATOM   415  O  O   . ASN A 1 93  ? 0.264   3.898   -0.244  1.00 15.02 ? 57  ASN A O   1 
ATOM   416  C  CB  . ASN A 1 93  ? 1.251   6.924   0.414   1.00 16.02 ? 57  ASN A CB  1 
ATOM   417  C  CG  . ASN A 1 93  ? 1.230   6.811   -1.100  1.00 19.88 ? 57  ASN A CG  1 
ATOM   418  O  OD1 . ASN A 1 93  ? 0.189   6.523   -1.703  1.00 19.96 ? 57  ASN A OD1 1 
ATOM   419  N  ND2 . ASN A 1 93  ? 2.384   7.014   -1.725  1.00 17.65 ? 57  ASN A ND2 1 
ATOM   420  N  N   . VAL A 1 94  ? -0.792  4.716   1.578   1.00 12.11 ? 58  VAL A N   1 
ATOM   421  C  CA  . VAL A 1 94  ? -1.993  3.912   1.425   1.00 11.97 ? 58  VAL A CA  1 
ATOM   422  C  C   . VAL A 1 94  ? -3.102  4.943   1.371   1.00 12.06 ? 58  VAL A C   1 
ATOM   423  O  O   . VAL A 1 94  ? -3.479  5.512   2.390   1.00 11.06 ? 58  VAL A O   1 
ATOM   424  C  CB  . VAL A 1 94  ? -2.170  2.985   2.624   1.00 11.47 ? 58  VAL A CB  1 
ATOM   425  C  CG1 . VAL A 1 94  ? -3.422  2.168   2.460   1.00 12.69 ? 58  VAL A CG1 1 
ATOM   426  C  CG2 . VAL A 1 94  ? -0.947  2.084   2.753   1.00 12.14 ? 58  VAL A CG2 1 
ATOM   427  N  N   . GLN A 1 95  ? -3.595  5.183   0.163   1.00 12.13 ? 59  GLN A N   1 
ATOM   428  C  CA  . GLN A 1 95  ? -4.605  6.214   -0.082  1.00 12.18 ? 59  GLN A CA  1 
ATOM   429  C  C   . GLN A 1 95  ? -6.046  5.958   0.350   1.00 11.15 ? 59  GLN A C   1 
ATOM   430  O  O   . GLN A 1 95  ? -6.380  4.867   0.788   1.00 11.06 ? 59  GLN A O   1 
ATOM   431  C  CB  . GLN A 1 95  ? -4.521  6.602   -1.578  1.00 12.33 ? 59  GLN A CB  1 
ATOM   432  C  CG  . GLN A 1 95  ? -3.217  7.367   -1.902  1.00 10.85 ? 59  GLN A CG  1 
ATOM   433  C  CD  . GLN A 1 95  ? -2.973  7.526   -3.399  1.00 14.32 ? 59  GLN A CD  1 
ATOM   434  O  OE1 . GLN A 1 95  ? -3.917  7.618   -4.179  1.00 17.43 ? 59  GLN A OE1 1 
ATOM   435  N  NE2 . GLN A 1 95  ? -1.710  7.563   -3.800  1.00 12.04 ? 59  GLN A NE2 1 
ATOM   436  N  N   . GLU A 1 96  ? -6.874  6.999   0.239   1.00 12.23 ? 60  GLU A N   1 
ATOM   437  C  CA  . GLU A 1 96  ? -8.283  6.959   0.650   1.00 12.41 ? 60  GLU A CA  1 
ATOM   438  C  C   . GLU A 1 96  ? -9.016  5.688   0.334   1.00 12.86 ? 60  GLU A C   1 
ATOM   439  O  O   . GLU A 1 96  ? -8.987  5.217   -0.803  1.00 13.53 ? 60  GLU A O   1 
ATOM   440  C  CB  . GLU A 1 96  ? -9.064  8.120   0.010   1.00 13.55 ? 60  GLU A CB  1 
ATOM   441  C  CG  . GLU A 1 96  ? -8.884  9.477   0.678   1.00 13.50 ? 60  GLU A CG  1 
ATOM   442  C  CD  . GLU A 1 96  ? -7.596  10.175  0.267   1.00 14.35 ? 60  GLU A CD  1 
ATOM   443  O  OE1 . GLU A 1 96  ? -6.900  9.708   -0.661  1.00 13.22 ? 60  GLU A OE1 1 
ATOM   444  O  OE2 . GLU A 1 96  ? -7.293  11.217  0.877   1.00 17.86 ? 60  GLU A OE2 1 
ATOM   445  N  N   . GLY A 1 97  ? -9.684  5.150   1.348   1.00 12.03 ? 61  GLY A N   1 
ATOM   446  C  CA  . GLY A 1 97  ? -10.489 3.946   1.184   1.00 12.69 ? 61  GLY A CA  1 
ATOM   447  C  C   . GLY A 1 97  ? -9.804  2.647   0.802   1.00 14.63 ? 61  GLY A C   1 
ATOM   448  O  O   . GLY A 1 97  ? -10.483 1.653   0.532   1.00 14.74 ? 61  GLY A O   1 
ATOM   449  N  N   . ALA A 1 98  ? -8.479  2.630   0.753   1.00 12.80 ? 62  ALA A N   1 
ATOM   450  C  CA  . ALA A 1 98  ? -7.805  1.385   0.428   1.00 13.03 ? 62  ALA A CA  1 
ATOM   451  C  C   . ALA A 1 98  ? -7.962  0.484   1.633   1.00 13.54 ? 62  ALA A C   1 
ATOM   452  O  O   . ALA A 1 98  ? -8.016  0.957   2.770   1.00 14.04 ? 62  ALA A O   1 
ATOM   453  C  CB  . ALA A 1 98  ? -6.324  1.637   0.150   1.00 14.30 ? 62  ALA A CB  1 
ATOM   454  N  N   . VAL A 1 99  ? -8.052  -0.815  1.395   1.00 12.37 ? 63  VAL A N   1 
ATOM   455  C  CA  . VAL A 1 99  ? -8.211  -1.775  2.474   1.00 11.48 ? 63  VAL A CA  1 
ATOM   456  C  C   . VAL A 1 99  ? -7.111  -2.814  2.371   1.00 12.72 ? 63  VAL A C   1 
ATOM   457  O  O   . VAL A 1 99  ? -6.947  -3.447  1.331   1.00 12.88 ? 63  VAL A O   1 
ATOM   458  C  CB  . VAL A 1 99  ? -9.581  -2.492  2.372   1.00 12.33 ? 63  VAL A CB  1 
ATOM   459  C  CG1 . VAL A 1 99  ? -9.695  -3.557  3.458   1.00 8.23  ? 63  VAL A CG1 1 
ATOM   460  C  CG2 . VAL A 1 99  ? -10.703 -1.470  2.484   1.00 7.68  ? 63  VAL A CG2 1 
ATOM   461  N  N   . LEU A 1 100 ? -6.357  -2.990  3.445   1.00 11.75 ? 64  LEU A N   1 
ATOM   462  C  CA  . LEU A 1 100 ? -5.271  -3.979  3.480   1.00 13.13 ? 64  LEU A CA  1 
ATOM   463  C  C   . LEU A 1 100 ? -5.663  -5.087  4.465   1.00 13.83 ? 64  LEU A C   1 
ATOM   464  O  O   . LEU A 1 100 ? -5.956  -4.813  5.646   1.00 13.43 ? 64  LEU A O   1 
ATOM   465  C  CB  . LEU A 1 100 ? -3.965  -3.325  3.953   1.00 13.11 ? 64  LEU A CB  1 
ATOM   466  C  CG  . LEU A 1 100 ? -3.160  -2.490  2.954   1.00 14.96 ? 64  LEU A CG  1 
ATOM   467  C  CD1 . LEU A 1 100 ? -4.057  -1.427  2.346   1.00 15.88 ? 64  LEU A CD1 1 
ATOM   468  C  CD2 . LEU A 1 100 ? -1.975  -1.839  3.641   1.00 12.97 ? 64  LEU A CD2 1 
ATOM   469  N  N   . HIS A 1 101 ? -5.699  -6.326  4.002   1.00 12.39 ? 65  HIS A N   1 
ATOM   470  C  CA  . HIS A 1 101 ? -6.049  -7.425  4.902   1.00 13.88 ? 65  HIS A CA  1 
ATOM   471  C  C   . HIS A 1 101 ? -5.216  -8.648  4.519   1.00 16.02 ? 65  HIS A C   1 
ATOM   472  O  O   . HIS A 1 101 ? -4.457  -8.614  3.548   1.00 14.86 ? 65  HIS A O   1 
ATOM   473  C  CB  . HIS A 1 101 ? -7.550  -7.752  4.812   1.00 11.81 ? 65  HIS A CB  1 
ATOM   474  C  CG  . HIS A 1 101 ? -8.041  -8.670  5.898   1.00 12.94 ? 65  HIS A CG  1 
ATOM   475  N  ND1 . HIS A 1 101 ? -9.089  -9.539  5.727   1.00 11.84 ? 65  HIS A ND1 1 
ATOM   476  C  CD2 . HIS A 1 101 ? -7.610  -8.854  7.175   1.00 13.95 ? 65  HIS A CD2 1 
ATOM   477  C  CE1 . HIS A 1 101 ? -9.280  -10.225 6.836   1.00 13.32 ? 65  HIS A CE1 1 
ATOM   478  N  NE2 . HIS A 1 101 ? -8.394  -9.829  7.730   1.00 13.55 ? 65  HIS A NE2 1 
ATOM   479  N  N   . THR A 1 102 ? -5.348  -9.709  5.294   1.00 15.59 ? 66  THR A N   1 
ATOM   480  C  CA  . THR A 1 102 ? -4.623  -10.941 5.027   1.00 19.26 ? 66  THR A CA  1 
ATOM   481  C  C   . THR A 1 102 ? -5.476  -12.113 5.495   1.00 18.95 ? 66  THR A C   1 
ATOM   482  O  O   . THR A 1 102 ? -6.530  -11.932 6.058   1.00 20.39 ? 66  THR A O   1 
ATOM   483  C  CB  . THR A 1 102 ? -3.342  -11.058 5.835   1.00 20.37 ? 66  THR A CB  1 
ATOM   484  O  OG1 . THR A 1 102 ? -3.703  -11.220 7.219   1.00 22.04 ? 66  THR A OG1 1 
ATOM   485  C  CG2 . THR A 1 102 ? -2.446  -9.832  5.666   1.00 18.47 ? 66  THR A CG2 1 
ATOM   486  N  N   . ASP A 1 103 ? -4.993  -13.305 5.224   1.00 20.57 ? 67  ASP A N   1 
ATOM   487  C  CA  . ASP A 1 103 ? -5.598  -14.547 5.661   1.00 21.50 ? 67  ASP A CA  1 
ATOM   488  C  C   . ASP A 1 103 ? -4.407  -15.318 6.204   1.00 22.55 ? 67  ASP A C   1 
ATOM   489  O  O   . ASP A 1 103 ? -3.259  -15.060 5.815   1.00 22.37 ? 67  ASP A O   1 
ATOM   490  C  CB  . ASP A 1 103 ? -6.179  -15.349 4.502   1.00 21.76 ? 67  ASP A CB  1 
ATOM   491  C  CG  . ASP A 1 103 ? -7.599  -14.941 4.165   1.00 21.94 ? 67  ASP A CG  1 
ATOM   492  O  OD1 . ASP A 1 103 ? -8.390  -14.678 5.096   1.00 20.30 ? 67  ASP A OD1 1 
ATOM   493  O  OD2 . ASP A 1 103 ? -7.925  -14.901 2.959   1.00 22.20 ? 67  ASP A OD2 1 
ATOM   494  N  N   . PRO A 1 104 ? -4.661  -16.282 7.095   1.00 23.94 ? 68  PRO A N   1 
ATOM   495  C  CA  . PRO A 1 104 ? -3.608  -17.110 7.700   1.00 23.09 ? 68  PRO A CA  1 
ATOM   496  C  C   . PRO A 1 104 ? -2.660  -17.619 6.635   1.00 22.57 ? 68  PRO A C   1 
ATOM   497  O  O   . PRO A 1 104 ? -3.085  -18.078 5.581   1.00 21.76 ? 68  PRO A O   1 
ATOM   498  C  CB  . PRO A 1 104 ? -4.398  -18.252 8.336   1.00 23.37 ? 68  PRO A CB  1 
ATOM   499  C  CG  . PRO A 1 104 ? -5.639  -17.555 8.774   1.00 25.25 ? 68  PRO A CG  1 
ATOM   500  C  CD  . PRO A 1 104 ? -5.991  -16.712 7.555   1.00 22.17 ? 68  PRO A CD  1 
ATOM   501  N  N   . GLY A 1 105 ? -1.368  -17.531 6.914   1.00 24.54 ? 69  GLY A N   1 
ATOM   502  C  CA  . GLY A 1 105 ? -0.368  -18.000 5.970   1.00 23.86 ? 69  GLY A CA  1 
ATOM   503  C  C   . GLY A 1 105 ? -0.133  -17.070 4.799   1.00 26.36 ? 69  GLY A C   1 
ATOM   504  O  O   . GLY A 1 105 ? 0.635   -17.415 3.896   1.00 27.62 ? 69  GLY A O   1 
ATOM   505  N  N   . CYS A 1 106 ? -0.773  -15.898 4.804   1.00 25.39 ? 70  CYS A N   1 
ATOM   506  C  CA  . CYS A 1 106 ? -0.625  -14.934 3.717   1.00 24.37 ? 70  CYS A CA  1 
ATOM   507  C  C   . CYS A 1 106 ? -0.322  -13.507 4.225   1.00 23.83 ? 70  CYS A C   1 
ATOM   508  O  O   . CYS A 1 106 ? -1.173  -12.629 4.148   1.00 24.59 ? 70  CYS A O   1 
ATOM   509  C  CB  . CYS A 1 106 ? -1.904  -14.904 2.868   1.00 23.90 ? 70  CYS A CB  1 
ATOM   510  S  SG  . CYS A 1 106 ? -2.446  -16.512 2.238   1.00 25.83 ? 70  CYS A SG  1 
ATOM   511  N  N   . PRO A 1 107 ? 0.887   -13.269 4.769   1.00 22.50 ? 71  PRO A N   1 
ATOM   512  C  CA  . PRO A 1 107 ? 1.216   -11.926 5.256   1.00 20.57 ? 71  PRO A CA  1 
ATOM   513  C  C   . PRO A 1 107 ? 1.216   -10.903 4.127   1.00 20.49 ? 71  PRO A C   1 
ATOM   514  O  O   . PRO A 1 107 ? 1.477   -11.227 2.969   1.00 20.19 ? 71  PRO A O   1 
ATOM   515  C  CB  . PRO A 1 107 ? 2.606   -12.097 5.878   1.00 19.96 ? 71  PRO A CB  1 
ATOM   516  C  CG  . PRO A 1 107 ? 3.186   -13.277 5.116   1.00 22.19 ? 71  PRO A CG  1 
ATOM   517  C  CD  . PRO A 1 107 ? 2.011   -14.210 4.983   1.00 22.30 ? 71  PRO A CD  1 
ATOM   518  N  N   . LEU A 1 108 ? 0.933   -9.660  4.465   1.00 19.72 ? 72  LEU A N   1 
ATOM   519  C  CA  . LEU A 1 108 ? 0.890   -8.596  3.473   1.00 18.93 ? 72  LEU A CA  1 
ATOM   520  C  C   . LEU A 1 108 ? 2.102   -7.725  3.730   1.00 19.20 ? 72  LEU A C   1 
ATOM   521  O  O   . LEU A 1 108 ? 2.263   -7.139  4.813   1.00 18.35 ? 72  LEU A O   1 
ATOM   522  C  CB  . LEU A 1 108 ? -0.415  -7.795  3.628   1.00 18.85 ? 72  LEU A CB  1 
ATOM   523  C  CG  . LEU A 1 108 ? -0.601  -6.515  2.809   1.00 22.12 ? 72  LEU A CG  1 
ATOM   524  C  CD1 . LEU A 1 108 ? -0.260  -6.736  1.354   1.00 21.57 ? 72  LEU A CD1 1 
ATOM   525  C  CD2 . LEU A 1 108 ? -2.057  -6.086  2.942   1.00 19.74 ? 72  LEU A CD2 1 
ATOM   526  N  N   . THR A 1 109 ? 2.970   -7.647  2.733   1.00 19.27 ? 73  THR A N   1 
ATOM   527  C  CA  . THR A 1 109 ? 4.184   -6.866  2.859   1.00 20.27 ? 73  THR A CA  1 
ATOM   528  C  C   . THR A 1 109 ? 4.279   -5.844  1.748   1.00 20.14 ? 73  THR A C   1 
ATOM   529  O  O   . THR A 1 109 ? 4.304   -6.184  0.574   1.00 21.62 ? 73  THR A O   1 
ATOM   530  C  CB  . THR A 1 109 ? 5.422   -7.778  2.808   1.00 21.89 ? 73  THR A CB  1 
ATOM   531  O  OG1 . THR A 1 109 ? 5.273   -8.834  3.761   1.00 25.68 ? 73  THR A OG1 1 
ATOM   532  C  CG2 . THR A 1 109 ? 6.665   -6.996  3.159   1.00 23.82 ? 73  THR A CG2 1 
ATOM   533  N  N   . ILE A 1 110 ? 4.313   -4.581  2.117   1.00 19.72 ? 74  ILE A N   1 
ATOM   534  C  CA  . ILE A 1 110 ? 4.420   -3.528  1.128   1.00 18.80 ? 74  ILE A CA  1 
ATOM   535  C  C   . ILE A 1 110 ? 5.821   -2.959  1.293   1.00 19.50 ? 74  ILE A C   1 
ATOM   536  O  O   . ILE A 1 110 ? 6.126   -2.356  2.326   1.00 19.42 ? 74  ILE A O   1 
ATOM   537  C  CB  . ILE A 1 110 ? 3.390   -2.450  1.401   1.00 18.56 ? 74  ILE A CB  1 
ATOM   538  C  CG1 . ILE A 1 110 ? 1.998   -3.010  1.152   1.00 17.75 ? 74  ILE A CG1 1 
ATOM   539  C  CG2 . ILE A 1 110 ? 3.672   -1.246  0.560   1.00 18.82 ? 74  ILE A CG2 1 
ATOM   540  C  CD1 . ILE A 1 110 ? 0.919   -2.141  1.685   1.00 20.91 ? 74  ILE A CD1 1 
ATOM   541  N  N   . ALA A 1 111 ? 6.661   -3.143  0.275   1.00 19.06 ? 75  ALA A N   1 
ATOM   542  C  CA  . ALA A 1 111 ? 8.051   -2.657  0.348   1.00 18.53 ? 75  ALA A CA  1 
ATOM   543  C  C   . ALA A 1 111 ? 8.136   -1.126  0.427   1.00 17.80 ? 75  ALA A C   1 
ATOM   544  O  O   . ALA A 1 111 ? 7.122   -0.423  0.324   1.00 17.74 ? 75  ALA A O   1 
ATOM   545  C  CB  . ALA A 1 111 ? 8.846   -3.158  -0.857  1.00 16.16 ? 75  ALA A CB  1 
ATOM   546  N  N   . PRO A 1 112 ? 9.352   -0.591  0.609   1.00 16.73 ? 76  PRO A N   1 
ATOM   547  C  CA  . PRO A 1 112 ? 9.543   0.855   0.699   1.00 16.05 ? 76  PRO A CA  1 
ATOM   548  C  C   . PRO A 1 112 ? 9.208   1.515   -0.623  1.00 17.78 ? 76  PRO A C   1 
ATOM   549  O  O   . PRO A 1 112 ? 9.168   0.850   -1.670  1.00 17.08 ? 76  PRO A O   1 
ATOM   550  C  CB  . PRO A 1 112 ? 11.043  0.991   1.010   1.00 18.48 ? 76  PRO A CB  1 
ATOM   551  C  CG  . PRO A 1 112 ? 11.355  -0.265  1.754   1.00 17.94 ? 76  PRO A CG  1 
ATOM   552  C  CD  . PRO A 1 112 ? 10.608  -1.300  0.922   1.00 17.37 ? 76  PRO A CD  1 
ATOM   553  N  N   . ASN A 1 113 ? 8.960   2.818   -0.563  1.00 16.52 ? 77  ASN A N   1 
ATOM   554  C  CA  . ASN A 1 113 ? 8.682   3.615   -1.740  1.00 18.96 ? 77  ASN A CA  1 
ATOM   555  C  C   . ASN A 1 113 ? 7.613   3.077   -2.672  1.00 20.00 ? 77  ASN A C   1 
ATOM   556  O  O   . ASN A 1 113 ? 7.794   3.038   -3.891  1.00 20.26 ? 77  ASN A O   1 
ATOM   557  C  CB  . ASN A 1 113 ? 9.969   3.803   -2.523  1.00 23.21 ? 77  ASN A CB  1 
ATOM   558  C  CG  . ASN A 1 113 ? 9.855   4.893   -3.570  1.00 26.78 ? 77  ASN A CG  1 
ATOM   559  O  OD1 . ASN A 1 113 ? 9.262   5.948   -3.324  1.00 27.10 ? 77  ASN A OD1 1 
ATOM   560  N  ND2 . ASN A 1 113 ? 10.423  4.643   -4.742  1.00 29.18 ? 77  ASN A ND2 1 
ATOM   561  N  N   . VAL A 1 114 ? 6.479   2.684   -2.105  1.00 18.45 ? 78  VAL A N   1 
ATOM   562  C  CA  . VAL A 1 114 ? 5.388   2.155   -2.900  1.00 15.80 ? 78  VAL A CA  1 
ATOM   563  C  C   . VAL A 1 114 ? 4.152   3.036   -2.747  1.00 16.66 ? 78  VAL A C   1 
ATOM   564  O  O   . VAL A 1 114 ? 3.911   3.605   -1.681  1.00 16.32 ? 78  VAL A O   1 
ATOM   565  C  CB  . VAL A 1 114 ? 5.057   0.733   -2.431  1.00 15.94 ? 78  VAL A CB  1 
ATOM   566  C  CG1 . VAL A 1 114 ? 3.796   0.230   -3.098  1.00 14.13 ? 78  VAL A CG1 1 
ATOM   567  C  CG2 . VAL A 1 114 ? 6.226   -0.193  -2.732  1.00 14.22 ? 78  VAL A CG2 1 
ATOM   568  N  N   . THR A 1 115 ? 3.383   3.185   -3.821  1.00 16.99 ? 79  THR A N   1 
ATOM   569  C  CA  . THR A 1 115 ? 2.138   3.955   -3.757  1.00 15.18 ? 79  THR A CA  1 
ATOM   570  C  C   . THR A 1 115 ? 0.974   2.962   -3.877  1.00 15.20 ? 79  THR A C   1 
ATOM   571  O  O   . THR A 1 115 ? 0.953   2.137   -4.802  1.00 14.67 ? 79  THR A O   1 
ATOM   572  C  CB  . THR A 1 115 ? 1.994   4.993   -4.918  1.00 15.55 ? 79  THR A CB  1 
ATOM   573  O  OG1 . THR A 1 115 ? 2.764   6.159   -4.645  1.00 18.07 ? 79  THR A OG1 1 
ATOM   574  C  CG2 . THR A 1 115 ? 0.514   5.411   -5.090  1.00 15.06 ? 79  THR A CG2 1 
ATOM   575  N  N   . VAL A 1 116 ? 0.030   3.016   -2.939  1.00 12.74 ? 80  VAL A N   1 
ATOM   576  C  CA  . VAL A 1 116 ? -1.173  2.171   -3.009  1.00 13.32 ? 80  VAL A CA  1 
ATOM   577  C  C   . VAL A 1 116 ? -2.282  3.182   -3.257  1.00 13.66 ? 80  VAL A C   1 
ATOM   578  O  O   . VAL A 1 116 ? -2.630  3.974   -2.384  1.00 14.83 ? 80  VAL A O   1 
ATOM   579  C  CB  . VAL A 1 116 ? -1.446  1.387   -1.678  1.00 13.85 ? 80  VAL A CB  1 
ATOM   580  C  CG1 . VAL A 1 116 ? -2.711  0.566   -1.810  1.00 14.34 ? 80  VAL A CG1 1 
ATOM   581  C  CG2 . VAL A 1 116 ? -0.266  0.421   -1.375  1.00 14.32 ? 80  VAL A CG2 1 
ATOM   582  N  N   . GLY A 1 117 ? -2.834  3.163   -4.456  1.00 13.59 ? 81  GLY A N   1 
ATOM   583  C  CA  . GLY A 1 117 ? -3.853  4.138   -4.814  1.00 10.03 ? 81  GLY A CA  1 
ATOM   584  C  C   . GLY A 1 117 ? -5.203  4.062   -4.138  1.00 11.48 ? 81  GLY A C   1 
ATOM   585  O  O   . GLY A 1 117 ? -5.558  3.065   -3.502  1.00 12.06 ? 81  GLY A O   1 
ATOM   586  N  N   . HIS A 1 118 ? -5.957  5.141   -4.296  1.00 10.09 ? 82  HIS A N   1 
ATOM   587  C  CA  . HIS A 1 118 ? -7.284  5.271   -3.729  1.00 11.47 ? 82  HIS A CA  1 
ATOM   588  C  C   . HIS A 1 118 ? -8.115  4.045   -3.993  1.00 12.53 ? 82  HIS A C   1 
ATOM   589  O  O   . HIS A 1 118 ? -8.167  3.545   -5.121  1.00 13.90 ? 82  HIS A O   1 
ATOM   590  C  CB  . HIS A 1 118 ? -8.043  6.431   -4.370  1.00 11.27 ? 82  HIS A CB  1 
ATOM   591  C  CG  . HIS A 1 118 ? -7.265  7.701   -4.461  1.00 10.37 ? 82  HIS A CG  1 
ATOM   592  N  ND1 . HIS A 1 118 ? -7.121  8.559   -3.393  1.00 13.54 ? 82  HIS A ND1 1 
ATOM   593  C  CD2 . HIS A 1 118 ? -6.681  8.309   -5.513  1.00 11.98 ? 82  HIS A CD2 1 
ATOM   594  C  CE1 . HIS A 1 118 ? -6.487  9.649   -3.790  1.00 15.31 ? 82  HIS A CE1 1 
ATOM   595  N  NE2 . HIS A 1 118 ? -6.211  9.525   -5.075  1.00 13.40 ? 82  HIS A NE2 1 
ATOM   596  N  N   . GLN A 1 119 ? -8.793  3.591   -2.958  1.00 12.00 ? 83  GLN A N   1 
ATOM   597  C  CA  . GLN A 1 119 ? -9.714  2.470   -3.055  1.00 13.21 ? 83  GLN A CA  1 
ATOM   598  C  C   . GLN A 1 119 ? -9.143  1.116   -3.463  1.00 11.97 ? 83  GLN A C   1 
ATOM   599  O  O   . GLN A 1 119 ? -9.891  0.195   -3.751  1.00 11.70 ? 83  GLN A O   1 
ATOM   600  C  CB  . GLN A 1 119 ? -10.858 2.841   -3.997  1.00 12.87 ? 83  GLN A CB  1 
ATOM   601  C  CG  . GLN A 1 119 ? -11.627 4.085   -3.560  1.00 14.73 ? 83  GLN A CG  1 
ATOM   602  C  CD  . GLN A 1 119 ? -12.633 4.554   -4.618  1.00 15.25 ? 83  GLN A CD  1 
ATOM   603  O  OE1 . GLN A 1 119 ? -12.451 4.300   -5.799  1.00 15.49 ? 83  GLN A OE1 1 
ATOM   604  N  NE2 . GLN A 1 119 ? -13.684 5.247   -4.189  1.00 14.72 ? 83  GLN A NE2 1 
ATOM   605  N  N   . ALA A 1 120 ? -7.828  0.980   -3.459  1.00 12.42 ? 84  ALA A N   1 
ATOM   606  C  CA  . ALA A 1 120 ? -7.235  -0.313  -3.815  1.00 12.13 ? 84  ALA A CA  1 
ATOM   607  C  C   . ALA A 1 120 ? -7.520  -1.317  -2.713  1.00 14.56 ? 84  ALA A C   1 
ATOM   608  O  O   . ALA A 1 120 ? -7.922  -0.939  -1.611  1.00 15.10 ? 84  ALA A O   1 
ATOM   609  C  CB  . ALA A 1 120 ? -5.729  -0.169  -3.995  1.00 12.49 ? 84  ALA A CB  1 
ATOM   610  N  N   . MET A 1 121 ? -7.329  -2.605  -3.006  1.00 14.62 ? 85  MET A N   1 
ATOM   611  C  CA  . MET A 1 121 ? -7.522  -3.622  -1.993  1.00 13.96 ? 85  MET A CA  1 
ATOM   612  C  C   . MET A 1 121 ? -6.392  -4.633  -2.131  1.00 14.73 ? 85  MET A C   1 
ATOM   613  O  O   . MET A 1 121 ? -6.266  -5.310  -3.160  1.00 12.73 ? 85  MET A O   1 
ATOM   614  C  CB  . MET A 1 121 ? -8.892  -4.303  -2.161  1.00 15.28 ? 85  MET A CB  1 
ATOM   615  C  CG  . MET A 1 121 ? -9.421  -5.021  -0.886  1.00 15.69 ? 85  MET A CG  1 
ATOM   616  S  SD  . MET A 1 121 ? -8.587  -6.587  -0.421  1.00 16.39 ? 85  MET A SD  1 
ATOM   617  C  CE  . MET A 1 121 ? -8.054  -6.270  1.353   1.00 16.75 ? 85  MET A CE  1 
ATOM   618  N  N   . LEU A 1 122 ? -5.553  -4.697  -1.101  1.00 12.77 ? 86  LEU A N   1 
ATOM   619  C  CA  . LEU A 1 122 ? -4.426  -5.618  -1.068  1.00 13.97 ? 86  LEU A CA  1 
ATOM   620  C  C   . LEU A 1 122 ? -4.770  -6.717  -0.063  1.00 14.41 ? 86  LEU A C   1 
ATOM   621  O  O   . LEU A 1 122 ? -5.021  -6.440  1.093   1.00 12.29 ? 86  LEU A O   1 
ATOM   622  C  CB  . LEU A 1 122 ? -3.154  -4.891  -0.639  1.00 13.53 ? 86  LEU A CB  1 
ATOM   623  C  CG  . LEU A 1 122 ? -2.777  -3.717  -1.561  1.00 15.03 ? 86  LEU A CG  1 
ATOM   624  C  CD1 . LEU A 1 122 ? -1.554  -2.976  -1.022  1.00 12.36 ? 86  LEU A CD1 1 
ATOM   625  C  CD2 . LEU A 1 122 ? -2.517  -4.240  -2.958  1.00 14.74 ? 86  LEU A CD2 1 
ATOM   626  N  N   . HIS A 1 123 ? -4.784  -7.959  -0.518  1.00 14.19 ? 87  HIS A N   1 
ATOM   627  C  CA  . HIS A 1 123 ? -5.111  -9.051  0.389   1.00 16.24 ? 87  HIS A CA  1 
ATOM   628  C  C   . HIS A 1 123 ? -3.978  -10.082 0.417   1.00 18.69 ? 87  HIS A C   1 
ATOM   629  O  O   . HIS A 1 123 ? -3.703  -10.760 -0.588  1.00 18.66 ? 87  HIS A O   1 
ATOM   630  C  CB  . HIS A 1 123 ? -6.418  -9.711  -0.063  1.00 16.15 ? 87  HIS A CB  1 
ATOM   631  C  CG  . HIS A 1 123 ? -7.225  -10.285 1.059   1.00 18.23 ? 87  HIS A CG  1 
ATOM   632  N  ND1 . HIS A 1 123 ? -6.821  -11.388 1.787   1.00 17.54 ? 87  HIS A ND1 1 
ATOM   633  C  CD2 . HIS A 1 123 ? -8.370  -9.851  1.640   1.00 17.30 ? 87  HIS A CD2 1 
ATOM   634  C  CE1 . HIS A 1 123 ? -7.682  -11.604 2.764   1.00 18.94 ? 87  HIS A CE1 1 
ATOM   635  N  NE2 . HIS A 1 123 ? -8.631  -10.683 2.697   1.00 17.76 ? 87  HIS A NE2 1 
ATOM   636  N  N   . GLY A 1 124 ? -3.304  -10.177 1.555   1.00 17.89 ? 88  GLY A N   1 
ATOM   637  C  CA  . GLY A 1 124 ? -2.245  -11.156 1.728   1.00 19.29 ? 88  GLY A CA  1 
ATOM   638  C  C   . GLY A 1 124 ? -1.245  -11.310 0.593   1.00 20.39 ? 88  GLY A C   1 
ATOM   639  O  O   . GLY A 1 124 ? -0.850  -12.420 0.262   1.00 20.26 ? 88  GLY A O   1 
ATOM   640  N  N   . CYS A 1 125 ? -0.796  -10.191 0.029   1.00 18.55 ? 89  CYS A N   1 
ATOM   641  C  CA  . CYS A 1 125 ? 0.139   -10.242 -1.086  1.00 19.83 ? 89  CYS A CA  1 
ATOM   642  C  C   . CYS A 1 125 ? 1.493   -9.610  -0.778  1.00 19.15 ? 89  CYS A C   1 
ATOM   643  O  O   . CYS A 1 125 ? 1.751   -9.159  0.351   1.00 18.63 ? 89  CYS A O   1 
ATOM   644  C  CB  . CYS A 1 125 ? -0.491  -9.553  -2.297  1.00 18.47 ? 89  CYS A CB  1 
ATOM   645  S  SG  . CYS A 1 125 ? -1.129  -7.898  -1.949  1.00 18.98 ? 89  CYS A SG  1 
ATOM   646  N  N   . THR A 1 126 ? 2.361   -9.585  -1.781  1.00 18.17 ? 90  THR A N   1 
ATOM   647  C  CA  . THR A 1 126 ? 3.684   -8.976  -1.614  1.00 17.96 ? 90  THR A CA  1 
ATOM   648  C  C   . THR A 1 126 ? 3.885   -7.940  -2.714  1.00 17.86 ? 90  THR A C   1 
ATOM   649  O  O   . THR A 1 126 ? 3.794   -8.274  -3.901  1.00 16.40 ? 90  THR A O   1 
ATOM   650  C  CB  . THR A 1 126 ? 4.821   -10.021 -1.728  1.00 19.35 ? 90  THR A CB  1 
ATOM   651  O  OG1 . THR A 1 126 ? 4.578   -11.094 -0.819  1.00 19.99 ? 90  THR A OG1 1 
ATOM   652  C  CG2 . THR A 1 126 ? 6.180   -9.377  -1.395  1.00 19.00 ? 90  THR A CG2 1 
ATOM   653  N  N   . ILE A 1 127 ? 4.157   -6.694  -2.323  1.00 17.59 ? 91  ILE A N   1 
ATOM   654  C  CA  . ILE A 1 127 ? 4.370   -5.623  -3.297  1.00 18.28 ? 91  ILE A CA  1 
ATOM   655  C  C   . ILE A 1 127 ? 5.837   -5.173  -3.273  1.00 19.56 ? 91  ILE A C   1 
ATOM   656  O  O   . ILE A 1 127 ? 6.341   -4.704  -2.263  1.00 18.37 ? 91  ILE A O   1 
ATOM   657  C  CB  . ILE A 1 127 ? 3.457   -4.389  -3.017  1.00 17.71 ? 91  ILE A CB  1 
ATOM   658  C  CG1 . ILE A 1 127 ? 2.008   -4.839  -2.819  1.00 16.91 ? 91  ILE A CG1 1 
ATOM   659  C  CG2 . ILE A 1 127 ? 3.483   -3.426  -4.208  1.00 15.64 ? 91  ILE A CG2 1 
ATOM   660  C  CD1 . ILE A 1 127 ? 1.465   -5.607  -3.985  1.00 19.40 ? 91  ILE A CD1 1 
ATOM   661  N  N   . GLY A 1 128 ? 6.505   -5.297  -4.412  1.00 20.85 ? 92  GLY A N   1 
ATOM   662  C  CA  . GLY A 1 128 ? 7.902   -4.903  -4.482  1.00 21.28 ? 92  GLY A CA  1 
ATOM   663  C  C   . GLY A 1 128 ? 8.200   -3.415  -4.436  1.00 21.04 ? 92  GLY A C   1 
ATOM   664  O  O   . GLY A 1 128 ? 7.402   -2.567  -4.861  1.00 19.21 ? 92  GLY A O   1 
ATOM   665  N  N   . GLU A 1 129 ? 9.391   -3.102  -3.936  1.00 20.17 ? 93  GLU A N   1 
ATOM   666  C  CA  . GLU A 1 129 ? 9.834   -1.728  -3.817  1.00 21.46 ? 93  GLU A CA  1 
ATOM   667  C  C   . GLU A 1 129 ? 9.673   -0.909  -5.122  1.00 20.56 ? 93  GLU A C   1 
ATOM   668  O  O   . GLU A 1 129 ? 9.827   -1.433  -6.240  1.00 19.15 ? 93  GLU A O   1 
ATOM   669  C  CB  . GLU A 1 129 ? 11.294  -1.723  -3.354  1.00 23.12 ? 93  GLU A CB  1 
ATOM   670  C  CG  . GLU A 1 129 ? 11.793  -0.357  -2.962  1.00 25.27 ? 93  GLU A CG  1 
ATOM   671  C  CD  . GLU A 1 129 ? 13.185  -0.369  -2.304  1.00 27.53 ? 93  GLU A CD  1 
ATOM   672  O  OE1 . GLU A 1 129 ? 13.635  -1.442  -1.817  1.00 29.27 ? 93  GLU A OE1 1 
ATOM   673  O  OE2 . GLU A 1 129 ? 13.812  0.718   -2.264  1.00 27.90 ? 93  GLU A OE2 1 
ATOM   674  N  N   . GLY A 1 130 ? 9.334   0.368   -4.976  1.00 18.78 ? 94  GLY A N   1 
ATOM   675  C  CA  . GLY A 1 130 ? 9.188   1.252   -6.123  1.00 19.73 ? 94  GLY A CA  1 
ATOM   676  C  C   . GLY A 1 130 ? 7.951   1.059   -6.986  1.00 20.43 ? 94  GLY A C   1 
ATOM   677  O  O   . GLY A 1 130 ? 7.790   1.725   -8.011  1.00 20.85 ? 94  GLY A O   1 
ATOM   678  N  N   . SER A 1 131 ? 7.052   0.170   -6.586  1.00 19.94 ? 95  SER A N   1 
ATOM   679  C  CA  . SER A 1 131 ? 5.856   -0.071  -7.380  1.00 19.59 ? 95  SER A CA  1 
ATOM   680  C  C   . SER A 1 131 ? 4.740   0.938   -7.175  1.00 19.10 ? 95  SER A C   1 
ATOM   681  O  O   . SER A 1 131 ? 4.741   1.730   -6.221  1.00 20.71 ? 95  SER A O   1 
ATOM   682  C  CB  . SER A 1 131 ? 5.294   -1.467  -7.092  1.00 21.00 ? 95  SER A CB  1 
ATOM   683  O  OG  . SER A 1 131 ? 6.241   -2.469  -7.409  1.00 25.21 ? 95  SER A OG  1 
ATOM   684  N  N   . LEU A 1 132 ? 3.759   0.889   -8.060  1.00 17.05 ? 96  LEU A N   1 
ATOM   685  C  CA  . LEU A 1 132 ? 2.604   1.748   -7.962  1.00 16.95 ? 96  LEU A CA  1 
ATOM   686  C  C   . LEU A 1 132 ? 1.345   0.917   -8.177  1.00 16.11 ? 96  LEU A C   1 
ATOM   687  O  O   . LEU A 1 132 ? 1.202   0.234   -9.197  1.00 15.56 ? 96  LEU A O   1 
ATOM   688  C  CB  . LEU A 1 132 ? 2.697   2.869   -8.990  1.00 17.88 ? 96  LEU A CB  1 
ATOM   689  C  CG  . LEU A 1 132 ? 1.637   3.953   -8.774  1.00 20.39 ? 96  LEU A CG  1 
ATOM   690  C  CD1 . LEU A 1 132 ? 2.255   5.355   -9.047  1.00 23.44 ? 96  LEU A CD1 1 
ATOM   691  C  CD2 . LEU A 1 132 ? 0.445   3.701   -9.668  1.00 17.25 ? 96  LEU A CD2 1 
ATOM   692  N  N   . ILE A 1 133 ? 0.439   0.941   -7.202  1.00 16.10 ? 97  ILE A N   1 
ATOM   693  C  CA  . ILE A 1 133 ? -0.797  0.175   -7.322  1.00 15.19 ? 97  ILE A CA  1 
ATOM   694  C  C   . ILE A 1 133 ? -1.917  1.140   -7.687  1.00 15.63 ? 97  ILE A C   1 
ATOM   695  O  O   . ILE A 1 133 ? -2.275  2.014   -6.888  1.00 16.90 ? 97  ILE A O   1 
ATOM   696  C  CB  . ILE A 1 133 ? -1.150  -0.565  -6.011  1.00 13.74 ? 97  ILE A CB  1 
ATOM   697  C  CG1 . ILE A 1 133 ? 0.056   -1.380  -5.527  1.00 16.00 ? 97  ILE A CG1 1 
ATOM   698  C  CG2 . ILE A 1 133 ? -2.350  -1.482  -6.228  1.00 12.90 ? 97  ILE A CG2 1 
ATOM   699  C  CD1 . ILE A 1 133 ? 0.637   -2.313  -6.580  1.00 11.10 ? 97  ILE A CD1 1 
ATOM   700  N  N   . GLY A 1 134 ? -2.475  0.977   -8.880  1.00 13.37 ? 98  GLY A N   1 
ATOM   701  C  CA  . GLY A 1 134 ? -3.530  1.861   -9.346  1.00 13.61 ? 98  GLY A CA  1 
ATOM   702  C  C   . GLY A 1 134 ? -4.840  1.908   -8.571  1.00 13.87 ? 98  GLY A C   1 
ATOM   703  O  O   . GLY A 1 134 ? -5.148  1.027   -7.793  1.00 12.10 ? 98  GLY A O   1 
ATOM   704  N  N   . ILE A 1 135 ? -5.607  2.966   -8.815  1.00 13.96 ? 99  ILE A N   1 
ATOM   705  C  CA  . ILE A 1 135 ? -6.891  3.196   -8.178  1.00 14.03 ? 99  ILE A CA  1 
ATOM   706  C  C   . ILE A 1 135 ? -7.808  1.996   -8.320  1.00 14.64 ? 99  ILE A C   1 
ATOM   707  O  O   . ILE A 1 135 ? -7.969  1.448   -9.418  1.00 14.30 ? 99  ILE A O   1 
ATOM   708  C  CB  . ILE A 1 135 ? -7.533  4.454   -8.799  1.00 13.62 ? 99  ILE A CB  1 
ATOM   709  C  CG1 . ILE A 1 135 ? -6.670  5.678   -8.443  1.00 11.60 ? 99  ILE A CG1 1 
ATOM   710  C  CG2 . ILE A 1 135 ? -8.983  4.602   -8.341  1.00 11.95 ? 99  ILE A CG2 1 
ATOM   711  C  CD1 . ILE A 1 135 ? -6.820  6.819   -9.380  1.00 9.74  ? 99  ILE A CD1 1 
ATOM   712  N  N   . GLN A 1 136 ? -8.391  1.581   -7.193  1.00 14.24 ? 100 GLN A N   1 
ATOM   713  C  CA  . GLN A 1 136 ? -9.316  0.446   -7.147  1.00 14.89 ? 100 GLN A CA  1 
ATOM   714  C  C   . GLN A 1 136 ? -8.736  -0.898  -7.561  1.00 15.64 ? 100 GLN A C   1 
ATOM   715  O  O   . GLN A 1 136 ? -9.461  -1.894  -7.665  1.00 17.63 ? 100 GLN A O   1 
ATOM   716  C  CB  . GLN A 1 136 ? -10.558 0.710   -7.991  1.00 14.79 ? 100 GLN A CB  1 
ATOM   717  C  CG  . GLN A 1 136 ? -11.633 1.497   -7.276  1.00 14.82 ? 100 GLN A CG  1 
ATOM   718  C  CD  . GLN A 1 136 ? -12.924 1.538   -8.044  1.00 15.70 ? 100 GLN A CD  1 
ATOM   719  O  OE1 . GLN A 1 136 ? -13.280 0.570   -8.731  1.00 16.75 ? 100 GLN A OE1 1 
ATOM   720  N  NE2 . GLN A 1 136 ? -13.646 2.651   -7.942  1.00 16.92 ? 100 GLN A NE2 1 
ATOM   721  N  N   . ALA A 1 137 ? -7.437  -0.957  -7.784  1.00 14.61 ? 101 ALA A N   1 
ATOM   722  C  CA  . ALA A 1 137 ? -6.853  -2.236  -8.171  1.00 15.44 ? 101 ALA A CA  1 
ATOM   723  C  C   . ALA A 1 137 ? -7.046  -3.257  -7.036  1.00 14.76 ? 101 ALA A C   1 
ATOM   724  O  O   . ALA A 1 137 ? -7.048  -2.899  -5.838  1.00 15.73 ? 101 ALA A O   1 
ATOM   725  C  CB  . ALA A 1 137 ? -5.369  -2.056  -8.495  1.00 13.64 ? 101 ALA A CB  1 
ATOM   726  N  N   . VAL A 1 138 ? -7.224  -4.519  -7.402  1.00 13.17 ? 102 VAL A N   1 
ATOM   727  C  CA  . VAL A 1 138 ? -7.405  -5.603  -6.427  1.00 12.54 ? 102 VAL A CA  1 
ATOM   728  C  C   . VAL A 1 138 ? -6.319  -6.655  -6.592  1.00 13.58 ? 102 VAL A C   1 
ATOM   729  O  O   . VAL A 1 138 ? -6.142  -7.214  -7.678  1.00 13.79 ? 102 VAL A O   1 
ATOM   730  C  CB  . VAL A 1 138 ? -8.772  -6.293  -6.608  1.00 12.81 ? 102 VAL A CB  1 
ATOM   731  C  CG1 . VAL A 1 138 ? -8.875  -7.480  -5.661  1.00 12.38 ? 102 VAL A CG1 1 
ATOM   732  C  CG2 . VAL A 1 138 ? -9.924  -5.295  -6.327  1.00 11.11 ? 102 VAL A CG2 1 
ATOM   733  N  N   . ILE A 1 139 ? -5.601  -6.949  -5.516  1.00 14.24 ? 103 ILE A N   1 
ATOM   734  C  CA  . ILE A 1 139 ? -4.528  -7.949  -5.551  1.00 14.11 ? 103 ILE A CA  1 
ATOM   735  C  C   . ILE A 1 139 ? -4.838  -8.957  -4.439  1.00 16.13 ? 103 ILE A C   1 
ATOM   736  O  O   . ILE A 1 139 ? -4.897  -8.595  -3.256  1.00 14.14 ? 103 ILE A O   1 
ATOM   737  C  CB  . ILE A 1 139 ? -3.171  -7.259  -5.312  1.00 14.29 ? 103 ILE A CB  1 
ATOM   738  C  CG1 . ILE A 1 139 ? -3.004  -6.134  -6.334  1.00 13.09 ? 103 ILE A CG1 1 
ATOM   739  C  CG2 . ILE A 1 139 ? -2.009  -8.275  -5.392  1.00 13.75 ? 103 ILE A CG2 1 
ATOM   740  C  CD1 . ILE A 1 139 ? -1.683  -5.433  -6.270  1.00 13.63 ? 103 ILE A CD1 1 
ATOM   741  N  N   . LEU A 1 140 ? -5.006  -10.230 -4.814  1.00 15.53 ? 104 LEU A N   1 
ATOM   742  C  CA  . LEU A 1 140 ? -5.393  -11.253 -3.839  1.00 14.22 ? 104 LEU A CA  1 
ATOM   743  C  C   . LEU A 1 140 ? -4.248  -12.042 -3.213  1.00 15.32 ? 104 LEU A C   1 
ATOM   744  O  O   . LEU A 1 140 ? -3.099  -11.821 -3.552  1.00 13.04 ? 104 LEU A O   1 
ATOM   745  C  CB  . LEU A 1 140 ? -6.414  -12.189 -4.491  1.00 15.84 ? 104 LEU A CB  1 
ATOM   746  C  CG  . LEU A 1 140 ? -7.501  -11.445 -5.278  1.00 16.51 ? 104 LEU A CG  1 
ATOM   747  C  CD1 . LEU A 1 140 ? -8.436  -12.439 -5.948  1.00 20.99 ? 104 LEU A CD1 1 
ATOM   748  C  CD2 . LEU A 1 140 ? -8.289  -10.550 -4.333  1.00 18.30 ? 104 LEU A CD2 1 
ATOM   749  N  N   . ASN A 1 141 ? -4.574  -12.978 -2.320  1.00 16.01 ? 105 ASN A N   1 
ATOM   750  C  CA  . ASN A 1 141 ? -3.539  -13.727 -1.605  1.00 18.32 ? 105 ASN A CA  1 
ATOM   751  C  C   . ASN A 1 141 ? -2.483  -14.414 -2.441  1.00 19.30 ? 105 ASN A C   1 
ATOM   752  O  O   . ASN A 1 141 ? -2.770  -14.995 -3.499  1.00 19.83 ? 105 ASN A O   1 
ATOM   753  C  CB  . ASN A 1 141 ? -4.153  -14.808 -0.687  1.00 20.01 ? 105 ASN A CB  1 
ATOM   754  C  CG  . ASN A 1 141 ? -5.040  -14.237 0.405   1.00 22.16 ? 105 ASN A CG  1 
ATOM   755  O  OD1 . ASN A 1 141 ? -4.862  -13.106 0.860   1.00 22.24 ? 105 ASN A OD1 1 
ATOM   756  N  ND2 . ASN A 1 141 ? -6.000  -15.038 0.838   1.00 22.83 ? 105 ASN A ND2 1 
ATOM   757  N  N   . ARG A 1 142 ? -1.267  -14.378 -1.923  1.00 20.12 ? 106 ARG A N   1 
ATOM   758  C  CA  . ARG A 1 142 ? -0.132  -15.057 -2.554  1.00 23.26 ? 106 ARG A CA  1 
ATOM   759  C  C   . ARG A 1 142 ? 0.374   -14.390 -3.824  1.00 22.16 ? 106 ARG A C   1 
ATOM   760  O  O   . ARG A 1 142 ? 1.350   -14.858 -4.409  1.00 23.34 ? 106 ARG A O   1 
ATOM   761  C  CB  . ARG A 1 142 ? -0.498  -16.529 -2.860  1.00 27.01 ? 106 ARG A CB  1 
ATOM   762  C  CG  . ARG A 1 142 ? -1.108  -17.280 -1.682  1.00 33.64 ? 106 ARG A CG  1 
ATOM   763  C  CD  . ARG A 1 142 ? -1.937  -18.515 -2.132  1.00 39.47 ? 106 ARG A CD  1 
ATOM   764  N  NE  . ARG A 1 142 ? -2.758  -19.052 -1.038  1.00 43.82 ? 106 ARG A NE  1 
ATOM   765  C  CZ  . ARG A 1 142 ? -2.276  -19.432 0.152   1.00 45.71 ? 106 ARG A CZ  1 
ATOM   766  N  NH1 . ARG A 1 142 ? -0.969  -19.332 0.404   1.00 45.64 ? 106 ARG A NH1 1 
ATOM   767  N  NH2 . ARG A 1 142 ? -3.096  -19.907 1.092   1.00 44.14 ? 106 ARG A NH2 1 
ATOM   768  N  N   . ALA A 1 143 ? -0.275  -13.317 -4.271  1.00 20.63 ? 107 ALA A N   1 
ATOM   769  C  CA  . ALA A 1 143 ? 0.198   -12.638 -5.483  1.00 18.08 ? 107 ALA A CA  1 
ATOM   770  C  C   . ALA A 1 143 ? 1.511   -11.943 -5.156  1.00 18.11 ? 107 ALA A C   1 
ATOM   771  O  O   . ALA A 1 143 ? 1.724   -11.474 -4.030  1.00 17.70 ? 107 ALA A O   1 
ATOM   772  C  CB  . ALA A 1 143 ? -0.828  -11.628 -5.978  1.00 15.57 ? 107 ALA A CB  1 
ATOM   773  N  N   . VAL A 1 144 ? 2.427   -11.915 -6.114  1.00 18.08 ? 108 VAL A N   1 
ATOM   774  C  CA  . VAL A 1 144 ? 3.710   -11.242 -5.887  1.00 19.02 ? 108 VAL A CA  1 
ATOM   775  C  C   . VAL A 1 144 ? 3.987   -10.274 -7.024  1.00 20.43 ? 108 VAL A C   1 
ATOM   776  O  O   . VAL A 1 144 ? 4.056   -10.666 -8.196  1.00 21.02 ? 108 VAL A O   1 
ATOM   777  C  CB  . VAL A 1 144 ? 4.888   -12.237 -5.787  1.00 21.07 ? 108 VAL A CB  1 
ATOM   778  C  CG1 . VAL A 1 144 ? 6.204   -11.461 -5.624  1.00 19.27 ? 108 VAL A CG1 1 
ATOM   779  C  CG2 . VAL A 1 144 ? 4.687   -13.214 -4.574  1.00 19.71 ? 108 VAL A CG2 1 
ATOM   780  N  N   . ILE A 1 145 ? 4.119   -9.004  -6.671  1.00 20.26 ? 109 ILE A N   1 
ATOM   781  C  CA  . ILE A 1 145 ? 4.396   -7.942  -7.624  1.00 20.77 ? 109 ILE A CA  1 
ATOM   782  C  C   . ILE A 1 145 ? 5.879   -7.566  -7.411  1.00 21.43 ? 109 ILE A C   1 
ATOM   783  O  O   . ILE A 1 145 ? 6.292   -7.207  -6.305  1.00 20.90 ? 109 ILE A O   1 
ATOM   784  C  CB  . ILE A 1 145 ? 3.463   -6.715  -7.361  1.00 22.20 ? 109 ILE A CB  1 
ATOM   785  C  CG1 . ILE A 1 145 ? 2.062   -6.960  -7.939  1.00 23.04 ? 109 ILE A CG1 1 
ATOM   786  C  CG2 . ILE A 1 145 ? 4.021   -5.452  -8.001  1.00 22.56 ? 109 ILE A CG2 1 
ATOM   787  C  CD1 . ILE A 1 145 ? 1.257   -8.057  -7.271  1.00 22.05 ? 109 ILE A CD1 1 
ATOM   788  N  N   . GLY A 1 146 ? 6.673   -7.666  -8.468  1.00 21.14 ? 110 GLY A N   1 
ATOM   789  C  CA  . GLY A 1 146 ? 8.087   -7.358  -8.359  1.00 22.78 ? 110 GLY A CA  1 
ATOM   790  C  C   . GLY A 1 146 ? 8.386   -5.889  -8.155  1.00 23.43 ? 110 GLY A C   1 
ATOM   791  O  O   . GLY A 1 146 ? 7.472   -5.085  -7.979  1.00 21.94 ? 110 GLY A O   1 
ATOM   792  N  N   . ARG A 1 147 ? 9.670   -5.539  -8.171  1.00 23.62 ? 111 ARG A N   1 
ATOM   793  C  CA  . ARG A 1 147 ? 10.073  -4.156  -7.985  1.00 24.10 ? 111 ARG A CA  1 
ATOM   794  C  C   . ARG A 1 147 ? 9.662   -3.323  -9.192  1.00 22.66 ? 111 ARG A C   1 
ATOM   795  O  O   . ARG A 1 147 ? 9.566   -3.824  -10.321 1.00 21.02 ? 111 ARG A O   1 
ATOM   796  C  CB  . ARG A 1 147 ? 11.587  -4.053  -7.813  1.00 27.91 ? 111 ARG A CB  1 
ATOM   797  C  CG  . ARG A 1 147 ? 12.152  -4.810  -6.635  1.00 32.25 ? 111 ARG A CG  1 
ATOM   798  C  CD  . ARG A 1 147 ? 13.664  -4.928  -6.759  1.00 34.96 ? 111 ARG A CD  1 
ATOM   799  N  NE  . ARG A 1 147 ? 14.260  -5.459  -5.539  1.00 40.01 ? 111 ARG A NE  1 
ATOM   800  C  CZ  . ARG A 1 147 ? 14.581  -4.725  -4.474  1.00 41.80 ? 111 ARG A CZ  1 
ATOM   801  N  NH1 . ARG A 1 147 ? 14.369  -3.410  -4.475  1.00 43.19 ? 111 ARG A NH1 1 
ATOM   802  N  NH2 . ARG A 1 147 ? 15.112  -5.308  -3.404  1.00 43.73 ? 111 ARG A NH2 1 
ATOM   803  N  N   . ASN A 1 148 ? 9.419   -2.049  -8.930  1.00 20.51 ? 112 ASN A N   1 
ATOM   804  C  CA  . ASN A 1 148 ? 9.036   -1.090  -9.952  1.00 21.81 ? 112 ASN A CA  1 
ATOM   805  C  C   . ASN A 1 148 ? 7.937   -1.501  -10.924 1.00 21.87 ? 112 ASN A C   1 
ATOM   806  O  O   . ASN A 1 148 ? 8.039   -1.256  -12.129 1.00 21.66 ? 112 ASN A O   1 
ATOM   807  C  CB  . ASN A 1 148 ? 10.278  -0.664  -10.725 1.00 20.32 ? 112 ASN A CB  1 
ATOM   808  C  CG  . ASN A 1 148 ? 11.305  -0.030  -9.820  1.00 22.18 ? 112 ASN A CG  1 
ATOM   809  O  OD1 . ASN A 1 148 ? 10.955  0.766   -8.936  1.00 19.92 ? 112 ASN A OD1 1 
ATOM   810  N  ND2 . ASN A 1 148 ? 12.579  -0.376  -10.024 1.00 22.99 ? 112 ASN A ND2 1 
ATOM   811  N  N   . CYS A 1 149 ? 6.880   -2.105  -10.400 1.00 20.45 ? 113 CYS A N   1 
ATOM   812  C  CA  . CYS A 1 149 ? 5.769   -2.491  -11.259 1.00 20.33 ? 113 CYS A CA  1 
ATOM   813  C  C   . CYS A 1 149 ? 4.651   -1.468  -11.167 1.00 20.02 ? 113 CYS A C   1 
ATOM   814  O  O   . CYS A 1 149 ? 4.511   -0.740  -10.170 1.00 18.24 ? 113 CYS A O   1 
ATOM   815  C  CB  . CYS A 1 149 ? 5.224   -3.865  -10.872 1.00 21.04 ? 113 CYS A CB  1 
ATOM   816  S  SG  . CYS A 1 149 ? 6.322   -5.209  -11.311 1.00 22.89 ? 113 CYS A SG  1 
ATOM   817  N  N   . LEU A 1 150 ? 3.851   -1.393  -12.212 1.00 19.56 ? 114 LEU A N   1 
ATOM   818  C  CA  . LEU A 1 150 ? 2.753   -0.461  -12.203 1.00 19.28 ? 114 LEU A CA  1 
ATOM   819  C  C   . LEU A 1 150 ? 1.514   -1.307  -12.475 1.00 19.84 ? 114 LEU A C   1 
ATOM   820  O  O   . LEU A 1 150 ? 1.413   -1.954  -13.513 1.00 19.11 ? 114 LEU A O   1 
ATOM   821  C  CB  . LEU A 1 150 ? 2.967   0.608   -13.276 1.00 19.54 ? 114 LEU A CB  1 
ATOM   822  C  CG  . LEU A 1 150 ? 2.168   1.907   -13.146 1.00 20.76 ? 114 LEU A CG  1 
ATOM   823  C  CD1 . LEU A 1 150 ? 2.608   2.906   -14.232 1.00 21.11 ? 114 LEU A CD1 1 
ATOM   824  C  CD2 . LEU A 1 150 ? 0.699   1.612   -13.273 1.00 19.35 ? 114 LEU A CD2 1 
ATOM   825  N  N   . VAL A 1 151 ? 0.612   -1.349  -11.495 1.00 18.91 ? 115 VAL A N   1 
ATOM   826  C  CA  . VAL A 1 151 ? -0.635  -2.102  -11.632 1.00 16.46 ? 115 VAL A CA  1 
ATOM   827  C  C   . VAL A 1 151 ? -1.694  -1.077  -12.037 1.00 18.92 ? 115 VAL A C   1 
ATOM   828  O  O   . VAL A 1 151 ? -1.911  -0.076  -11.326 1.00 18.05 ? 115 VAL A O   1 
ATOM   829  C  CB  . VAL A 1 151 ? -1.026  -2.764  -10.296 1.00 17.71 ? 115 VAL A CB  1 
ATOM   830  C  CG1 . VAL A 1 151 ? -2.326  -3.557  -10.469 1.00 14.11 ? 115 VAL A CG1 1 
ATOM   831  C  CG2 . VAL A 1 151 ? 0.117   -3.718  -9.814  1.00 15.57 ? 115 VAL A CG2 1 
ATOM   832  N  N   . GLY A 1 152 ? -2.345  -1.305  -13.168 1.00 16.72 ? 116 GLY A N   1 
ATOM   833  C  CA  . GLY A 1 152 ? -3.323  -0.351  -13.646 1.00 16.86 ? 116 GLY A CA  1 
ATOM   834  C  C   . GLY A 1 152 ? -4.598  -0.196  -12.832 1.00 16.77 ? 116 GLY A C   1 
ATOM   835  O  O   . GLY A 1 152 ? -5.040  -1.119  -12.159 1.00 16.71 ? 116 GLY A O   1 
ATOM   836  N  N   . ALA A 1 153 ? -5.205  0.983   -12.926 1.00 15.84 ? 117 ALA A N   1 
ATOM   837  C  CA  . ALA A 1 153 ? -6.451  1.267   -12.225 1.00 17.29 ? 117 ALA A CA  1 
ATOM   838  C  C   . ALA A 1 153 ? -7.499  0.211   -12.610 1.00 17.81 ? 117 ALA A C   1 
ATOM   839  O  O   . ALA A 1 153 ? -7.588  -0.177  -13.774 1.00 18.54 ? 117 ALA A O   1 
ATOM   840  C  CB  . ALA A 1 153 ? -6.955  2.664   -12.601 1.00 16.31 ? 117 ALA A CB  1 
ATOM   841  N  N   . GLY A 1 154 ? -8.257  -0.277  -11.623 1.00 17.10 ? 118 GLY A N   1 
ATOM   842  C  CA  . GLY A 1 154 ? -9.288  -1.259  -11.908 1.00 15.93 ? 118 GLY A CA  1 
ATOM   843  C  C   . GLY A 1 154 ? -8.819  -2.669  -12.260 1.00 17.47 ? 118 GLY A C   1 
ATOM   844  O  O   . GLY A 1 154 ? -9.622  -3.529  -12.571 1.00 16.95 ? 118 GLY A O   1 
ATOM   845  N  N   . ALA A 1 155 ? -7.525  -2.935  -12.168 1.00 17.84 ? 119 ALA A N   1 
ATOM   846  C  CA  . ALA A 1 155 ? -7.032  -4.274  -12.485 1.00 17.20 ? 119 ALA A CA  1 
ATOM   847  C  C   . ALA A 1 155 ? -7.351  -5.264  -11.374 1.00 18.25 ? 119 ALA A C   1 
ATOM   848  O  O   . ALA A 1 155 ? -7.599  -4.888  -10.227 1.00 17.98 ? 119 ALA A O   1 
ATOM   849  C  CB  . ALA A 1 155 ? -5.530  -4.221  -12.714 1.00 17.94 ? 119 ALA A CB  1 
ATOM   850  N  N   . VAL A 1 156 ? -7.347  -6.542  -11.713 1.00 17.49 ? 120 VAL A N   1 
ATOM   851  C  CA  . VAL A 1 156 ? -7.603  -7.578  -10.721 1.00 16.70 ? 120 VAL A CA  1 
ATOM   852  C  C   . VAL A 1 156 ? -6.545  -8.677  -10.863 1.00 18.12 ? 120 VAL A C   1 
ATOM   853  O  O   . VAL A 1 156 ? -6.490  -9.388  -11.885 1.00 18.48 ? 120 VAL A O   1 
ATOM   854  C  CB  . VAL A 1 156 ? -9.025  -8.179  -10.876 1.00 16.33 ? 120 VAL A CB  1 
ATOM   855  C  CG1 . VAL A 1 156 ? -9.211  -9.338  -9.878  1.00 15.87 ? 120 VAL A CG1 1 
ATOM   856  C  CG2 . VAL A 1 156 ? -10.078 -7.117  -10.630 1.00 15.01 ? 120 VAL A CG2 1 
ATOM   857  N  N   . ILE A 1 157 ? -5.684  -8.791  -9.854  1.00 17.02 ? 121 ILE A N   1 
ATOM   858  C  CA  . ILE A 1 157 ? -4.628  -9.781  -9.846  1.00 17.85 ? 121 ILE A CA  1 
ATOM   859  C  C   . ILE A 1 157 ? -5.079  -10.942 -8.981  1.00 19.52 ? 121 ILE A C   1 
ATOM   860  O  O   . ILE A 1 157 ? -5.234  -10.795 -7.782  1.00 17.52 ? 121 ILE A O   1 
ATOM   861  C  CB  . ILE A 1 157 ? -3.309  -9.194  -9.289  1.00 18.48 ? 121 ILE A CB  1 
ATOM   862  C  CG1 . ILE A 1 157 ? -2.836  -8.050  -10.203 1.00 16.57 ? 121 ILE A CG1 1 
ATOM   863  C  CG2 . ILE A 1 157 ? -2.251  -10.302 -9.182  1.00 17.81 ? 121 ILE A CG2 1 
ATOM   864  C  CD1 . ILE A 1 157 ? -1.470  -7.492  -9.838  1.00 17.02 ? 121 ILE A CD1 1 
ATOM   865  N  N   . THR A 1 158 ? -5.283  -12.101 -9.607  1.00 21.24 ? 122 THR A N   1 
ATOM   866  C  CA  . THR A 1 158 ? -5.744  -13.293 -8.889  1.00 23.53 ? 122 THR A CA  1 
ATOM   867  C  C   . THR A 1 158 ? -4.696  -13.945 -7.996  1.00 22.69 ? 122 THR A C   1 
ATOM   868  O  O   . THR A 1 158 ? -3.498  -13.665 -8.093  1.00 22.70 ? 122 THR A O   1 
ATOM   869  C  CB  . THR A 1 158 ? -6.340  -14.338 -9.864  1.00 25.38 ? 122 THR A CB  1 
ATOM   870  O  OG1 . THR A 1 158 ? -5.491  -14.484 -11.017 1.00 27.62 ? 122 THR A OG1 1 
ATOM   871  C  CG2 . THR A 1 158 ? -7.705  -13.901 -10.308 1.00 26.64 ? 122 THR A CG2 1 
ATOM   872  N  N   . GLU A 1 159 ? -5.164  -14.817 -7.111  1.00 23.67 ? 123 GLU A N   1 
ATOM   873  C  CA  . GLU A 1 159 ? -4.297  -15.484 -6.161  1.00 24.50 ? 123 GLU A CA  1 
ATOM   874  C  C   . GLU A 1 159 ? -3.123  -16.238 -6.739  1.00 24.60 ? 123 GLU A C   1 
ATOM   875  O  O   . GLU A 1 159 ? -3.250  -16.971 -7.712  1.00 23.97 ? 123 GLU A O   1 
ATOM   876  C  CB  . GLU A 1 159 ? -5.126  -16.413 -5.272  1.00 29.20 ? 123 GLU A CB  1 
ATOM   877  C  CG  . GLU A 1 159 ? -5.803  -15.664 -4.142  1.00 35.43 ? 123 GLU A CG  1 
ATOM   878  C  CD  . GLU A 1 159 ? -7.171  -16.198 -3.813  1.00 39.35 ? 123 GLU A CD  1 
ATOM   879  O  OE1 . GLU A 1 159 ? -8.092  -16.047 -4.651  1.00 41.21 ? 123 GLU A OE1 1 
ATOM   880  O  OE2 . GLU A 1 159 ? -7.325  -16.769 -2.716  1.00 43.36 ? 123 GLU A OE2 1 
ATOM   881  N  N   . GLY A 1 160 ? -1.970  -16.042 -6.125  1.00 23.16 ? 124 GLY A N   1 
ATOM   882  C  CA  . GLY A 1 160 ? -0.782  -16.733 -6.560  1.00 24.16 ? 124 GLY A CA  1 
ATOM   883  C  C   . GLY A 1 160 ? -0.050  -16.208 -7.771  1.00 23.95 ? 124 GLY A C   1 
ATOM   884  O  O   . GLY A 1 160 ? 1.005   -16.724 -8.083  1.00 25.21 ? 124 GLY A O   1 
ATOM   885  N  N   . LYS A 1 161 ? -0.581  -15.207 -8.467  1.00 24.48 ? 125 LYS A N   1 
ATOM   886  C  CA  . LYS A 1 161 ? 0.118   -14.697 -9.643  1.00 26.05 ? 125 LYS A CA  1 
ATOM   887  C  C   . LYS A 1 161 ? 1.391   -13.948 -9.288  1.00 26.50 ? 125 LYS A C   1 
ATOM   888  O  O   . LYS A 1 161 ? 1.426   -13.205 -8.311  1.00 26.89 ? 125 LYS A O   1 
ATOM   889  C  CB  . LYS A 1 161 ? -0.792  -13.779 -10.459 1.00 29.01 ? 125 LYS A CB  1 
ATOM   890  C  CG  . LYS A 1 161 ? -1.913  -14.517 -11.151 1.00 33.16 ? 125 LYS A CG  1 
ATOM   891  C  CD  . LYS A 1 161 ? -2.515  -13.704 -12.305 1.00 37.76 ? 125 LYS A CD  1 
ATOM   892  C  CE  . LYS A 1 161 ? -3.246  -12.444 -11.837 1.00 37.41 ? 125 LYS A CE  1 
ATOM   893  N  NZ  . LYS A 1 161 ? -4.014  -11.773 -12.932 1.00 37.24 ? 125 LYS A NZ  1 
ATOM   894  N  N   . ALA A 1 162 ? 2.437   -14.136 -10.085 1.00 25.44 ? 126 ALA A N   1 
ATOM   895  C  CA  . ALA A 1 162 ? 3.708   -13.454 -9.839  1.00 26.05 ? 126 ALA A CA  1 
ATOM   896  C  C   . ALA A 1 162 ? 4.109   -12.638 -11.067 1.00 25.03 ? 126 ALA A C   1 
ATOM   897  O  O   . ALA A 1 162 ? 3.944   -13.090 -12.190 1.00 25.84 ? 126 ALA A O   1 
ATOM   898  C  CB  . ALA A 1 162 ? 4.797   -14.474 -9.491  1.00 25.08 ? 126 ALA A CB  1 
ATOM   899  N  N   . PHE A 1 163 ? 4.621   -11.433 -10.862 1.00 24.66 ? 127 PHE A N   1 
ATOM   900  C  CA  . PHE A 1 163 ? 5.011   -10.599 -11.988 1.00 25.02 ? 127 PHE A CA  1 
ATOM   901  C  C   . PHE A 1 163 ? 6.431   -10.070 -11.810 1.00 25.07 ? 127 PHE A C   1 
ATOM   902  O  O   . PHE A 1 163 ? 6.798   -9.611  -10.725 1.00 23.98 ? 127 PHE A O   1 
ATOM   903  C  CB  . PHE A 1 163 ? 4.049   -9.425  -12.142 1.00 25.84 ? 127 PHE A CB  1 
ATOM   904  C  CG  . PHE A 1 163 ? 2.612   -9.824  -12.205 1.00 27.22 ? 127 PHE A CG  1 
ATOM   905  C  CD1 . PHE A 1 163 ? 1.911   -10.139 -11.046 1.00 28.63 ? 127 PHE A CD1 1 
ATOM   906  C  CD2 . PHE A 1 163 ? 1.944   -9.890  -13.428 1.00 28.07 ? 127 PHE A CD2 1 
ATOM   907  C  CE1 . PHE A 1 163 ? 0.565   -10.509 -11.099 1.00 27.45 ? 127 PHE A CE1 1 
ATOM   908  C  CE2 . PHE A 1 163 ? 0.606   -10.258 -13.489 1.00 28.41 ? 127 PHE A CE2 1 
ATOM   909  C  CZ  . PHE A 1 163 ? -0.084  -10.565 -12.320 1.00 27.58 ? 127 PHE A CZ  1 
ATOM   910  N  N   . PRO A 1 164 ? 7.240   -10.112 -12.885 1.00 24.69 ? 128 PRO A N   1 
ATOM   911  C  CA  . PRO A 1 164 ? 8.631   -9.642  -12.847 1.00 24.97 ? 128 PRO A CA  1 
ATOM   912  C  C   . PRO A 1 164 ? 8.747   -8.134  -12.625 1.00 24.85 ? 128 PRO A C   1 
ATOM   913  O  O   . PRO A 1 164 ? 7.781   -7.388  -12.833 1.00 25.37 ? 128 PRO A O   1 
ATOM   914  C  CB  . PRO A 1 164 ? 9.180   -10.041 -14.227 1.00 24.34 ? 128 PRO A CB  1 
ATOM   915  C  CG  . PRO A 1 164 ? 8.256   -11.112 -14.696 1.00 26.35 ? 128 PRO A CG  1 
ATOM   916  C  CD  . PRO A 1 164 ? 6.911   -10.642 -14.214 1.00 24.11 ? 128 PRO A CD  1 
ATOM   917  N  N   . ASP A 1 165 ? 9.942   -7.695  -12.237 1.00 24.23 ? 129 ASP A N   1 
ATOM   918  C  CA  . ASP A 1 165 ? 10.206  -6.289  -12.010 1.00 24.88 ? 129 ASP A CA  1 
ATOM   919  C  C   . ASP A 1 165 ? 9.927   -5.469  -13.253 1.00 25.20 ? 129 ASP A C   1 
ATOM   920  O  O   . ASP A 1 165 ? 9.972   -5.979  -14.373 1.00 26.24 ? 129 ASP A O   1 
ATOM   921  C  CB  . ASP A 1 165 ? 11.663  -6.072  -11.644 1.00 26.86 ? 129 ASP A CB  1 
ATOM   922  C  CG  . ASP A 1 165 ? 12.077  -6.838  -10.415 1.00 28.16 ? 129 ASP A CG  1 
ATOM   923  O  OD1 . ASP A 1 165 ? 11.194  -7.423  -9.745  1.00 28.51 ? 129 ASP A OD1 1 
ATOM   924  O  OD2 . ASP A 1 165 ? 13.292  -6.843  -10.114 1.00 29.20 ? 129 ASP A OD2 1 
ATOM   925  N  N   . ASN A 1 166 ? 9.661   -4.186  -13.046 1.00 25.25 ? 130 ASN A N   1 
ATOM   926  C  CA  . ASN A 1 166 ? 9.421   -3.233  -14.129 1.00 26.09 ? 130 ASN A CA  1 
ATOM   927  C  C   . ASN A 1 166 ? 8.311   -3.612  -15.100 1.00 25.76 ? 130 ASN A C   1 
ATOM   928  O  O   . ASN A 1 166 ? 8.410   -3.330  -16.286 1.00 26.18 ? 130 ASN A O   1 
ATOM   929  C  CB  . ASN A 1 166 ? 10.706  -3.013  -14.932 1.00 28.53 ? 130 ASN A CB  1 
ATOM   930  C  CG  . ASN A 1 166 ? 11.928  -2.861  -14.049 1.00 29.81 ? 130 ASN A CG  1 
ATOM   931  O  OD1 . ASN A 1 166 ? 11.934  -2.084  -13.096 1.00 32.08 ? 130 ASN A OD1 1 
ATOM   932  N  ND2 . ASN A 1 166 ? 12.968  -3.607  -14.361 1.00 31.32 ? 130 ASN A ND2 1 
ATOM   933  N  N   . SER A 1 167 ? 7.251   -4.232  -14.605 1.00 24.98 ? 131 SER A N   1 
ATOM   934  C  CA  . SER A 1 167 ? 6.146   -4.625  -15.480 1.00 24.96 ? 131 SER A CA  1 
ATOM   935  C  C   . SER A 1 167 ? 4.929   -3.731  -15.378 1.00 24.50 ? 131 SER A C   1 
ATOM   936  O  O   . SER A 1 167 ? 4.556   -3.263  -14.285 1.00 24.60 ? 131 SER A O   1 
ATOM   937  C  CB  . SER A 1 167 ? 5.677   -6.046  -15.158 1.00 24.98 ? 131 SER A CB  1 
ATOM   938  O  OG  . SER A 1 167 ? 6.691   -6.997  -15.380 1.00 28.17 ? 131 SER A OG  1 
ATOM   939  N  N   . LEU A 1 168 ? 4.290   -3.501  -16.512 1.00 22.96 ? 132 LEU A N   1 
ATOM   940  C  CA  . LEU A 1 168 ? 3.058   -2.746  -16.548 1.00 22.43 ? 132 LEU A CA  1 
ATOM   941  C  C   . LEU A 1 168 ? 1.998   -3.851  -16.544 1.00 23.38 ? 132 LEU A C   1 
ATOM   942  O  O   . LEU A 1 168 ? 1.882   -4.617  -17.514 1.00 24.21 ? 132 LEU A O   1 
ATOM   943  C  CB  . LEU A 1 168 ? 2.954   -1.924  -17.828 1.00 22.20 ? 132 LEU A CB  1 
ATOM   944  C  CG  . LEU A 1 168 ? 1.582   -1.302  -18.093 1.00 22.94 ? 132 LEU A CG  1 
ATOM   945  C  CD1 . LEU A 1 168 ? 1.158   -0.369  -16.948 1.00 19.24 ? 132 LEU A CD1 1 
ATOM   946  C  CD2 . LEU A 1 168 ? 1.642   -0.552  -19.401 1.00 23.51 ? 132 LEU A CD2 1 
ATOM   947  N  N   . ILE A 1 169 ? 1.252   -3.951  -15.448 1.00 22.54 ? 133 ILE A N   1 
ATOM   948  C  CA  . ILE A 1 169 ? 0.234   -4.987  -15.285 1.00 21.93 ? 133 ILE A CA  1 
ATOM   949  C  C   . ILE A 1 169 ? -1.170  -4.418  -15.382 1.00 22.98 ? 133 ILE A C   1 
ATOM   950  O  O   . ILE A 1 169 ? -1.573  -3.611  -14.546 1.00 22.40 ? 133 ILE A O   1 
ATOM   951  C  CB  . ILE A 1 169 ? 0.429   -5.690  -13.934 1.00 21.30 ? 133 ILE A CB  1 
ATOM   952  C  CG1 . ILE A 1 169 ? 1.870   -6.201  -13.849 1.00 20.06 ? 133 ILE A CG1 1 
ATOM   953  C  CG2 . ILE A 1 169 ? -0.571  -6.802  -13.764 1.00 20.75 ? 133 ILE A CG2 1 
ATOM   954  C  CD1 . ILE A 1 169 ? 2.422   -6.332  -12.433 1.00 19.03 ? 133 ILE A CD1 1 
ATOM   955  N  N   . LEU A 1 170 ? -1.915  -4.866  -16.389 1.00 23.00 ? 134 LEU A N   1 
ATOM   956  C  CA  . LEU A 1 170 ? -3.269  -4.385  -16.633 1.00 24.96 ? 134 LEU A CA  1 
ATOM   957  C  C   . LEU A 1 170 ? -4.279  -5.506  -16.895 1.00 25.43 ? 134 LEU A C   1 
ATOM   958  O  O   . LEU A 1 170 ? -3.925  -6.579  -17.382 1.00 26.75 ? 134 LEU A O   1 
ATOM   959  C  CB  . LEU A 1 170 ? -3.263  -3.449  -17.863 1.00 25.39 ? 134 LEU A CB  1 
ATOM   960  C  CG  . LEU A 1 170 ? -2.237  -2.316  -17.945 1.00 27.43 ? 134 LEU A CG  1 
ATOM   961  C  CD1 . LEU A 1 170 ? -2.344  -1.643  -19.331 1.00 26.03 ? 134 LEU A CD1 1 
ATOM   962  C  CD2 . LEU A 1 170 ? -2.474  -1.310  -16.832 1.00 25.53 ? 134 LEU A CD2 1 
ATOM   963  N  N   . GLY A 1 171 ? -5.543  -5.244  -16.585 1.00 26.07 ? 135 GLY A N   1 
ATOM   964  C  CA  . GLY A 1 171 ? -6.573  -6.233  -16.831 1.00 28.22 ? 135 GLY A CA  1 
ATOM   965  C  C   . GLY A 1 171 ? -7.163  -6.918  -15.616 1.00 28.93 ? 135 GLY A C   1 
ATOM   966  O  O   . GLY A 1 171 ? -6.699  -6.769  -14.486 1.00 27.36 ? 135 GLY A O   1 
ATOM   967  N  N   . ALA A 1 172 ? -8.217  -7.676  -15.858 1.00 30.36 ? 136 ALA A N   1 
ATOM   968  C  CA  . ALA A 1 172 ? -8.881  -8.398  -14.789 1.00 32.22 ? 136 ALA A CA  1 
ATOM   969  C  C   . ALA A 1 172 ? -9.463  -9.667  -15.388 1.00 33.71 ? 136 ALA A C   1 
ATOM   970  O  O   . ALA A 1 172 ? -10.524 -9.627  -16.004 1.00 35.27 ? 136 ALA A O   1 
ATOM   971  C  CB  . ALA A 1 172 ? -9.980  -7.541  -14.202 1.00 30.82 ? 136 ALA A CB  1 
ATOM   972  N  N   . PRO A 1 173 ? -8.775  -10.807 -15.233 1.00 34.32 ? 137 PRO A N   1 
ATOM   973  C  CA  . PRO A 1 173 ? -7.500  -11.020 -14.542 1.00 35.00 ? 137 PRO A CA  1 
ATOM   974  C  C   . PRO A 1 173 ? -6.380  -10.267 -15.235 1.00 35.14 ? 137 PRO A C   1 
ATOM   975  O  O   . PRO A 1 173 ? -6.299  -10.262 -16.460 1.00 36.15 ? 137 PRO A O   1 
ATOM   976  C  CB  . PRO A 1 173 ? -7.316  -12.536 -14.616 1.00 34.76 ? 137 PRO A CB  1 
ATOM   977  C  CG  . PRO A 1 173 ? -7.949  -12.870 -15.932 1.00 35.12 ? 137 PRO A CG  1 
ATOM   978  C  CD  . PRO A 1 173 ? -9.235  -12.061 -15.865 1.00 35.65 ? 137 PRO A CD  1 
ATOM   979  N  N   . ALA A 1 174 ? -5.526  -9.636  -14.441 1.00 35.04 ? 138 ALA A N   1 
ATOM   980  C  CA  . ALA A 1 174 ? -4.419  -8.837  -14.964 1.00 34.74 ? 138 ALA A CA  1 
ATOM   981  C  C   . ALA A 1 174 ? -3.263  -9.663  -15.503 1.00 34.41 ? 138 ALA A C   1 
ATOM   982  O  O   . ALA A 1 174 ? -3.104  -10.827 -15.153 1.00 34.43 ? 138 ALA A O   1 
ATOM   983  C  CB  . ALA A 1 174 ? -3.909  -7.900  -13.878 1.00 34.64 ? 138 ALA A CB  1 
ATOM   984  N  N   . LYS A 1 175 ? -2.463  -9.030  -16.362 1.00 34.26 ? 139 LYS A N   1 
ATOM   985  C  CA  . LYS A 1 175 ? -1.277  -9.652  -16.935 1.00 33.37 ? 139 LYS A CA  1 
ATOM   986  C  C   . LYS A 1 175 ? -0.295  -8.582  -17.382 1.00 31.72 ? 139 LYS A C   1 
ATOM   987  O  O   . LYS A 1 175 ? -0.647  -7.416  -17.539 1.00 31.15 ? 139 LYS A O   1 
ATOM   988  C  CB  . LYS A 1 175 ? -1.641  -10.531 -18.131 1.00 35.04 ? 139 LYS A CB  1 
ATOM   989  C  CG  . LYS A 1 175 ? -2.311  -9.777  -19.268 1.00 38.48 ? 139 LYS A CG  1 
ATOM   990  C  CD  . LYS A 1 175 ? -2.592  -10.713 -20.442 1.00 42.01 ? 139 LYS A CD  1 
ATOM   991  C  CE  . LYS A 1 175 ? -3.592  -10.111 -21.418 1.00 44.28 ? 139 LYS A CE  1 
ATOM   992  N  NZ  . LYS A 1 175 ? -5.016  -10.246 -20.944 1.00 45.32 ? 139 LYS A NZ  1 
ATOM   993  N  N   . VAL A 1 176 ? 0.942   -9.000  -17.591 1.00 31.40 ? 140 VAL A N   1 
ATOM   994  C  CA  . VAL A 1 176 ? 2.012   -8.119  -18.029 1.00 32.36 ? 140 VAL A CA  1 
ATOM   995  C  C   . VAL A 1 176 ? 1.792   -7.731  -19.480 1.00 32.85 ? 140 VAL A C   1 
ATOM   996  O  O   . VAL A 1 176 ? 1.802   -8.596  -20.359 1.00 34.31 ? 140 VAL A O   1 
ATOM   997  C  CB  . VAL A 1 176 ? 3.373   -8.818  -17.932 1.00 30.93 ? 140 VAL A CB  1 
ATOM   998  C  CG1 . VAL A 1 176 ? 4.476   -7.875  -18.376 1.00 31.18 ? 140 VAL A CG1 1 
ATOM   999  C  CG2 . VAL A 1 176 ? 3.602   -9.300  -16.529 1.00 30.53 ? 140 VAL A CG2 1 
ATOM   1000 N  N   . VAL A 1 177 ? 1.592   -6.442  -19.739 1.00 32.66 ? 141 VAL A N   1 
ATOM   1001 C  CA  . VAL A 1 177 ? 1.376   -5.982  -21.092 1.00 33.09 ? 141 VAL A CA  1 
ATOM   1002 C  C   . VAL A 1 177 ? 2.694   -5.551  -21.726 1.00 33.49 ? 141 VAL A C   1 
ATOM   1003 O  O   . VAL A 1 177 ? 2.854   -5.631  -22.939 1.00 33.41 ? 141 VAL A O   1 
ATOM   1004 C  CB  . VAL A 1 177 ? 0.367   -4.817  -21.150 1.00 33.33 ? 141 VAL A CB  1 
ATOM   1005 C  CG1 . VAL A 1 177 ? -0.965  -5.274  -20.590 1.00 35.19 ? 141 VAL A CG1 1 
ATOM   1006 C  CG2 . VAL A 1 177 ? 0.884   -3.635  -20.374 1.00 36.22 ? 141 VAL A CG2 1 
ATOM   1007 N  N   . ARG A 1 178 ? 3.630   -5.095  -20.907 1.00 32.76 ? 142 ARG A N   1 
ATOM   1008 C  CA  . ARG A 1 178 ? 4.938   -4.680  -21.408 1.00 32.56 ? 142 ARG A CA  1 
ATOM   1009 C  C   . ARG A 1 178 ? 5.830   -4.193  -20.283 1.00 33.03 ? 142 ARG A C   1 
ATOM   1010 O  O   . ARG A 1 178 ? 5.373   -3.989  -19.154 1.00 33.09 ? 142 ARG A O   1 
ATOM   1011 C  CB  . ARG A 1 178 ? 4.798   -3.559  -22.444 1.00 31.93 ? 142 ARG A CB  1 
ATOM   1012 C  CG  . ARG A 1 178 ? 4.351   -2.230  -21.875 1.00 32.01 ? 142 ARG A CG  1 
ATOM   1013 C  CD  . ARG A 1 178 ? 4.365   -1.146  -22.953 1.00 33.92 ? 142 ARG A CD  1 
ATOM   1014 N  NE  . ARG A 1 178 ? 3.763   0.110   -22.501 1.00 35.79 ? 142 ARG A NE  1 
ATOM   1015 C  CZ  . ARG A 1 178 ? 4.295   0.922   -21.593 1.00 37.62 ? 142 ARG A CZ  1 
ATOM   1016 N  NH1 . ARG A 1 178 ? 5.462   0.624   -21.021 1.00 37.83 ? 142 ARG A NH1 1 
ATOM   1017 N  NH2 . ARG A 1 178 ? 3.661   2.043   -21.254 1.00 37.83 ? 142 ARG A NH2 1 
ATOM   1018 N  N   . THR A 1 179 ? 7.109   -4.008  -20.581 1.00 30.86 ? 143 THR A N   1 
ATOM   1019 C  CA  . THR A 1 179 ? 8.028   -3.520  -19.577 1.00 31.76 ? 143 THR A CA  1 
ATOM   1020 C  C   . THR A 1 179 ? 7.918   -1.991  -19.515 1.00 30.38 ? 143 THR A C   1 
ATOM   1021 O  O   . THR A 1 179 ? 7.706   -1.347  -20.527 1.00 29.46 ? 143 THR A O   1 
ATOM   1022 C  CB  . THR A 1 179 ? 9.479   -3.910  -19.929 1.00 32.82 ? 143 THR A CB  1 
ATOM   1023 O  OG1 . THR A 1 179 ? 9.555   -5.323  -20.128 1.00 35.16 ? 143 THR A OG1 1 
ATOM   1024 C  CG2 . THR A 1 179 ? 10.405  -3.529  -18.807 1.00 34.14 ? 143 THR A CG2 1 
ATOM   1025 N  N   . LEU A 1 180 ? 8.044   -1.419  -18.322 1.00 29.42 ? 144 LEU A N   1 
ATOM   1026 C  CA  . LEU A 1 180 ? 7.967   0.034   -18.166 1.00 28.36 ? 144 LEU A CA  1 
ATOM   1027 C  C   . LEU A 1 180 ? 9.285   0.661   -18.601 1.00 29.71 ? 144 LEU A C   1 
ATOM   1028 O  O   . LEU A 1 180 ? 10.332  0.015   -18.561 1.00 30.49 ? 144 LEU A O   1 
ATOM   1029 C  CB  . LEU A 1 180 ? 7.705   0.402   -16.696 1.00 27.71 ? 144 LEU A CB  1 
ATOM   1030 C  CG  . LEU A 1 180 ? 6.366   -0.085  -16.126 1.00 27.00 ? 144 LEU A CG  1 
ATOM   1031 C  CD1 . LEU A 1 180 ? 6.340   0.033   -14.618 1.00 25.77 ? 144 LEU A CD1 1 
ATOM   1032 C  CD2 . LEU A 1 180 ? 5.259   0.729   -16.747 1.00 26.37 ? 144 LEU A CD2 1 
ATOM   1033 N  N   . SER A 1 181 ? 9.234   1.922   -19.016 1.00 30.01 ? 145 SER A N   1 
ATOM   1034 C  CA  . SER A 1 181 ? 10.425  2.647   -19.433 1.00 30.54 ? 145 SER A CA  1 
ATOM   1035 C  C   . SER A 1 181 ? 10.989  3.349   -18.209 1.00 31.08 ? 145 SER A C   1 
ATOM   1036 O  O   . SER A 1 181 ? 10.349  3.381   -17.160 1.00 30.29 ? 145 SER A O   1 
ATOM   1037 C  CB  . SER A 1 181 ? 10.074  3.693   -20.472 1.00 29.56 ? 145 SER A CB  1 
ATOM   1038 O  OG  . SER A 1 181 ? 9.200   4.660   -19.912 1.00 31.41 ? 145 SER A OG  1 
ATOM   1039 N  N   . ASP A 1 182 ? 12.176  3.926   -18.350 1.00 32.83 ? 146 ASP A N   1 
ATOM   1040 C  CA  . ASP A 1 182 ? 12.811  4.640   -17.250 1.00 32.72 ? 146 ASP A CA  1 
ATOM   1041 C  C   . ASP A 1 182 ? 11.905  5.777   -16.854 1.00 31.21 ? 146 ASP A C   1 
ATOM   1042 O  O   . ASP A 1 182 ? 11.758  6.082   -15.673 1.00 31.63 ? 146 ASP A O   1 
ATOM   1043 C  CB  . ASP A 1 182 ? 14.165  5.222   -17.666 1.00 35.71 ? 146 ASP A CB  1 
ATOM   1044 C  CG  . ASP A 1 182 ? 15.166  4.159   -18.062 1.00 38.54 ? 146 ASP A CG  1 
ATOM   1045 O  OD1 . ASP A 1 182 ? 15.355  3.190   -17.302 1.00 39.19 ? 146 ASP A OD1 1 
ATOM   1046 O  OD2 . ASP A 1 182 ? 15.783  4.308   -19.144 1.00 43.94 ? 146 ASP A OD2 1 
ATOM   1047 N  N   . GLU A 1 183 ? 11.290  6.406   -17.844 1.00 29.88 ? 147 GLU A N   1 
ATOM   1048 C  CA  . GLU A 1 183 ? 10.395  7.518   -17.569 1.00 29.55 ? 147 GLU A CA  1 
ATOM   1049 C  C   . GLU A 1 183 ? 9.193   7.058   -16.747 1.00 29.17 ? 147 GLU A C   1 
ATOM   1050 O  O   . GLU A 1 183 ? 8.861   7.676   -15.730 1.00 29.64 ? 147 GLU A O   1 
ATOM   1051 C  CB  . GLU A 1 183 ? 9.904   8.141   -18.867 1.00 29.27 ? 147 GLU A CB  1 
ATOM   1052 C  CG  . GLU A 1 183 ? 9.120   9.411   -18.671 1.00 30.58 ? 147 GLU A CG  1 
ATOM   1053 C  CD  . GLU A 1 183 ? 8.646   9.968   -19.983 1.00 32.14 ? 147 GLU A CD  1 
ATOM   1054 O  OE1 . GLU A 1 183 ? 9.365   9.798   -20.977 1.00 34.43 ? 147 GLU A OE1 1 
ATOM   1055 O  OE2 . GLU A 1 183 ? 7.562   10.583  -20.025 1.00 33.67 ? 147 GLU A OE2 1 
ATOM   1056 N  N   . ASP A 1 184 ? 8.538   5.988   -17.196 1.00 27.77 ? 148 ASP A N   1 
ATOM   1057 C  CA  . ASP A 1 184 ? 7.372   5.479   -16.475 1.00 27.95 ? 148 ASP A CA  1 
ATOM   1058 C  C   . ASP A 1 184 ? 7.735   5.284   -15.009 1.00 26.77 ? 148 ASP A C   1 
ATOM   1059 O  O   . ASP A 1 184 ? 7.036   5.760   -14.118 1.00 26.85 ? 148 ASP A O   1 
ATOM   1060 C  CB  . ASP A 1 184 ? 6.893   4.134   -17.041 1.00 27.92 ? 148 ASP A CB  1 
ATOM   1061 C  CG  . ASP A 1 184 ? 6.412   4.228   -18.489 1.00 29.76 ? 148 ASP A CG  1 
ATOM   1062 O  OD1 . ASP A 1 184 ? 5.734   5.211   -18.851 1.00 31.87 ? 148 ASP A OD1 1 
ATOM   1063 O  OD2 . ASP A 1 184 ? 6.697   3.300   -19.267 1.00 30.88 ? 148 ASP A OD2 1 
ATOM   1064 N  N   . ILE A 1 185 ? 8.842   4.581   -14.778 1.00 25.67 ? 149 ILE A N   1 
ATOM   1065 C  CA  . ILE A 1 185 ? 9.294   4.295   -13.426 1.00 25.84 ? 149 ILE A CA  1 
ATOM   1066 C  C   . ILE A 1 185 ? 9.611   5.558   -12.658 1.00 25.61 ? 149 ILE A C   1 
ATOM   1067 O  O   . ILE A 1 185 ? 9.227   5.703   -11.485 1.00 26.71 ? 149 ILE A O   1 
ATOM   1068 C  CB  . ILE A 1 185 ? 10.532  3.369   -13.457 1.00 25.33 ? 149 ILE A CB  1 
ATOM   1069 C  CG1 . ILE A 1 185 ? 10.120  2.031   -14.076 1.00 23.60 ? 149 ILE A CG1 1 
ATOM   1070 C  CG2 . ILE A 1 185 ? 11.080  3.164   -12.050 1.00 22.42 ? 149 ILE A CG2 1 
ATOM   1071 C  CD1 . ILE A 1 185 ? 11.246  1.042   -14.264 1.00 25.32 ? 149 ILE A CD1 1 
ATOM   1072 N  N   . ALA A 1 186 ? 10.301  6.483   -13.314 1.00 24.87 ? 150 ALA A N   1 
ATOM   1073 C  CA  . ALA A 1 186 ? 10.644  7.728   -12.661 1.00 24.10 ? 150 ALA A CA  1 
ATOM   1074 C  C   . ALA A 1 186 ? 9.384   8.522   -12.294 1.00 23.04 ? 150 ALA A C   1 
ATOM   1075 O  O   . ALA A 1 186 ? 9.332   9.144   -11.232 1.00 23.28 ? 150 ALA A O   1 
ATOM   1076 C  CB  . ALA A 1 186 ? 11.564  8.558   -13.543 1.00 25.49 ? 150 ALA A CB  1 
ATOM   1077 N  N   . ARG A 1 187 ? 8.358   8.508   -13.137 1.00 21.94 ? 151 ARG A N   1 
ATOM   1078 C  CA  . ARG A 1 187 ? 7.145   9.254   -12.789 1.00 23.79 ? 151 ARG A CA  1 
ATOM   1079 C  C   . ARG A 1 187 ? 6.407   8.590   -11.620 1.00 23.18 ? 151 ARG A C   1 
ATOM   1080 O  O   . ARG A 1 187 ? 5.829   9.261   -10.781 1.00 22.36 ? 151 ARG A O   1 
ATOM   1081 C  CB  . ARG A 1 187 ? 6.214   9.391   -13.983 1.00 26.56 ? 151 ARG A CB  1 
ATOM   1082 C  CG  . ARG A 1 187 ? 6.756   10.340  -15.046 1.00 32.39 ? 151 ARG A CG  1 
ATOM   1083 C  CD  . ARG A 1 187 ? 5.831   10.453  -16.254 1.00 35.91 ? 151 ARG A CD  1 
ATOM   1084 N  NE  . ARG A 1 187 ? 6.384   11.369  -17.251 1.00 41.16 ? 151 ARG A NE  1 
ATOM   1085 C  CZ  . ARG A 1 187 ? 6.564   12.677  -17.056 1.00 42.97 ? 151 ARG A CZ  1 
ATOM   1086 N  NH1 . ARG A 1 187 ? 6.229   13.234  -15.896 1.00 43.84 ? 151 ARG A NH1 1 
ATOM   1087 N  NH2 . ARG A 1 187 ? 7.088   13.428  -18.017 1.00 43.66 ? 151 ARG A NH2 1 
ATOM   1088 N  N   . MET A 1 188 ? 6.432   7.269   -11.580 1.00 21.79 ? 152 MET A N   1 
ATOM   1089 C  CA  . MET A 1 188 ? 5.780   6.544   -10.494 1.00 21.74 ? 152 MET A CA  1 
ATOM   1090 C  C   . MET A 1 188 ? 6.424   6.961   -9.183  1.00 21.18 ? 152 MET A C   1 
ATOM   1091 O  O   . MET A 1 188 ? 5.730   7.301   -8.226  1.00 20.00 ? 152 MET A O   1 
ATOM   1092 C  CB  . MET A 1 188 ? 5.963   5.039   -10.664 1.00 21.23 ? 152 MET A CB  1 
ATOM   1093 C  CG  . MET A 1 188 ? 5.240   4.471   -11.855 1.00 25.48 ? 152 MET A CG  1 
ATOM   1094 S  SD  . MET A 1 188 ? 5.800   2.817   -12.314 1.00 33.91 ? 152 MET A SD  1 
ATOM   1095 C  CE  . MET A 1 188 ? 5.605   1.966   -10.779 1.00 26.18 ? 152 MET A CE  1 
ATOM   1096 N  N   . HIS A 1 189 ? 7.761   6.950   -9.160  1.00 19.78 ? 153 HIS A N   1 
ATOM   1097 C  CA  . HIS A 1 189 ? 8.518   7.286   -7.961  1.00 18.87 ? 153 HIS A CA  1 
ATOM   1098 C  C   . HIS A 1 189 ? 8.320   8.733   -7.531  1.00 19.88 ? 153 HIS A C   1 
ATOM   1099 O  O   . HIS A 1 189 ? 8.305   9.044   -6.340  1.00 18.70 ? 153 HIS A O   1 
ATOM   1100 C  CB  . HIS A 1 189 ? 9.997   6.968   -8.175  1.00 18.10 ? 153 HIS A CB  1 
ATOM   1101 C  CG  . HIS A 1 189 ? 10.260  5.505   -8.377  1.00 20.95 ? 153 HIS A CG  1 
ATOM   1102 N  ND1 . HIS A 1 189 ? 11.504  5.004   -8.696  1.00 19.85 ? 153 HIS A ND1 1 
ATOM   1103 C  CD2 . HIS A 1 189 ? 9.429   4.431   -8.279  1.00 18.78 ? 153 HIS A CD2 1 
ATOM   1104 C  CE1 . HIS A 1 189 ? 11.435  3.689   -8.786  1.00 22.08 ? 153 HIS A CE1 1 
ATOM   1105 N  NE2 . HIS A 1 189 ? 10.184  3.315   -8.539  1.00 22.58 ? 153 HIS A NE2 1 
ATOM   1106 N  N   . MET A 1 190 ? 8.161   9.605   -8.519  1.00 20.73 ? 154 MET A N   1 
ATOM   1107 C  CA  . MET A 1 190 ? 7.943   11.015  -8.276  1.00 22.77 ? 154 MET A CA  1 
ATOM   1108 C  C   . MET A 1 190 ? 6.625   11.147  -7.503  1.00 20.49 ? 154 MET A C   1 
ATOM   1109 O  O   . MET A 1 190 ? 6.551   11.855  -6.523  1.00 18.13 ? 154 MET A O   1 
ATOM   1110 C  CB  . MET A 1 190 ? 7.880   11.750  -9.611  1.00 27.59 ? 154 MET A CB  1 
ATOM   1111 C  CG  . MET A 1 190 ? 7.836   13.248  -9.529  1.00 35.66 ? 154 MET A CG  1 
ATOM   1112 S  SD  . MET A 1 190 ? 8.000   13.924  -11.232 1.00 46.85 ? 154 MET A SD  1 
ATOM   1113 C  CE  . MET A 1 190 ? 6.297   13.631  -11.885 1.00 43.84 ? 154 MET A CE  1 
ATOM   1114 N  N   . ASN A 1 191 ? 5.596   10.435  -7.945  1.00 20.25 ? 155 ASN A N   1 
ATOM   1115 C  CA  . ASN A 1 191 ? 4.299   10.474  -7.247  1.00 20.88 ? 155 ASN A CA  1 
ATOM   1116 C  C   . ASN A 1 191 ? 4.471   9.994   -5.799  1.00 18.66 ? 155 ASN A C   1 
ATOM   1117 O  O   . ASN A 1 191 ? 4.049   10.658  -4.855  1.00 20.94 ? 155 ASN A O   1 
ATOM   1118 C  CB  . ASN A 1 191 ? 3.284   9.581   -7.972  1.00 19.26 ? 155 ASN A CB  1 
ATOM   1119 C  CG  . ASN A 1 191 ? 1.905   9.638   -7.347  1.00 23.75 ? 155 ASN A CG  1 
ATOM   1120 O  OD1 . ASN A 1 191 ? 1.214   10.656  -7.432  1.00 25.38 ? 155 ASN A OD1 1 
ATOM   1121 N  ND2 . ASN A 1 191 ? 1.501   8.553   -6.702  1.00 18.74 ? 155 ASN A ND2 1 
ATOM   1122 N  N   . THR A 1 192 ? 5.108   8.849   -5.621  1.00 18.71 ? 156 THR A N   1 
ATOM   1123 C  CA  . THR A 1 192 ? 5.313   8.300   -4.283  1.00 18.47 ? 156 THR A CA  1 
ATOM   1124 C  C   . THR A 1 192 ? 6.110   9.233   -3.392  1.00 19.92 ? 156 THR A C   1 
ATOM   1125 O  O   . THR A 1 192 ? 5.779   9.419   -2.208  1.00 20.20 ? 156 THR A O   1 
ATOM   1126 C  CB  . THR A 1 192 ? 6.041   6.950   -4.350  1.00 18.32 ? 156 THR A CB  1 
ATOM   1127 O  OG1 . THR A 1 192 ? 5.325   6.085   -5.238  1.00 16.50 ? 156 THR A OG1 1 
ATOM   1128 C  CG2 . THR A 1 192 ? 6.130   6.315   -2.945  1.00 15.29 ? 156 THR A CG2 1 
ATOM   1129 N  N   . LYS A 1 193 ? 7.159   9.828   -3.947  1.00 20.53 ? 157 LYS A N   1 
ATOM   1130 C  CA  . LYS A 1 193 ? 7.963   10.747  -3.160  1.00 22.29 ? 157 LYS A CA  1 
ATOM   1131 C  C   . LYS A 1 193 ? 7.133   11.976  -2.821  1.00 21.03 ? 157 LYS A C   1 
ATOM   1132 O  O   . LYS A 1 193 ? 7.234   12.529  -1.729  1.00 21.05 ? 157 LYS A O   1 
ATOM   1133 C  CB  . LYS A 1 193 ? 9.239   11.140  -3.914  1.00 23.46 ? 157 LYS A CB  1 
ATOM   1134 C  CG  . LYS A 1 193 ? 10.304  10.030  -3.877  1.00 29.73 ? 157 LYS A CG  1 
ATOM   1135 C  CD  . LYS A 1 193 ? 11.599  10.475  -4.535  1.00 34.77 ? 157 LYS A CD  1 
ATOM   1136 C  CE  . LYS A 1 193 ? 12.644  9.368   -4.568  1.00 38.03 ? 157 LYS A CE  1 
ATOM   1137 N  NZ  . LYS A 1 193 ? 13.952  9.877   -5.107  1.00 42.22 ? 157 LYS A NZ  1 
ATOM   1138 N  N   . SER A 1 194 ? 6.292   12.397  -3.748  1.00 20.94 ? 158 SER A N   1 
ATOM   1139 C  CA  . SER A 1 194 ? 5.449   13.558  -3.499  1.00 22.39 ? 158 SER A CA  1 
ATOM   1140 C  C   . SER A 1 194 ? 4.554   13.286  -2.282  1.00 22.08 ? 158 SER A C   1 
ATOM   1141 O  O   . SER A 1 194 ? 4.313   14.161  -1.464  1.00 23.26 ? 158 SER A O   1 
ATOM   1142 C  CB  . SER A 1 194 ? 4.569   13.844  -4.708  1.00 23.68 ? 158 SER A CB  1 
ATOM   1143 O  OG  . SER A 1 194 ? 3.874   15.059  -4.512  1.00 26.26 ? 158 SER A OG  1 
ATOM   1144 N  N   . TYR A 1 195 ? 4.052   12.062  -2.177  1.00 22.25 ? 159 TYR A N   1 
ATOM   1145 C  CA  . TYR A 1 195 ? 3.207   11.707  -1.046  1.00 19.88 ? 159 TYR A CA  1 
ATOM   1146 C  C   . TYR A 1 195 ? 4.031   11.709  0.240   1.00 19.47 ? 159 TYR A C   1 
ATOM   1147 O  O   . TYR A 1 195 ? 3.543   12.141  1.267   1.00 17.47 ? 159 TYR A O   1 
ATOM   1148 C  CB  . TYR A 1 195 ? 2.558   10.335  -1.273  1.00 19.94 ? 159 TYR A CB  1 
ATOM   1149 C  CG  . TYR A 1 195 ? 1.145   10.446  -1.832  1.00 20.10 ? 159 TYR A CG  1 
ATOM   1150 C  CD1 . TYR A 1 195 ? 0.040   10.572  -0.969  1.00 20.11 ? 159 TYR A CD1 1 
ATOM   1151 C  CD2 . TYR A 1 195 ? 0.910   10.477  -3.207  1.00 19.28 ? 159 TYR A CD2 1 
ATOM   1152 C  CE1 . TYR A 1 195 ? -1.278  10.728  -1.487  1.00 18.50 ? 159 TYR A CE1 1 
ATOM   1153 C  CE2 . TYR A 1 195 ? -0.410  10.637  -3.734  1.00 19.11 ? 159 TYR A CE2 1 
ATOM   1154 C  CZ  . TYR A 1 195 ? -1.483  10.759  -2.858  1.00 20.74 ? 159 TYR A CZ  1 
ATOM   1155 O  OH  . TYR A 1 195 ? -2.759  10.940  -3.345  1.00 21.39 ? 159 TYR A OH  1 
ATOM   1156 N  N   . ALA A 1 196 ? 5.276   11.239  0.188   1.00 19.39 ? 160 ALA A N   1 
ATOM   1157 C  CA  . ALA A 1 196 ? 6.112   11.236  1.387   1.00 20.65 ? 160 ALA A CA  1 
ATOM   1158 C  C   . ALA A 1 196 ? 6.284   12.674  1.890   1.00 22.44 ? 160 ALA A C   1 
ATOM   1159 O  O   . ALA A 1 196 ? 6.426   12.906  3.098   1.00 20.77 ? 160 ALA A O   1 
ATOM   1160 C  CB  . ALA A 1 196 ? 7.480   10.600  1.087   1.00 19.75 ? 160 ALA A CB  1 
ATOM   1161 N  N   . MET A 1 197 ? 6.249   13.633  0.963   1.00 22.78 ? 161 MET A N   1 
ATOM   1162 C  CA  . MET A 1 197 ? 6.346   15.048  1.314   1.00 25.61 ? 161 MET A CA  1 
ATOM   1163 C  C   . MET A 1 197 ? 4.988   15.555  1.816   1.00 25.23 ? 161 MET A C   1 
ATOM   1164 O  O   . MET A 1 197 ? 4.905   16.195  2.869   1.00 25.79 ? 161 MET A O   1 
ATOM   1165 C  CB  . MET A 1 197 ? 6.756   15.885  0.096   1.00 29.65 ? 161 MET A CB  1 
ATOM   1166 C  CG  . MET A 1 197 ? 8.146   15.605  -0.442  1.00 35.69 ? 161 MET A CG  1 
ATOM   1167 S  SD  . MET A 1 197 ? 9.347   15.896  0.849   1.00 45.87 ? 161 MET A SD  1 
ATOM   1168 C  CE  . MET A 1 197 ? 9.242   17.707  1.033   1.00 43.56 ? 161 MET A CE  1 
ATOM   1169 N  N   . ARG A 1 198 ? 3.930   15.268  1.060   1.00 24.80 ? 162 ARG A N   1 
ATOM   1170 C  CA  . ARG A 1 198 ? 2.571   15.702  1.423   1.00 25.02 ? 162 ARG A CA  1 
ATOM   1171 C  C   . ARG A 1 198 ? 2.235   15.278  2.861   1.00 23.79 ? 162 ARG A C   1 
ATOM   1172 O  O   . ARG A 1 198 ? 1.516   15.983  3.587   1.00 23.07 ? 162 ARG A O   1 
ATOM   1173 C  CB  . ARG A 1 198 ? 1.557   15.103  0.439   1.00 29.63 ? 162 ARG A CB  1 
ATOM   1174 C  CG  . ARG A 1 198 ? 0.136   15.625  0.592   1.00 36.34 ? 162 ARG A CG  1 
ATOM   1175 C  CD  . ARG A 1 198 ? 0.085   17.135  0.410   1.00 44.03 ? 162 ARG A CD  1 
ATOM   1176 N  NE  . ARG A 1 198 ? 0.387   17.537  -0.960  1.00 48.84 ? 162 ARG A NE  1 
ATOM   1177 C  CZ  . ARG A 1 198 ? 0.472   18.800  -1.363  1.00 52.87 ? 162 ARG A CZ  1 
ATOM   1178 N  NH1 . ARG A 1 198 ? 0.282   19.792  -0.496  1.00 55.00 ? 162 ARG A NH1 1 
ATOM   1179 N  NH2 . ARG A 1 198 ? 0.743   19.073  -2.634  1.00 54.23 ? 162 ARG A NH2 1 
ATOM   1180 N  N   . ARG A 1 199 ? 2.771   14.124  3.248   1.00 20.07 ? 163 ARG A N   1 
ATOM   1181 C  CA  . ARG A 1 199 ? 2.619   13.553  4.587   1.00 19.92 ? 163 ARG A CA  1 
ATOM   1182 C  C   . ARG A 1 199 ? 2.957   14.611  5.662   1.00 19.39 ? 163 ARG A C   1 
ATOM   1183 O  O   . ARG A 1 199 ? 2.169   14.856  6.569   1.00 19.15 ? 163 ARG A O   1 
ATOM   1184 C  CB  . ARG A 1 199 ? 3.566   12.335  4.718   1.00 18.69 ? 163 ARG A CB  1 
ATOM   1185 C  CG  . ARG A 1 199 ? 3.822   11.801  6.137   1.00 18.57 ? 163 ARG A CG  1 
ATOM   1186 C  CD  . ARG A 1 199 ? 5.100   10.911  6.160   1.00 20.32 ? 163 ARG A CD  1 
ATOM   1187 N  NE  . ARG A 1 199 ? 6.231   11.719  5.699   1.00 21.79 ? 163 ARG A NE  1 
ATOM   1188 C  CZ  . ARG A 1 199 ? 6.908   12.579  6.458   1.00 22.91 ? 163 ARG A CZ  1 
ATOM   1189 N  NH1 . ARG A 1 199 ? 7.899   13.285  5.911   1.00 21.39 ? 163 ARG A NH1 1 
ATOM   1190 N  NH2 . ARG A 1 199 ? 6.637   12.707  7.759   1.00 18.97 ? 163 ARG A NH2 1 
ATOM   1191 N  N   . ALA A 1 200 ? 4.122   15.237  5.537   1.00 18.53 ? 164 ALA A N   1 
ATOM   1192 C  CA  . ALA A 1 200 ? 4.555   16.252  6.496   1.00 21.56 ? 164 ALA A CA  1 
ATOM   1193 C  C   . ALA A 1 200 ? 3.647   17.468  6.464   1.00 22.39 ? 164 ALA A C   1 
ATOM   1194 O  O   . ALA A 1 200 ? 3.311   18.030  7.509   1.00 25.55 ? 164 ALA A O   1 
ATOM   1195 C  CB  . ALA A 1 200 ? 6.033   16.668  6.192   1.00 21.85 ? 164 ALA A CB  1 
ATOM   1196 N  N   . TYR A 1 201 ? 3.218   17.868  5.274   1.00 23.02 ? 165 TYR A N   1 
ATOM   1197 C  CA  . TYR A 1 201 ? 2.341   19.014  5.138   1.00 22.76 ? 165 TYR A CA  1 
ATOM   1198 C  C   . TYR A 1 201 ? 1.021   18.784  5.878   1.00 22.86 ? 165 TYR A C   1 
ATOM   1199 O  O   . TYR A 1 201 ? 0.527   19.681  6.565   1.00 22.65 ? 165 TYR A O   1 
ATOM   1200 C  CB  . TYR A 1 201 ? 2.067   19.288  3.655   1.00 25.21 ? 165 TYR A CB  1 
ATOM   1201 C  CG  . TYR A 1 201 ? 1.262   20.552  3.412   1.00 27.52 ? 165 TYR A CG  1 
ATOM   1202 C  CD1 . TYR A 1 201 ? 1.582   21.742  4.064   1.00 28.03 ? 165 TYR A CD1 1 
ATOM   1203 C  CD2 . TYR A 1 201 ? 0.207   20.560  2.511   1.00 29.19 ? 165 TYR A CD2 1 
ATOM   1204 C  CE1 . TYR A 1 201 ? 0.865   22.909  3.819   1.00 31.07 ? 165 TYR A CE1 1 
ATOM   1205 C  CE2 . TYR A 1 201 ? -0.517  21.733  2.260   1.00 31.07 ? 165 TYR A CE2 1 
ATOM   1206 C  CZ  . TYR A 1 201 ? -0.177  22.895  2.919   1.00 30.10 ? 165 TYR A CZ  1 
ATOM   1207 O  OH  . TYR A 1 201 ? -0.870  24.049  2.681   1.00 31.98 ? 165 TYR A OH  1 
ATOM   1208 N  N   . PHE A 1 202 ? 0.463   17.586  5.746   1.00 21.33 ? 166 PHE A N   1 
ATOM   1209 C  CA  . PHE A 1 202 ? -0.790  17.249  6.430   1.00 22.09 ? 166 PHE A CA  1 
ATOM   1210 C  C   . PHE A 1 202 ? -0.577  17.115  7.938   1.00 23.13 ? 166 PHE A C   1 
ATOM   1211 O  O   . PHE A 1 202 ? -1.452  17.451  8.731   1.00 22.94 ? 166 PHE A O   1 
ATOM   1212 C  CB  . PHE A 1 202 ? -1.388  15.952  5.871   1.00 21.61 ? 166 PHE A CB  1 
ATOM   1213 C  CG  . PHE A 1 202 ? -2.286  16.168  4.676   1.00 21.60 ? 166 PHE A CG  1 
ATOM   1214 C  CD1 . PHE A 1 202 ? -1.765  16.548  3.455   1.00 22.59 ? 166 PHE A CD1 1 
ATOM   1215 C  CD2 . PHE A 1 202 ? -3.675  16.028  4.810   1.00 21.30 ? 166 PHE A CD2 1 
ATOM   1216 C  CE1 . PHE A 1 202 ? -2.610  16.795  2.360   1.00 23.08 ? 166 PHE A CE1 1 
ATOM   1217 C  CE2 . PHE A 1 202 ? -4.522  16.270  3.738   1.00 21.88 ? 166 PHE A CE2 1 
ATOM   1218 C  CZ  . PHE A 1 202 ? -3.999  16.655  2.511   1.00 21.99 ? 166 PHE A CZ  1 
ATOM   1219 N  N   . LYS A 1 203 ? 0.597   16.644  8.339   1.00 23.83 ? 167 LYS A N   1 
ATOM   1220 C  CA  . LYS A 1 203 ? 0.871   16.507  9.767   1.00 25.47 ? 167 LYS A CA  1 
ATOM   1221 C  C   . LYS A 1 203 ? 0.947   17.858  10.468  1.00 26.14 ? 167 LYS A C   1 
ATOM   1222 O  O   . LYS A 1 203 ? 0.533   17.988  11.618  1.00 27.03 ? 167 LYS A O   1 
ATOM   1223 C  CB  . LYS A 1 203 ? 2.174   15.729  9.994   1.00 23.12 ? 167 LYS A CB  1 
ATOM   1224 C  CG  . LYS A 1 203 ? 2.017   14.229  9.762   1.00 23.17 ? 167 LYS A CG  1 
ATOM   1225 C  CD  . LYS A 1 203 ? 3.362   13.507  9.656   1.00 20.45 ? 167 LYS A CD  1 
ATOM   1226 C  CE  . LYS A 1 203 ? 4.110   13.513  10.983  1.00 20.63 ? 167 LYS A CE  1 
ATOM   1227 N  NZ  . LYS A 1 203 ? 3.394   12.731  12.002  1.00 17.54 ? 167 LYS A NZ  1 
ATOM   1228 N  N   . GLU A 1 204 ? 1.424   18.879  9.771   1.00 27.77 ? 168 GLU A N   1 
ATOM   1229 C  CA  . GLU A 1 204 ? 1.546   20.178  10.414  1.00 30.33 ? 168 GLU A CA  1 
ATOM   1230 C  C   . GLU A 1 204 ? 0.615   21.297  10.000  1.00 31.03 ? 168 GLU A C   1 
ATOM   1231 O  O   . GLU A 1 204 ? 0.506   22.287  10.720  1.00 31.51 ? 168 GLU A O   1 
ATOM   1232 C  CB  . GLU A 1 204 ? 2.979   20.669  10.290  1.00 32.21 ? 168 GLU A CB  1 
ATOM   1233 C  CG  . GLU A 1 204 ? 3.573   20.508  8.914   1.00 36.01 ? 168 GLU A CG  1 
ATOM   1234 C  CD  . GLU A 1 204 ? 5.091   20.488  8.941   1.00 38.08 ? 168 GLU A CD  1 
ATOM   1235 O  OE1 . GLU A 1 204 ? 5.698   21.569  9.109   1.00 41.83 ? 168 GLU A OE1 1 
ATOM   1236 O  OE2 . GLU A 1 204 ? 5.680   19.396  8.804   1.00 38.72 ? 168 GLU A OE2 1 
ATOM   1237 N  N   . GLN A 1 205 ? -0.081  21.141  8.879   1.00 31.94 ? 169 GLN A N   1 
ATOM   1238 C  CA  . GLN A 1 205 ? -0.947  22.214  8.376   1.00 32.30 ? 169 GLN A CA  1 
ATOM   1239 C  C   . GLN A 1 205 ? -2.420  21.840  8.210   1.00 31.62 ? 169 GLN A C   1 
ATOM   1240 O  O   . GLN A 1 205 ? -3.218  22.630  7.692   1.00 31.84 ? 169 GLN A O   1 
ATOM   1241 C  CB  . GLN A 1 205 ? -0.393  22.712  7.032   1.00 33.93 ? 169 GLN A CB  1 
ATOM   1242 C  CG  . GLN A 1 205 ? 1.046   23.218  7.099   1.00 37.24 ? 169 GLN A CG  1 
ATOM   1243 C  CD  . GLN A 1 205 ? 1.129   24.664  7.548   1.00 39.26 ? 169 GLN A CD  1 
ATOM   1244 O  OE1 . GLN A 1 205 ? 0.202   25.177  8.178   1.00 41.62 ? 169 GLN A OE1 1 
ATOM   1245 N  NE2 . GLN A 1 205 ? 2.242   25.328  7.234   1.00 39.37 ? 169 GLN A NE2 1 
ATOM   1246 N  N   . LEU A 1 206 ? -2.775  20.634  8.627   1.00 29.88 ? 170 LEU A N   1 
ATOM   1247 C  CA  . LEU A 1 206 ? -4.155  20.174  8.533   1.00 28.94 ? 170 LEU A CA  1 
ATOM   1248 C  C   . LEU A 1 206 ? -4.826  20.502  9.866   1.00 28.83 ? 170 LEU A C   1 
ATOM   1249 O  O   . LEU A 1 206 ? -4.378  20.046  10.918  1.00 30.01 ? 170 LEU A O   1 
ATOM   1250 C  CB  . LEU A 1 206 ? -4.185  18.664  8.269   1.00 27.31 ? 170 LEU A CB  1 
ATOM   1251 C  CG  . LEU A 1 206 ? -5.559  18.017  8.067   1.00 26.59 ? 170 LEU A CG  1 
ATOM   1252 C  CD1 . LEU A 1 206 ? -6.122  18.488  6.737   1.00 23.68 ? 170 LEU A CD1 1 
ATOM   1253 C  CD2 . LEU A 1 206 ? -5.451  16.484  8.093   1.00 23.94 ? 170 LEU A CD2 1 
ATOM   1254 N  N   . VAL A 1 207 ? -5.875  21.315  9.830   1.00 28.94 ? 171 VAL A N   1 
ATOM   1255 C  CA  . VAL A 1 207 ? -6.586  21.694  11.042  1.00 30.14 ? 171 VAL A CA  1 
ATOM   1256 C  C   . VAL A 1 207 ? -8.080  21.483  10.856  1.00 32.51 ? 171 VAL A C   1 
ATOM   1257 O  O   . VAL A 1 207 ? -8.660  21.933  9.872   1.00 32.01 ? 171 VAL A O   1 
ATOM   1258 C  CB  . VAL A 1 207 ? -6.347  23.190  11.415  1.00 30.39 ? 171 VAL A CB  1 
ATOM   1259 C  CG1 . VAL A 1 207 ? -4.867  23.477  11.539  1.00 28.99 ? 171 VAL A CG1 1 
ATOM   1260 C  CG2 . VAL A 1 207 ? -6.945  24.093  10.373  1.00 30.42 ? 171 VAL A CG2 1 
ATOM   1261 N  N   . ARG A 1 208 ? -8.704  20.801  11.807  1.00 34.82 ? 172 ARG A N   1 
ATOM   1262 C  CA  . ARG A 1 208 ? -10.134 20.541  11.753  1.00 38.35 ? 172 ARG A CA  1 
ATOM   1263 C  C   . ARG A 1 208 ? -10.932 21.837  11.849  1.00 40.60 ? 172 ARG A C   1 
ATOM   1264 O  O   . ARG A 1 208 ? -10.522 22.776  12.527  1.00 42.43 ? 172 ARG A O   1 
ATOM   1265 C  CB  . ARG A 1 208 ? -10.513 19.606  12.891  1.00 39.84 ? 172 ARG A CB  1 
ATOM   1266 C  CG  . ARG A 1 208 ? -11.567 18.587  12.534  1.00 40.96 ? 172 ARG A CG  1 
ATOM   1267 C  CD  . ARG A 1 208 ? -11.265 17.300  13.269  1.00 43.54 ? 172 ARG A CD  1 
ATOM   1268 N  NE  . ARG A 1 208 ? -12.209 16.246  12.932  1.00 44.49 ? 172 ARG A NE  1 
ATOM   1269 C  CZ  . ARG A 1 208 ? -12.080 14.985  13.326  1.00 45.81 ? 172 ARG A CZ  1 
ATOM   1270 N  NH1 . ARG A 1 208 ? -11.045 14.629  14.070  1.00 47.32 ? 172 ARG A NH1 1 
ATOM   1271 N  NH2 . ARG A 1 208 ? -12.984 14.083  12.980  1.00 46.58 ? 172 ARG A NH2 1 
ATOM   1272 N  N   . ILE A 1 209 ? -12.062 21.898  11.156  1.00 42.65 ? 173 ILE A N   1 
ATOM   1273 C  CA  . ILE A 1 209 ? -12.913 23.086  11.156  1.00 44.15 ? 173 ILE A CA  1 
ATOM   1274 C  C   . ILE A 1 209 ? -14.232 22.769  11.846  1.00 45.45 ? 173 ILE A C   1 
ATOM   1275 O  O   . ILE A 1 209 ? -14.563 21.564  11.825  1.00 47.45 ? 173 ILE A O   1 
ATOM   1276 C  CB  . ILE A 1 209 ? -13.214 23.550  9.717   1.00 44.40 ? 173 ILE A CB  1 
ATOM   1277 C  CG1 . ILE A 1 209 ? -11.922 23.990  9.029   1.00 45.12 ? 173 ILE A CG1 1 
ATOM   1278 C  CG2 . ILE A 1 209 ? -14.223 24.679  9.730   1.00 46.52 ? 173 ILE A CG2 1 
ATOM   1279 C  CD1 . ILE A 1 209 ? -11.163 25.071  9.789   1.00 44.01 ? 173 ILE A CD1 1 
HETATM 1280 ZN ZN  . ZN  B 2 .   ? -10.066 -10.115 4.067   1.00 18.04 2 201 ZN  A ZN  1 
HETATM 1281 C  C1  . BME C 3 .   ? -12.973 -13.333 2.166   1.00 32.22 ? 202 BME A C1  1 
HETATM 1282 C  C2  . BME C 3 .   ? -12.971 -12.457 0.972   1.00 33.29 ? 202 BME A C2  1 
HETATM 1283 O  O1  . BME C 3 .   ? -13.320 -12.587 3.351   1.00 23.93 ? 202 BME A O1  1 
HETATM 1284 S  S2  . BME C 3 .   ? -13.312 -10.723 1.334   1.00 40.27 ? 202 BME A S2  1 
HETATM 1285 O  O   . HOH D 4 .   ? -3.810  -9.687  8.926   1.00 23.92 ? 301 HOH A O   1 
HETATM 1286 O  O   . HOH D 4 .   ? 1.478   13.631  13.021  1.00 43.43 ? 302 HOH A O   1 
HETATM 1287 O  O   . HOH D 4 .   ? -11.554 -11.482 4.555   1.00 12.57 ? 303 HOH A O   1 
HETATM 1288 O  O   . HOH D 4 .   ? -13.962 -1.798  -9.060  0.33 31.90 ? 304 HOH A O   1 
HETATM 1289 O  O   . HOH D 4 .   ? -6.781  -5.902  23.529  1.00 34.27 ? 305 HOH A O   1 
HETATM 1290 O  O   . HOH D 4 .   ? -10.325 -3.437  -9.505  1.00 22.64 ? 306 HOH A O   1 
HETATM 1291 O  O   . HOH D 4 .   ? -12.696 0.438   5.890   1.00 19.96 ? 307 HOH A O   1 
HETATM 1292 O  O   . HOH D 4 .   ? -2.586  16.518  10.840  1.00 29.90 ? 308 HOH A O   1 
HETATM 1293 O  O   . HOH D 4 .   ? 3.956   -10.749 1.651   1.00 30.27 ? 309 HOH A O   1 
HETATM 1294 O  O   . HOH D 4 .   ? 12.421  3.033   -5.109  1.00 33.03 ? 310 HOH A O   1 
HETATM 1295 O  O   . HOH D 4 .   ? 4.733   7.866   -0.241  1.00 16.32 ? 311 HOH A O   1 
HETATM 1296 O  O   . HOH D 4 .   ? -12.938 1.246   1.334   1.00 11.84 ? 312 HOH A O   1 
HETATM 1297 O  O   . HOH D 4 .   ? 1.746   -5.173  20.331  1.00 30.65 ? 313 HOH A O   1 
HETATM 1298 O  O   . HOH D 4 .   ? 6.609   4.028   -6.280  1.00 17.15 ? 314 HOH A O   1 
HETATM 1299 O  O   . HOH D 4 .   ? -6.781  16.035  13.286  1.00 47.67 ? 315 HOH A O   1 
HETATM 1300 O  O   . HOH D 4 .   ? -5.228  -11.682 15.894  1.00 31.04 ? 316 HOH A O   1 
HETATM 1301 O  O   . HOH D 4 .   ? 1.715   -13.461 1.527   1.00 24.42 ? 317 HOH A O   1 
HETATM 1302 O  O   . HOH D 4 .   ? 4.491   6.164   -14.875 1.00 29.97 ? 318 HOH A O   1 
HETATM 1303 O  O   . HOH D 4 .   ? 6.547   12.867  -21.042 1.00 31.90 ? 319 HOH A O   1 
HETATM 1304 O  O   . HOH D 4 .   ? 1.449   -5.685  16.644  1.00 35.21 ? 320 HOH A O   1 
HETATM 1305 O  O   . HOH D 4 .   ? -0.448  11.114  11.944  1.00 26.33 ? 321 HOH A O   1 
HETATM 1306 O  O   . HOH D 4 .   ? 8.382   -10.755 -8.829  1.00 35.82 ? 322 HOH A O   1 
HETATM 1307 O  O   . HOH D 4 .   ? -6.512  6.890   12.943  1.00 19.64 ? 323 HOH A O   1 
HETATM 1308 O  O   . HOH D 4 .   ? 3.628   -2.554  18.808  1.00 34.83 ? 324 HOH A O   1 
HETATM 1309 O  O   . HOH D 4 .   ? -11.180 3.304   8.051   1.00 24.32 ? 325 HOH A O   1 
HETATM 1310 O  O   . HOH D 4 .   ? -7.893  -15.763 -7.416  1.00 37.08 ? 326 HOH A O   1 
HETATM 1311 O  O   . HOH D 4 .   ? 8.755   7.531   -1.006  1.00 25.55 ? 327 HOH A O   1 
HETATM 1312 O  O   . HOH D 4 .   ? -4.287  12.596  12.218  1.00 36.61 ? 328 HOH A O   1 
HETATM 1313 O  O   . HOH D 4 .   ? 10.892  2.776   9.806   1.00 26.77 ? 329 HOH A O   1 
HETATM 1314 O  O   . HOH D 4 .   ? 2.543   -12.861 -1.673  1.00 17.29 ? 330 HOH A O   1 
HETATM 1315 O  O   . HOH D 4 .   ? 9.614   -2.720  10.103  1.00 39.76 ? 331 HOH A O   1 
HETATM 1316 O  O   . HOH D 4 .   ? 4.082   8.734   2.388   1.00 15.90 ? 332 HOH A O   1 
HETATM 1317 O  O   . HOH D 4 .   ? 11.009  -5.196  -2.915  1.00 24.10 ? 333 HOH A O   1 
HETATM 1318 O  O   . HOH D 4 .   ? -13.128 2.143   3.750   1.00 19.98 ? 334 HOH A O   1 
HETATM 1319 O  O   . HOH D 4 .   ? -6.858  13.511  10.104  1.00 18.59 ? 335 HOH A O   1 
HETATM 1320 O  O   . HOH D 4 .   ? 8.192   -8.480  -4.592  1.00 21.91 ? 336 HOH A O   1 
HETATM 1321 O  O   . HOH D 4 .   ? -3.011  -11.026 20.185  1.00 36.93 ? 337 HOH A O   1 
HETATM 1322 O  O   . HOH D 4 .   ? -12.772 5.514   10.385  1.00 29.10 ? 338 HOH A O   1 
HETATM 1323 O  O   . HOH D 4 .   ? 8.151   -3.848  3.842   1.00 31.79 ? 339 HOH A O   1 
HETATM 1324 O  O   . HOH D 4 .   ? 7.602   14.893  9.474   1.00 32.33 ? 340 HOH A O   1 
HETATM 1325 O  O   . HOH D 4 .   ? 3.938   -8.346  6.944   1.00 30.94 ? 341 HOH A O   1 
HETATM 1326 O  O   . HOH D 4 .   ? 2.349   -16.554 -11.811 1.00 27.48 ? 342 HOH A O   1 
HETATM 1327 O  O   . HOH D 4 .   ? 13.066  4.574   10.537  1.00 37.85 ? 343 HOH A O   1 
HETATM 1328 O  O   . HOH D 4 .   ? 8.126   -4.744  -23.307 1.00 36.87 ? 344 HOH A O   1 
HETATM 1329 O  O   . HOH D 4 .   ? 5.781   16.800  10.312  1.00 34.37 ? 345 HOH A O   1 
HETATM 1330 O  O   . HOH D 4 .   ? 2.542   8.954   13.780  1.00 35.81 ? 346 HOH A O   1 
HETATM 1331 O  O   . HOH D 4 .   ? 12.020  6.414   -20.784 1.00 30.00 ? 347 HOH A O   1 
HETATM 1332 O  O   . HOH D 4 .   ? 6.753   -13.255 -0.843  1.00 40.19 ? 348 HOH A O   1 
HETATM 1333 O  O   . HOH D 4 .   ? -7.537  -13.397 -1.634  1.00 18.77 ? 349 HOH A O   1 
HETATM 1334 O  O   . HOH D 4 .   ? 7.379   1.216   12.947  1.00 40.71 ? 350 HOH A O   1 
HETATM 1335 O  O   . HOH D 4 .   ? 13.920  7.692   13.798  1.00 40.85 ? 351 HOH A O   1 
HETATM 1336 O  O   . HOH D 4 .   ? -4.063  3.288   -14.717 1.00 38.38 ? 352 HOH A O   1 
HETATM 1337 O  O   . HOH D 4 .   ? 2.309   -13.196 24.105  1.00 37.09 ? 353 HOH A O   1 
HETATM 1338 O  O   . HOH D 4 .   ? -4.251  4.703   -11.141 1.00 22.41 ? 354 HOH A O   1 
HETATM 1339 O  O   . HOH D 4 .   ? 3.104   -4.851  14.788  1.00 32.16 ? 355 HOH A O   1 
HETATM 1340 O  O   . HOH D 4 .   ? 2.653   -7.234  18.555  1.00 40.02 ? 356 HOH A O   1 
HETATM 1341 O  O   . HOH D 4 .   ? -13.549 8.001   6.079   1.00 17.51 ? 357 HOH A O   1 
HETATM 1342 O  O   . HOH D 4 .   ? -5.058  14.916  11.424  1.00 32.43 ? 358 HOH A O   1 
HETATM 1343 O  O   . HOH D 4 .   ? -14.573 4.357   3.716   0.50 28.56 ? 359 HOH A O   1 
HETATM 1344 O  O   . HOH D 4 .   ? 8.739   2.519   15.238  1.00 48.16 ? 360 HOH A O   1 
HETATM 1345 O  O   . HOH D 4 .   ? -14.757 5.669   6.296   0.50 30.18 ? 361 HOH A O   1 
# 
